data_6VSK
# 
_entry.id   6VSK 
# 
_audit_conform.dict_name       mmcif_pdbx.dic 
_audit_conform.dict_version    5.380 
_audit_conform.dict_location   http://mmcif.pdb.org/dictionaries/ascii/mmcif_pdbx.dic 
# 
loop_
_database_2.database_id 
_database_2.database_code 
_database_2.pdbx_database_accession 
_database_2.pdbx_DOI 
PDB   6VSK         pdb_00006vsk 10.2210/pdb6vsk/pdb 
WWPDB D_1000246224 ?            ?                   
# 
_pdbx_database_status.status_code                     REL 
_pdbx_database_status.status_code_sf                  REL 
_pdbx_database_status.status_code_mr                  ? 
_pdbx_database_status.entry_id                        6VSK 
_pdbx_database_status.recvd_initial_deposition_date   2020-02-11 
_pdbx_database_status.SG_entry                        N 
_pdbx_database_status.deposit_site                    RCSB 
_pdbx_database_status.process_site                    RCSB 
_pdbx_database_status.status_code_cs                  ? 
_pdbx_database_status.status_code_nmr_data            ? 
_pdbx_database_status.methods_development_category    ? 
_pdbx_database_status.pdb_format_compatible           Y 
# 
loop_
_audit_author.name 
_audit_author.pdbx_ordinal 
_audit_author.identifier_ORCID 
'Tesmer, J.'   1 0000-0003-1125-3727 
'Ravala, S.K.' 2 0000-0001-5925-9998 
# 
_citation.abstract                  ? 
_citation.abstract_id_CAS           ? 
_citation.book_id_ISBN              ? 
_citation.book_publisher            ? 
_citation.book_publisher_city       ? 
_citation.book_title                ? 
_citation.coordinate_linkage        ? 
_citation.country                   US 
_citation.database_id_Medline       ? 
_citation.details                   ? 
_citation.id                        primary 
_citation.journal_abbrev            J.Biol.Chem. 
_citation.journal_id_ASTM           JBCHA3 
_citation.journal_id_CSD            0071 
_citation.journal_id_ISSN           1083-351X 
_citation.journal_full              ? 
_citation.journal_issue             ? 
_citation.journal_volume            295 
_citation.language                  ? 
_citation.page_first                12635 
_citation.page_last                 12647 
_citation.title                     
'The first DEP domain of the RhoGEF P-Rex1 autoinhibits activity and contributes to membrane binding.' 
_citation.year                      2020 
_citation.database_id_CSD           ? 
_citation.pdbx_database_id_DOI      10.1074/jbc.RA120.014534 
_citation.pdbx_database_id_PubMed   32661198 
_citation.unpublished_flag          ? 
# 
loop_
_citation_author.citation_id 
_citation_author.name 
_citation_author.ordinal 
_citation_author.identifier_ORCID 
primary 'Ravala, S.K.'   1 ?                   
primary 'Hopkins, J.B.'  2 ?                   
primary 'Plescia, C.B.'  3 ?                   
primary 'Allgood, S.R.'  4 ?                   
primary 'Kane, M.A.'     5 ?                   
primary 'Cash, J.N.'     6 0000-0002-0277-7652 
primary 'Stahelin, R.V.' 7 0000-0001-5443-7863 
primary 'Tesmer, J.J.G.' 8 0000-0003-1125-3727 
# 
_cell.angle_alpha                  90.000 
_cell.angle_alpha_esd              ? 
_cell.angle_beta                   90.000 
_cell.angle_beta_esd               ? 
_cell.angle_gamma                  120.000 
_cell.angle_gamma_esd              ? 
_cell.entry_id                     6VSK 
_cell.details                      ? 
_cell.formula_units_Z              ? 
_cell.length_a                     103.152 
_cell.length_a_esd                 ? 
_cell.length_b                     103.152 
_cell.length_b_esd                 ? 
_cell.length_c                     67.981 
_cell.length_c_esd                 ? 
_cell.volume                       ? 
_cell.volume_esd                   ? 
_cell.Z_PDB                        12 
_cell.reciprocal_angle_alpha       ? 
_cell.reciprocal_angle_beta        ? 
_cell.reciprocal_angle_gamma       ? 
_cell.reciprocal_angle_alpha_esd   ? 
_cell.reciprocal_angle_beta_esd    ? 
_cell.reciprocal_angle_gamma_esd   ? 
_cell.reciprocal_length_a          ? 
_cell.reciprocal_length_b          ? 
_cell.reciprocal_length_c          ? 
_cell.reciprocal_length_a_esd      ? 
_cell.reciprocal_length_b_esd      ? 
_cell.reciprocal_length_c_esd      ? 
_cell.pdbx_unique_axis             ? 
# 
_symmetry.entry_id                         6VSK 
_symmetry.cell_setting                     ? 
_symmetry.Int_Tables_number                182 
_symmetry.space_group_name_Hall            ? 
_symmetry.space_group_name_H-M             'P 63 2 2' 
_symmetry.pdbx_full_space_group_name_H-M   ? 
# 
loop_
_entity.id 
_entity.type 
_entity.src_method 
_entity.pdbx_description 
_entity.formula_weight 
_entity.pdbx_number_of_molecules 
_entity.pdbx_ec 
_entity.pdbx_mutation 
_entity.pdbx_fragment 
_entity.details 
1 polymer man 'Phosphatidylinositol 3,4,5-trisphosphate-dependent Rac exchanger 1 protein' 10969.662 1 ? ? 
'P-Rex1DEP1 domain (UNP residues 409-499)' ? 
2 water   nat water                                                                        18.015    4 ? ? ? ? 
# 
_entity_name_com.entity_id   1 
_entity_name_com.name        'PtdIns(3,4,5)-dependent Rac exchanger 1' 
# 
_entity_poly.entity_id                      1 
_entity_poly.type                           'polypeptide(L)' 
_entity_poly.nstd_linkage                   no 
_entity_poly.nstd_monomer                   no 
_entity_poly.pdbx_seq_one_letter_code       
;SNAIAEKGEKLYHMMMNKKVNLIKDRRRKLSTVPKCFLGNEFVAWLLEIGEISKTEEGVNLGQALLENGIIHHVSDKHQF
KNEQVMYRFRYDDG
;
_entity_poly.pdbx_seq_one_letter_code_can   
;SNAIAEKGEKLYHMMMNKKVNLIKDRRRKLSTVPKCFLGNEFVAWLLEIGEISKTEEGVNLGQALLENGIIHHVSDKHQF
KNEQVMYRFRYDDG
;
_entity_poly.pdbx_strand_id                 A 
_entity_poly.pdbx_target_identifier         ? 
# 
loop_
_entity_poly_seq.entity_id 
_entity_poly_seq.num 
_entity_poly_seq.mon_id 
_entity_poly_seq.hetero 
1 1  SER n 
1 2  ASN n 
1 3  ALA n 
1 4  ILE n 
1 5  ALA n 
1 6  GLU n 
1 7  LYS n 
1 8  GLY n 
1 9  GLU n 
1 10 LYS n 
1 11 LEU n 
1 12 TYR n 
1 13 HIS n 
1 14 MET n 
1 15 MET n 
1 16 MET n 
1 17 ASN n 
1 18 LYS n 
1 19 LYS n 
1 20 VAL n 
1 21 ASN n 
1 22 LEU n 
1 23 ILE n 
1 24 LYS n 
1 25 ASP n 
1 26 ARG n 
1 27 ARG n 
1 28 ARG n 
1 29 LYS n 
1 30 LEU n 
1 31 SER n 
1 32 THR n 
1 33 VAL n 
1 34 PRO n 
1 35 LYS n 
1 36 CYS n 
1 37 PHE n 
1 38 LEU n 
1 39 GLY n 
1 40 ASN n 
1 41 GLU n 
1 42 PHE n 
1 43 VAL n 
1 44 ALA n 
1 45 TRP n 
1 46 LEU n 
1 47 LEU n 
1 48 GLU n 
1 49 ILE n 
1 50 GLY n 
1 51 GLU n 
1 52 ILE n 
1 53 SER n 
1 54 LYS n 
1 55 THR n 
1 56 GLU n 
1 57 GLU n 
1 58 GLY n 
1 59 VAL n 
1 60 ASN n 
1 61 LEU n 
1 62 GLY n 
1 63 GLN n 
1 64 ALA n 
1 65 LEU n 
1 66 LEU n 
1 67 GLU n 
1 68 ASN n 
1 69 GLY n 
1 70 ILE n 
1 71 ILE n 
1 72 HIS n 
1 73 HIS n 
1 74 VAL n 
1 75 SER n 
1 76 ASP n 
1 77 LYS n 
1 78 HIS n 
1 79 GLN n 
1 80 PHE n 
1 81 LYS n 
1 82 ASN n 
1 83 GLU n 
1 84 GLN n 
1 85 VAL n 
1 86 MET n 
1 87 TYR n 
1 88 ARG n 
1 89 PHE n 
1 90 ARG n 
1 91 TYR n 
1 92 ASP n 
1 93 ASP n 
1 94 GLY n 
# 
_entity_src_gen.entity_id                          1 
_entity_src_gen.pdbx_src_id                        1 
_entity_src_gen.pdbx_alt_source_flag               sample 
_entity_src_gen.pdbx_seq_type                      'Biological sequence' 
_entity_src_gen.pdbx_beg_seq_num                   1 
_entity_src_gen.pdbx_end_seq_num                   94 
_entity_src_gen.gene_src_common_name               Human 
_entity_src_gen.gene_src_genus                     ? 
_entity_src_gen.pdbx_gene_src_gene                 'PREX1, KIAA1415' 
_entity_src_gen.gene_src_species                   ? 
_entity_src_gen.gene_src_strain                    ? 
_entity_src_gen.gene_src_tissue                    ? 
_entity_src_gen.gene_src_tissue_fraction           ? 
_entity_src_gen.gene_src_details                   ? 
_entity_src_gen.pdbx_gene_src_fragment             ? 
_entity_src_gen.pdbx_gene_src_scientific_name      'Homo sapiens' 
_entity_src_gen.pdbx_gene_src_ncbi_taxonomy_id     9606 
_entity_src_gen.pdbx_gene_src_variant              ? 
_entity_src_gen.pdbx_gene_src_cell_line            ? 
_entity_src_gen.pdbx_gene_src_atcc                 ? 
_entity_src_gen.pdbx_gene_src_organ                ? 
_entity_src_gen.pdbx_gene_src_organelle            ? 
_entity_src_gen.pdbx_gene_src_cell                 ? 
_entity_src_gen.pdbx_gene_src_cellular_location    ? 
_entity_src_gen.host_org_common_name               ? 
_entity_src_gen.pdbx_host_org_scientific_name      'Escherichia coli' 
_entity_src_gen.pdbx_host_org_ncbi_taxonomy_id     562 
_entity_src_gen.host_org_genus                     ? 
_entity_src_gen.pdbx_host_org_gene                 ? 
_entity_src_gen.pdbx_host_org_organ                ? 
_entity_src_gen.host_org_species                   ? 
_entity_src_gen.pdbx_host_org_tissue               ? 
_entity_src_gen.pdbx_host_org_tissue_fraction      ? 
_entity_src_gen.pdbx_host_org_strain               ? 
_entity_src_gen.pdbx_host_org_variant              ? 
_entity_src_gen.pdbx_host_org_cell_line            ? 
_entity_src_gen.pdbx_host_org_atcc                 ? 
_entity_src_gen.pdbx_host_org_culture_collection   ? 
_entity_src_gen.pdbx_host_org_cell                 ? 
_entity_src_gen.pdbx_host_org_organelle            ? 
_entity_src_gen.pdbx_host_org_cellular_location    ? 
_entity_src_gen.pdbx_host_org_vector_type          'Lic cloning vector' 
_entity_src_gen.pdbx_host_org_vector               ? 
_entity_src_gen.host_org_details                   ? 
_entity_src_gen.expression_system_id               ? 
_entity_src_gen.plasmid_name                       pMCSG9 
_entity_src_gen.plasmid_details                    ? 
_entity_src_gen.pdbx_description                   ? 
# 
_struct_ref.id                         1 
_struct_ref.db_name                    UNP 
_struct_ref.db_code                    PREX1_HUMAN 
_struct_ref.pdbx_db_accession          Q8TCU6 
_struct_ref.pdbx_db_isoform            ? 
_struct_ref.entity_id                  1 
_struct_ref.pdbx_seq_one_letter_code   
;IAEKGEKLYHMMMNKKVNLIKDRRRKLSTVPKCFLGNEFVAWLLEIGEISKTEEGVNLGQALLENGIIHHVSDKHQFKNE
QVMYRFRYDDG
;
_struct_ref.pdbx_align_begin           409 
# 
_struct_ref_seq.align_id                      1 
_struct_ref_seq.ref_id                        1 
_struct_ref_seq.pdbx_PDB_id_code              6VSK 
_struct_ref_seq.pdbx_strand_id                A 
_struct_ref_seq.seq_align_beg                 4 
_struct_ref_seq.pdbx_seq_align_beg_ins_code   ? 
_struct_ref_seq.seq_align_end                 94 
_struct_ref_seq.pdbx_seq_align_end_ins_code   ? 
_struct_ref_seq.pdbx_db_accession             Q8TCU6 
_struct_ref_seq.db_align_beg                  409 
_struct_ref_seq.pdbx_db_align_beg_ins_code    ? 
_struct_ref_seq.db_align_end                  499 
_struct_ref_seq.pdbx_db_align_end_ins_code    ? 
_struct_ref_seq.pdbx_auth_seq_align_beg       409 
_struct_ref_seq.pdbx_auth_seq_align_end       499 
# 
loop_
_struct_ref_seq_dif.align_id 
_struct_ref_seq_dif.pdbx_pdb_id_code 
_struct_ref_seq_dif.mon_id 
_struct_ref_seq_dif.pdbx_pdb_strand_id 
_struct_ref_seq_dif.seq_num 
_struct_ref_seq_dif.pdbx_pdb_ins_code 
_struct_ref_seq_dif.pdbx_seq_db_name 
_struct_ref_seq_dif.pdbx_seq_db_accession_code 
_struct_ref_seq_dif.db_mon_id 
_struct_ref_seq_dif.pdbx_seq_db_seq_num 
_struct_ref_seq_dif.details 
_struct_ref_seq_dif.pdbx_auth_seq_num 
_struct_ref_seq_dif.pdbx_ordinal 
1 6VSK SER A 1 ? UNP Q8TCU6 ? ? 'expression tag' 406 1 
1 6VSK ASN A 2 ? UNP Q8TCU6 ? ? 'expression tag' 407 2 
1 6VSK ALA A 3 ? UNP Q8TCU6 ? ? 'expression tag' 408 3 
# 
loop_
_chem_comp.id 
_chem_comp.type 
_chem_comp.mon_nstd_flag 
_chem_comp.name 
_chem_comp.pdbx_synonyms 
_chem_comp.formula 
_chem_comp.formula_weight 
ALA 'L-peptide linking' y ALANINE         ? 'C3 H7 N O2'     89.093  
ARG 'L-peptide linking' y ARGININE        ? 'C6 H15 N4 O2 1' 175.209 
ASN 'L-peptide linking' y ASPARAGINE      ? 'C4 H8 N2 O3'    132.118 
ASP 'L-peptide linking' y 'ASPARTIC ACID' ? 'C4 H7 N O4'     133.103 
CYS 'L-peptide linking' y CYSTEINE        ? 'C3 H7 N O2 S'   121.158 
GLN 'L-peptide linking' y GLUTAMINE       ? 'C5 H10 N2 O3'   146.144 
GLU 'L-peptide linking' y 'GLUTAMIC ACID' ? 'C5 H9 N O4'     147.129 
GLY 'peptide linking'   y GLYCINE         ? 'C2 H5 N O2'     75.067  
HIS 'L-peptide linking' y HISTIDINE       ? 'C6 H10 N3 O2 1' 156.162 
HOH non-polymer         . WATER           ? 'H2 O'           18.015  
ILE 'L-peptide linking' y ISOLEUCINE      ? 'C6 H13 N O2'    131.173 
LEU 'L-peptide linking' y LEUCINE         ? 'C6 H13 N O2'    131.173 
LYS 'L-peptide linking' y LYSINE          ? 'C6 H15 N2 O2 1' 147.195 
MET 'L-peptide linking' y METHIONINE      ? 'C5 H11 N O2 S'  149.211 
PHE 'L-peptide linking' y PHENYLALANINE   ? 'C9 H11 N O2'    165.189 
PRO 'L-peptide linking' y PROLINE         ? 'C5 H9 N O2'     115.130 
SER 'L-peptide linking' y SERINE          ? 'C3 H7 N O3'     105.093 
THR 'L-peptide linking' y THREONINE       ? 'C4 H9 N O3'     119.119 
TRP 'L-peptide linking' y TRYPTOPHAN      ? 'C11 H12 N2 O2'  204.225 
TYR 'L-peptide linking' y TYROSINE        ? 'C9 H11 N O3'    181.189 
VAL 'L-peptide linking' y VALINE          ? 'C5 H11 N O2'    117.146 
# 
_exptl.absorpt_coefficient_mu     ? 
_exptl.absorpt_correction_T_max   ? 
_exptl.absorpt_correction_T_min   ? 
_exptl.absorpt_correction_type    ? 
_exptl.absorpt_process_details    ? 
_exptl.entry_id                   6VSK 
_exptl.crystals_number            1 
_exptl.details                    ? 
_exptl.method                     'X-RAY DIFFRACTION' 
_exptl.method_details             ? 
# 
_exptl_crystal.colour                      ? 
_exptl_crystal.density_diffrn              ? 
_exptl_crystal.density_Matthews            4.76 
_exptl_crystal.density_method              ? 
_exptl_crystal.density_percent_sol         74.15 
_exptl_crystal.description                 ? 
_exptl_crystal.F_000                       ? 
_exptl_crystal.id                          1 
_exptl_crystal.preparation                 ? 
_exptl_crystal.size_max                    ? 
_exptl_crystal.size_mid                    ? 
_exptl_crystal.size_min                    ? 
_exptl_crystal.size_rad                    ? 
_exptl_crystal.colour_lustre               ? 
_exptl_crystal.colour_modifier             ? 
_exptl_crystal.colour_primary              ? 
_exptl_crystal.density_meas                ? 
_exptl_crystal.density_meas_esd            ? 
_exptl_crystal.density_meas_gt             ? 
_exptl_crystal.density_meas_lt             ? 
_exptl_crystal.density_meas_temp           ? 
_exptl_crystal.density_meas_temp_esd       ? 
_exptl_crystal.density_meas_temp_gt        ? 
_exptl_crystal.density_meas_temp_lt        ? 
_exptl_crystal.pdbx_crystal_image_url      ? 
_exptl_crystal.pdbx_crystal_image_format   ? 
_exptl_crystal.pdbx_mosaicity              ? 
_exptl_crystal.pdbx_mosaicity_esd          ? 
# 
_exptl_crystal_grow.apparatus       ? 
_exptl_crystal_grow.atmosphere      ? 
_exptl_crystal_grow.crystal_id      1 
_exptl_crystal_grow.details         ? 
_exptl_crystal_grow.method          'VAPOR DIFFUSION, HANGING DROP' 
_exptl_crystal_grow.method_ref      ? 
_exptl_crystal_grow.pH              6.5 
_exptl_crystal_grow.pressure        ? 
_exptl_crystal_grow.pressure_esd    ? 
_exptl_crystal_grow.seeding         ? 
_exptl_crystal_grow.seeding_ref     ? 
_exptl_crystal_grow.temp            293.15 
_exptl_crystal_grow.temp_details    ? 
_exptl_crystal_grow.temp_esd        ? 
_exptl_crystal_grow.time            ? 
_exptl_crystal_grow.pdbx_details    '0.1 M HEPES, pH 6.5, 45% w/v poly(acrylic acid sodium salt)2100' 
_exptl_crystal_grow.pdbx_pH_range   ? 
# 
_diffrn.ambient_environment              ? 
_diffrn.ambient_temp                     80 
_diffrn.ambient_temp_details             ? 
_diffrn.ambient_temp_esd                 ? 
_diffrn.crystal_id                       1 
_diffrn.crystal_support                  ? 
_diffrn.crystal_treatment                ? 
_diffrn.details                          ? 
_diffrn.id                               1 
_diffrn.ambient_pressure                 ? 
_diffrn.ambient_pressure_esd             ? 
_diffrn.ambient_pressure_gt              ? 
_diffrn.ambient_pressure_lt              ? 
_diffrn.ambient_temp_gt                  ? 
_diffrn.ambient_temp_lt                  ? 
_diffrn.pdbx_serial_crystal_experiment   N 
# 
_diffrn_detector.details                      ? 
_diffrn_detector.detector                     PIXEL 
_diffrn_detector.diffrn_id                    1 
_diffrn_detector.type                         'DECTRIS PILATUS3 6M' 
_diffrn_detector.area_resol_mean              ? 
_diffrn_detector.dtime                        ? 
_diffrn_detector.pdbx_frames_total            ? 
_diffrn_detector.pdbx_collection_time_total   ? 
_diffrn_detector.pdbx_collection_date         2018-11-02 
_diffrn_detector.pdbx_frequency               ? 
# 
_diffrn_radiation.collimation                      ? 
_diffrn_radiation.diffrn_id                        1 
_diffrn_radiation.filter_edge                      ? 
_diffrn_radiation.inhomogeneity                    ? 
_diffrn_radiation.monochromator                    'double crystal Si(111)' 
_diffrn_radiation.polarisn_norm                    ? 
_diffrn_radiation.polarisn_ratio                   ? 
_diffrn_radiation.probe                            ? 
_diffrn_radiation.type                             ? 
_diffrn_radiation.xray_symbol                      ? 
_diffrn_radiation.wavelength_id                    1 
_diffrn_radiation.pdbx_monochromatic_or_laue_m_l   M 
_diffrn_radiation.pdbx_wavelength_list             ? 
_diffrn_radiation.pdbx_wavelength                  ? 
_diffrn_radiation.pdbx_diffrn_protocol             'SINGLE WAVELENGTH' 
_diffrn_radiation.pdbx_analyzer                    ? 
_diffrn_radiation.pdbx_scattering_type             x-ray 
# 
_diffrn_radiation_wavelength.id           1 
_diffrn_radiation_wavelength.wavelength   1.0332 
_diffrn_radiation_wavelength.wt           1.0 
# 
_diffrn_source.current                     ? 
_diffrn_source.details                     ? 
_diffrn_source.diffrn_id                   1 
_diffrn_source.power                       ? 
_diffrn_source.size                        ? 
_diffrn_source.source                      SYNCHROTRON 
_diffrn_source.target                      ? 
_diffrn_source.type                        'APS BEAMLINE 23-ID-D' 
_diffrn_source.voltage                     ? 
_diffrn_source.take-off_angle              ? 
_diffrn_source.pdbx_wavelength_list        1.0332 
_diffrn_source.pdbx_wavelength             ? 
_diffrn_source.pdbx_synchrotron_beamline   23-ID-D 
_diffrn_source.pdbx_synchrotron_site       APS 
# 
_reflns.B_iso_Wilson_estimate            ? 
_reflns.entry_id                         6VSK 
_reflns.data_reduction_details           ? 
_reflns.data_reduction_method            ? 
_reflns.d_resolution_high                3.12 
_reflns.d_resolution_low                 50 
_reflns.details                          ? 
_reflns.limit_h_max                      ? 
_reflns.limit_h_min                      ? 
_reflns.limit_k_max                      ? 
_reflns.limit_k_min                      ? 
_reflns.limit_l_max                      ? 
_reflns.limit_l_min                      ? 
_reflns.number_all                       ? 
_reflns.number_obs                       4105 
_reflns.observed_criterion               ? 
_reflns.observed_criterion_F_max         ? 
_reflns.observed_criterion_F_min         ? 
_reflns.observed_criterion_I_max         ? 
_reflns.observed_criterion_I_min         ? 
_reflns.observed_criterion_sigma_F       ? 
_reflns.observed_criterion_sigma_I       ? 
_reflns.percent_possible_obs             99.3 
_reflns.R_free_details                   ? 
_reflns.Rmerge_F_all                     ? 
_reflns.Rmerge_F_obs                     ? 
_reflns.Friedel_coverage                 ? 
_reflns.number_gt                        ? 
_reflns.threshold_expression             ? 
_reflns.pdbx_redundancy                  8.4 
_reflns.pdbx_Rmerge_I_obs                ? 
_reflns.pdbx_Rmerge_I_all                ? 
_reflns.pdbx_Rsym_value                  ? 
_reflns.pdbx_netI_over_av_sigmaI         ? 
_reflns.pdbx_netI_over_sigmaI            19 
_reflns.pdbx_res_netI_over_av_sigmaI_2   ? 
_reflns.pdbx_res_netI_over_sigmaI_2      ? 
_reflns.pdbx_chi_squared                 ? 
_reflns.pdbx_scaling_rejects             ? 
_reflns.pdbx_d_res_high_opt              ? 
_reflns.pdbx_d_res_low_opt               ? 
_reflns.pdbx_d_res_opt_method            ? 
_reflns.phase_calculation_details        ? 
_reflns.pdbx_Rrim_I_all                  0.152 
_reflns.pdbx_Rpim_I_all                  0.049 
_reflns.pdbx_d_opt                       ? 
_reflns.pdbx_number_measured_all         ? 
_reflns.pdbx_diffrn_id                   1 
_reflns.pdbx_ordinal                     1 
_reflns.pdbx_CC_half                     ? 
_reflns.pdbx_CC_star                     ? 
_reflns.pdbx_R_split                     ? 
# 
_reflns_shell.d_res_high                  3.12 
_reflns_shell.d_res_low                   3.17 
_reflns_shell.meanI_over_sigI_all         ? 
_reflns_shell.meanI_over_sigI_obs         1.3 
_reflns_shell.number_measured_all         ? 
_reflns_shell.number_measured_obs         ? 
_reflns_shell.number_possible             ? 
_reflns_shell.number_unique_all           ? 
_reflns_shell.number_unique_obs           185 
_reflns_shell.percent_possible_all        95.4 
_reflns_shell.percent_possible_obs        ? 
_reflns_shell.Rmerge_F_all                ? 
_reflns_shell.Rmerge_F_obs                ? 
_reflns_shell.Rmerge_I_all                ? 
_reflns_shell.Rmerge_I_obs                ? 
_reflns_shell.meanI_over_sigI_gt          ? 
_reflns_shell.meanI_over_uI_all           ? 
_reflns_shell.meanI_over_uI_gt            ? 
_reflns_shell.number_measured_gt          ? 
_reflns_shell.number_unique_gt            ? 
_reflns_shell.percent_possible_gt         ? 
_reflns_shell.Rmerge_F_gt                 ? 
_reflns_shell.Rmerge_I_gt                 ? 
_reflns_shell.pdbx_redundancy             3 
_reflns_shell.pdbx_Rsym_value             ? 
_reflns_shell.pdbx_chi_squared            0.194 
_reflns_shell.pdbx_netI_over_sigmaI_all   ? 
_reflns_shell.pdbx_netI_over_sigmaI_obs   ? 
_reflns_shell.pdbx_Rrim_I_all             0.602 
_reflns_shell.pdbx_Rpim_I_all             0.316 
_reflns_shell.pdbx_rejects                ? 
_reflns_shell.pdbx_ordinal                1 
_reflns_shell.pdbx_diffrn_id              1 
_reflns_shell.pdbx_CC_half                0.713 
_reflns_shell.pdbx_CC_star                0.912 
_reflns_shell.pdbx_R_split                ? 
# 
_refine.aniso_B[1][1]                            -0.1800 
_refine.aniso_B[1][2]                            -0.0900 
_refine.aniso_B[1][3]                            0.0000 
_refine.aniso_B[2][2]                            -0.1800 
_refine.aniso_B[2][3]                            0.0000 
_refine.aniso_B[3][3]                            0.6000 
_refine.B_iso_max                                185.900 
_refine.B_iso_mean                               105.7400 
_refine.B_iso_min                                51.430 
_refine.correlation_coeff_Fo_to_Fc               0.9630 
_refine.correlation_coeff_Fo_to_Fc_free          0.9410 
_refine.details                                  'HYDROGENS HAVE BEEN ADDED IN THE RIDING POSITIONS U VALUES      : WITH TLS ADDED' 
_refine.diff_density_max                         ? 
_refine.diff_density_max_esd                     ? 
_refine.diff_density_min                         ? 
_refine.diff_density_min_esd                     ? 
_refine.diff_density_rms                         ? 
_refine.diff_density_rms_esd                     ? 
_refine.entry_id                                 6VSK 
_refine.pdbx_refine_id                           'X-RAY DIFFRACTION' 
_refine.ls_abs_structure_details                 ? 
_refine.ls_abs_structure_Flack                   ? 
_refine.ls_abs_structure_Flack_esd               ? 
_refine.ls_abs_structure_Rogers                  ? 
_refine.ls_abs_structure_Rogers_esd              ? 
_refine.ls_d_res_high                            3.1200 
_refine.ls_d_res_low                             19.6200 
_refine.ls_extinction_coef                       ? 
_refine.ls_extinction_coef_esd                   ? 
_refine.ls_extinction_expression                 ? 
_refine.ls_extinction_method                     ? 
_refine.ls_goodness_of_fit_all                   ? 
_refine.ls_goodness_of_fit_all_esd               ? 
_refine.ls_goodness_of_fit_obs                   ? 
_refine.ls_goodness_of_fit_obs_esd               ? 
_refine.ls_hydrogen_treatment                    ? 
_refine.ls_matrix_type                           ? 
_refine.ls_number_constraints                    ? 
_refine.ls_number_parameters                     ? 
_refine.ls_number_reflns_all                     ? 
_refine.ls_number_reflns_obs                     3862 
_refine.ls_number_reflns_R_free                  213 
_refine.ls_number_reflns_R_work                  ? 
_refine.ls_number_restraints                     ? 
_refine.ls_percent_reflns_obs                    98.6000 
_refine.ls_percent_reflns_R_free                 5.2000 
_refine.ls_R_factor_all                          ? 
_refine.ls_R_factor_obs                          0.1855 
_refine.ls_R_factor_R_free                       0.2332 
_refine.ls_R_factor_R_free_error                 ? 
_refine.ls_R_factor_R_free_error_details         ? 
_refine.ls_R_factor_R_work                       0.1829 
_refine.ls_R_Fsqd_factor_obs                     ? 
_refine.ls_R_I_factor_obs                        ? 
_refine.ls_redundancy_reflns_all                 ? 
_refine.ls_redundancy_reflns_obs                 ? 
_refine.ls_restrained_S_all                      ? 
_refine.ls_restrained_S_obs                      ? 
_refine.ls_shift_over_esd_max                    ? 
_refine.ls_shift_over_esd_mean                   ? 
_refine.ls_structure_factor_coef                 ? 
_refine.ls_weighting_details                     ? 
_refine.ls_weighting_scheme                      ? 
_refine.ls_wR_factor_all                         ? 
_refine.ls_wR_factor_obs                         ? 
_refine.ls_wR_factor_R_free                      ? 
_refine.ls_wR_factor_R_work                      ? 
_refine.occupancy_max                            ? 
_refine.occupancy_min                            ? 
_refine.solvent_model_details                    ? 
_refine.solvent_model_param_bsol                 ? 
_refine.solvent_model_param_ksol                 ? 
_refine.pdbx_R_complete                          ? 
_refine.ls_R_factor_gt                           ? 
_refine.ls_goodness_of_fit_gt                    ? 
_refine.ls_goodness_of_fit_ref                   ? 
_refine.ls_shift_over_su_max                     ? 
_refine.ls_shift_over_su_max_lt                  ? 
_refine.ls_shift_over_su_mean                    ? 
_refine.ls_shift_over_su_mean_lt                 ? 
_refine.pdbx_ls_sigma_I                          ? 
_refine.pdbx_ls_sigma_F                          0.000 
_refine.pdbx_ls_sigma_Fsqd                       ? 
_refine.pdbx_data_cutoff_high_absF               ? 
_refine.pdbx_data_cutoff_high_rms_absF           ? 
_refine.pdbx_data_cutoff_low_absF                ? 
_refine.pdbx_isotropic_thermal_model             ? 
_refine.pdbx_ls_cross_valid_method               THROUGHOUT 
_refine.pdbx_method_to_determine_struct          'MOLECULAR REPLACEMENT' 
_refine.pdbx_starting_model                      'PDB entry 1O7F' 
_refine.pdbx_stereochemistry_target_values       ? 
_refine.pdbx_R_Free_selection_details            RANDOM 
_refine.pdbx_stereochem_target_val_spec_case     ? 
_refine.pdbx_overall_ESU_R                       0.5510 
_refine.pdbx_overall_ESU_R_Free                  0.3290 
_refine.pdbx_solvent_vdw_probe_radii             1.2000 
_refine.pdbx_solvent_ion_probe_radii             0.8000 
_refine.pdbx_solvent_shrinkage_radii             0.8000 
_refine.pdbx_real_space_R                        ? 
_refine.pdbx_density_correlation                 ? 
_refine.pdbx_pd_number_of_powder_patterns        ? 
_refine.pdbx_pd_number_of_points                 ? 
_refine.pdbx_pd_meas_number_of_points            ? 
_refine.pdbx_pd_proc_ls_prof_R_factor            ? 
_refine.pdbx_pd_proc_ls_prof_wR_factor           ? 
_refine.pdbx_pd_Marquardt_correlation_coeff      ? 
_refine.pdbx_pd_Fsqrd_R_factor                   ? 
_refine.pdbx_pd_ls_matrix_band_width             ? 
_refine.pdbx_overall_phase_error                 ? 
_refine.pdbx_overall_SU_R_free_Cruickshank_DPI   ? 
_refine.pdbx_overall_SU_R_free_Blow_DPI          ? 
_refine.pdbx_overall_SU_R_Blow_DPI               ? 
_refine.pdbx_TLS_residual_ADP_flag               ? 
_refine.pdbx_diffrn_id                           1 
_refine.overall_SU_B                             35.7680 
_refine.overall_SU_ML                            0.2610 
_refine.overall_SU_R_Cruickshank_DPI             0.5506 
_refine.overall_SU_R_free                        ? 
_refine.overall_FOM_free_R_set                   ? 
_refine.overall_FOM_work_R_set                   ? 
_refine.pdbx_average_fsc_overall                 ? 
_refine.pdbx_average_fsc_work                    ? 
_refine.pdbx_average_fsc_free                    ? 
# 
_refine_hist.pdbx_refine_id                   'X-RAY DIFFRACTION' 
_refine_hist.cycle_id                         final 
_refine_hist.details                          ? 
_refine_hist.d_res_high                       3.1200 
_refine_hist.d_res_low                        19.6200 
_refine_hist.number_atoms_solvent             4 
_refine_hist.number_atoms_total               754 
_refine_hist.number_reflns_all                ? 
_refine_hist.number_reflns_obs                ? 
_refine_hist.number_reflns_R_free             ? 
_refine_hist.number_reflns_R_work             ? 
_refine_hist.R_factor_all                     ? 
_refine_hist.R_factor_obs                     ? 
_refine_hist.R_factor_R_free                  ? 
_refine_hist.R_factor_R_work                  ? 
_refine_hist.pdbx_number_residues_total       91 
_refine_hist.pdbx_B_iso_mean_ligand           ? 
_refine_hist.pdbx_B_iso_mean_solvent          65.99 
_refine_hist.pdbx_number_atoms_protein        750 
_refine_hist.pdbx_number_atoms_nucleic_acid   0 
_refine_hist.pdbx_number_atoms_ligand         0 
_refine_hist.pdbx_number_atoms_lipid          ? 
_refine_hist.pdbx_number_atoms_carb           ? 
_refine_hist.pdbx_pseudo_atom_details         ? 
# 
loop_
_refine_ls_restr.pdbx_refine_id 
_refine_ls_restr.criterion 
_refine_ls_restr.dev_ideal 
_refine_ls_restr.dev_ideal_target 
_refine_ls_restr.number 
_refine_ls_restr.rejects 
_refine_ls_restr.type 
_refine_ls_restr.weight 
_refine_ls_restr.pdbx_restraint_function 
'X-RAY DIFFRACTION' ? 0.009  0.013  763  ? r_bond_refined_d       ? ? 
'X-RAY DIFFRACTION' ? 0.001  0.017  731  ? r_bond_other_d         ? ? 
'X-RAY DIFFRACTION' ? 1.796  1.637  1019 ? r_angle_refined_deg    ? ? 
'X-RAY DIFFRACTION' ? 1.236  1.587  1697 ? r_angle_other_deg      ? ? 
'X-RAY DIFFRACTION' ? 9.487  5.000  90   ? r_dihedral_angle_1_deg ? ? 
'X-RAY DIFFRACTION' ? 35.839 22.727 44   ? r_dihedral_angle_2_deg ? ? 
'X-RAY DIFFRACTION' ? 19.909 15.000 155  ? r_dihedral_angle_3_deg ? ? 
'X-RAY DIFFRACTION' ? 9.040  15.000 5    ? r_dihedral_angle_4_deg ? ? 
'X-RAY DIFFRACTION' ? 0.065  0.200  93   ? r_chiral_restr         ? ? 
'X-RAY DIFFRACTION' ? 0.007  0.020  835  ? r_gen_planes_refined   ? ? 
'X-RAY DIFFRACTION' ? 0.002  0.020  160  ? r_gen_planes_other     ? ? 
# 
_refine_ls_shell.pdbx_refine_id                   'X-RAY DIFFRACTION' 
_refine_ls_shell.d_res_high                       3.12 
_refine_ls_shell.d_res_low                        3.1960 
_refine_ls_shell.number_reflns_all                ? 
_refine_ls_shell.number_reflns_obs                ? 
_refine_ls_shell.number_reflns_R_free             15 
_refine_ls_shell.number_reflns_R_work             253 
_refine_ls_shell.percent_reflns_obs               93.3800 
_refine_ls_shell.percent_reflns_R_free            ? 
_refine_ls_shell.R_factor_all                     ? 
_refine_ls_shell.R_factor_obs                     ? 
_refine_ls_shell.R_factor_R_free                  0.3950 
_refine_ls_shell.R_factor_R_free_error            0.0000 
_refine_ls_shell.R_factor_R_work                  0.2840 
_refine_ls_shell.redundancy_reflns_all            ? 
_refine_ls_shell.redundancy_reflns_obs            ? 
_refine_ls_shell.wR_factor_all                    ? 
_refine_ls_shell.wR_factor_obs                    ? 
_refine_ls_shell.wR_factor_R_free                 ? 
_refine_ls_shell.wR_factor_R_work                 ? 
_refine_ls_shell.pdbx_R_complete                  ? 
_refine_ls_shell.pdbx_total_number_of_bins_used   ? 
_refine_ls_shell.pdbx_phase_error                 ? 
_refine_ls_shell.pdbx_fsc_work                    ? 
_refine_ls_shell.pdbx_fsc_free                    ? 
# 
_struct.entry_id                     6VSK 
_struct.title                        'Crystal structure of the P-Rex1 DEP1 domain' 
_struct.pdbx_model_details           ? 
_struct.pdbx_formula_weight          ? 
_struct.pdbx_formula_weight_method   ? 
_struct.pdbx_model_type_details      ? 
_struct.pdbx_CASP_flag               N 
# 
_struct_keywords.entry_id        6VSK 
_struct_keywords.text            'DEP domain, P-Rex1, metastasis, domain-swapped, SIGNALING PROTEIN' 
_struct_keywords.pdbx_keywords   'SIGNALING PROTEIN' 
# 
loop_
_struct_asym.id 
_struct_asym.pdbx_blank_PDB_chainid_flag 
_struct_asym.pdbx_modified 
_struct_asym.entity_id 
_struct_asym.details 
A N N 1 ? 
B N N 2 ? 
# 
loop_
_struct_conf.conf_type_id 
_struct_conf.id 
_struct_conf.pdbx_PDB_helix_id 
_struct_conf.beg_label_comp_id 
_struct_conf.beg_label_asym_id 
_struct_conf.beg_label_seq_id 
_struct_conf.pdbx_beg_PDB_ins_code 
_struct_conf.end_label_comp_id 
_struct_conf.end_label_asym_id 
_struct_conf.end_label_seq_id 
_struct_conf.pdbx_end_PDB_ins_code 
_struct_conf.beg_auth_comp_id 
_struct_conf.beg_auth_asym_id 
_struct_conf.beg_auth_seq_id 
_struct_conf.end_auth_comp_id 
_struct_conf.end_auth_asym_id 
_struct_conf.end_auth_seq_id 
_struct_conf.pdbx_PDB_helix_class 
_struct_conf.details 
_struct_conf.pdbx_PDB_helix_length 
HELX_P HELX_P1 AA1 ASN A 2  ? ASN A 17 ? ASN A 407 ASN A 422 1 ? 16 
HELX_P HELX_P2 AA2 LEU A 38 ? ILE A 49 ? LEU A 443 ILE A 454 1 ? 12 
HELX_P HELX_P3 AA3 LYS A 54 ? ASN A 68 ? LYS A 459 ASN A 473 1 ? 15 
# 
_struct_conf_type.id          HELX_P 
_struct_conf_type.criteria    ? 
_struct_conf_type.reference   ? 
# 
_atom_sites.entry_id                    6VSK 
_atom_sites.Cartn_transf_matrix[1][1]   ? 
_atom_sites.Cartn_transf_matrix[1][2]   ? 
_atom_sites.Cartn_transf_matrix[1][3]   ? 
_atom_sites.Cartn_transf_matrix[2][1]   ? 
_atom_sites.Cartn_transf_matrix[2][2]   ? 
_atom_sites.Cartn_transf_matrix[2][3]   ? 
_atom_sites.Cartn_transf_matrix[3][1]   ? 
_atom_sites.Cartn_transf_matrix[3][2]   ? 
_atom_sites.Cartn_transf_matrix[3][3]   ? 
_atom_sites.Cartn_transf_vector[1]      ? 
_atom_sites.Cartn_transf_vector[2]      ? 
_atom_sites.Cartn_transf_vector[3]      ? 
_atom_sites.fract_transf_matrix[1][1]   0.00323755 
_atom_sites.fract_transf_matrix[1][2]   -0.00083990 
_atom_sites.fract_transf_matrix[1][3]   -0.01068236 
_atom_sites.fract_transf_matrix[2][1]   -0.00103985 
_atom_sites.fract_transf_matrix[2][2]   -0.00974219 
_atom_sites.fract_transf_matrix[2][3]   -0.00541424 
_atom_sites.fract_transf_matrix[3][1]   -0.01349101 
_atom_sites.fract_transf_matrix[3][2]   0.00388196 
_atom_sites.fract_transf_matrix[3][3]   -0.00439400 
_atom_sites.fract_transf_vector[1]      0.263583 
_atom_sites.fract_transf_vector[2]      -0.320826 
_atom_sites.fract_transf_vector[3]      -0.227914 
_atom_sites.solution_primary            ? 
_atom_sites.solution_secondary          ? 
_atom_sites.solution_hydrogens          ? 
_atom_sites.special_details             ? 
# 
loop_
_atom_type.symbol 
C 
N 
O 
S 
# 
loop_
_atom_site.group_PDB 
_atom_site.id 
_atom_site.type_symbol 
_atom_site.label_atom_id 
_atom_site.label_alt_id 
_atom_site.label_comp_id 
_atom_site.label_asym_id 
_atom_site.label_entity_id 
_atom_site.label_seq_id 
_atom_site.pdbx_PDB_ins_code 
_atom_site.Cartn_x 
_atom_site.Cartn_y 
_atom_site.Cartn_z 
_atom_site.occupancy 
_atom_site.B_iso_or_equiv 
_atom_site.pdbx_formal_charge 
_atom_site.auth_seq_id 
_atom_site.auth_comp_id 
_atom_site.auth_asym_id 
_atom_site.auth_atom_id 
_atom_site.pdbx_PDB_model_num 
ATOM   1   N N   . ASN A 1 2  ? 17.235  -14.954 -30.355 1.00 162.54 ? 407 ASN A N   1 
ATOM   2   C CA  . ASN A 1 2  ? 17.769  -13.739 -29.700 1.00 159.97 ? 407 ASN A CA  1 
ATOM   3   C C   . ASN A 1 2  ? 18.650  -14.098 -28.495 1.00 160.94 ? 407 ASN A C   1 
ATOM   4   O O   . ASN A 1 2  ? 18.137  -14.763 -27.569 1.00 157.23 ? 407 ASN A O   1 
ATOM   5   C CB  . ASN A 1 2  ? 16.657  -12.828 -29.197 1.00 154.52 ? 407 ASN A CB  1 
ATOM   6   C CG  . ASN A 1 2  ? 17.194  -11.731 -28.304 1.00 152.67 ? 407 ASN A CG  1 
ATOM   7   O OD1 . ASN A 1 2  ? 18.346  -11.766 -27.870 1.00 152.88 ? 407 ASN A OD1 1 
ATOM   8   N ND2 . ASN A 1 2  ? 16.365  -10.743 -28.033 1.00 155.68 ? 407 ASN A ND2 1 
ATOM   9   N N   . ALA A 1 3  ? 19.886  -13.573 -28.487 1.00 162.92 ? 408 ALA A N   1 
ATOM   10  C CA  . ALA A 1 3  ? 20.942  -13.721 -27.451 1.00 159.65 ? 408 ALA A CA  1 
ATOM   11  C C   . ALA A 1 3  ? 20.365  -13.662 -26.036 1.00 150.80 ? 408 ALA A C   1 
ATOM   12  O O   . ALA A 1 3  ? 20.634  -14.572 -25.226 1.00 152.18 ? 408 ALA A O   1 
ATOM   13  C CB  . ALA A 1 3  ? 21.973  -12.631 -27.618 1.00 160.73 ? 408 ALA A CB  1 
ATOM   14  N N   . ILE A 1 4  ? 19.611  -12.608 -25.756 1.00 144.37 ? 409 ILE A N   1 
ATOM   15  C CA  . ILE A 1 4  ? 19.210  -12.226 -24.373 1.00 137.06 ? 409 ILE A CA  1 
ATOM   16  C C   . ILE A 1 4  ? 18.105  -13.179 -23.904 1.00 129.96 ? 409 ILE A C   1 
ATOM   17  O O   . ILE A 1 4  ? 18.017  -13.413 -22.700 1.00 121.80 ? 409 ILE A O   1 
ATOM   18  C CB  . ILE A 1 4  ? 18.791  -10.739 -24.301 1.00 135.69 ? 409 ILE A CB  1 
ATOM   19  C CG1 . ILE A 1 4  ? 19.926  -9.760  -24.678 1.00 141.45 ? 409 ILE A CG1 1 
ATOM   20  C CG2 . ILE A 1 4  ? 18.239  -10.432 -22.912 1.00 125.44 ? 409 ILE A CG2 1 
ATOM   21  C CD1 . ILE A 1 4  ? 20.607  -9.946  -26.055 1.00 142.39 ? 409 ILE A CD1 1 
ATOM   22  N N   . ALA A 1 5  ? 17.307  -13.713 -24.831 1.00 133.64 ? 410 ALA A N   1 
ATOM   23  C CA  . ALA A 1 5  ? 16.252  -14.721 -24.563 1.00 134.10 ? 410 ALA A CA  1 
ATOM   24  C C   . ALA A 1 5  ? 16.899  -16.010 -24.042 1.00 136.93 ? 410 ALA A C   1 
ATOM   25  O O   . ALA A 1 5  ? 16.496  -16.503 -22.960 1.00 134.45 ? 410 ALA A O   1 
ATOM   26  C CB  . ALA A 1 5  ? 15.473  -14.984 -25.830 1.00 136.16 ? 410 ALA A CB  1 
ATOM   27  N N   . GLU A 1 6  ? 17.873  -16.513 -24.805 1.00 138.31 ? 411 GLU A N   1 
ATOM   28  C CA  . GLU A 1 6  ? 18.584  -17.790 -24.565 1.00 139.85 ? 411 GLU A CA  1 
ATOM   29  C C   . GLU A 1 6  ? 19.204  -17.773 -23.168 1.00 134.61 ? 411 GLU A C   1 
ATOM   30  O O   . GLU A 1 6  ? 19.018  -18.771 -22.462 1.00 140.15 ? 411 GLU A O   1 
ATOM   31  C CB  . GLU A 1 6  ? 19.595  -18.025 -25.686 1.00 148.10 ? 411 GLU A CB  1 
ATOM   32  C CG  . GLU A 1 6  ? 18.925  -18.517 -26.966 1.00 155.50 ? 411 GLU A CG  1 
ATOM   33  C CD  . GLU A 1 6  ? 19.480  -18.038 -28.301 1.00 162.04 ? 411 GLU A CD  1 
ATOM   34  O OE1 . GLU A 1 6  ? 20.163  -16.987 -28.338 1.00 165.09 ? 411 GLU A OE1 1 
ATOM   35  O OE2 . GLU A 1 6  ? 19.200  -18.711 -29.318 1.00 164.00 ? 411 GLU A OE2 1 
ATOM   36  N N   . LYS A 1 7  ? 19.865  -16.680 -22.770 1.00 129.45 ? 412 LYS A N   1 
ATOM   37  C CA  . LYS A 1 7  ? 20.414  -16.511 -21.393 1.00 127.02 ? 412 LYS A CA  1 
ATOM   38  C C   . LYS A 1 7  ? 19.301  -16.716 -20.362 1.00 119.87 ? 412 LYS A C   1 
ATOM   39  O O   . LYS A 1 7  ? 19.538  -17.375 -19.347 1.00 116.96 ? 412 LYS A O   1 
ATOM   40  C CB  . LYS A 1 7  ? 21.021  -15.126 -21.179 1.00 129.70 ? 412 LYS A CB  1 
ATOM   41  C CG  . LYS A 1 7  ? 22.132  -14.784 -22.157 1.00 147.69 ? 412 LYS A CG  1 
ATOM   42  C CD  . LYS A 1 7  ? 22.944  -13.566 -21.775 1.00 152.57 ? 412 LYS A CD  1 
ATOM   43  C CE  . LYS A 1 7  ? 23.741  -13.005 -22.939 1.00 159.62 ? 412 LYS A CE  1 
ATOM   44  N NZ  . LYS A 1 7  ? 24.156  -11.610 -22.662 1.00 159.62 ? 412 LYS A NZ  1 
ATOM   45  N N   . GLY A 1 8  ? 18.120  -16.166 -20.627 1.00 119.34 ? 413 GLY A N   1 
ATOM   46  C CA  . GLY A 1 8  ? 16.984  -16.188 -19.690 1.00 116.07 ? 413 GLY A CA  1 
ATOM   47  C C   . GLY A 1 8  ? 16.480  -17.597 -19.503 1.00 115.90 ? 413 GLY A C   1 
ATOM   48  O O   . GLY A 1 8  ? 16.388  -18.065 -18.353 1.00 112.68 ? 413 GLY A O   1 
ATOM   49  N N   . GLU A 1 9  ? 16.195  -18.258 -20.617 1.00 120.52 ? 414 GLU A N   1 
ATOM   50  C CA  . GLU A 1 9  ? 15.670  -19.638 -20.611 1.00 126.07 ? 414 GLU A CA  1 
ATOM   51  C C   . GLU A 1 9  ? 16.677  -20.538 -19.886 1.00 126.44 ? 414 GLU A C   1 
ATOM   52  O O   . GLU A 1 9  ? 16.241  -21.448 -19.157 1.00 128.74 ? 414 GLU A O   1 
ATOM   53  C CB  . GLU A 1 9  ? 15.370  -20.106 -22.037 1.00 132.77 ? 414 GLU A CB  1 
ATOM   54  C CG  . GLU A 1 9  ? 14.561  -21.394 -22.050 1.00 142.39 ? 414 GLU A CG  1 
ATOM   55  C CD  . GLU A 1 9  ? 13.661  -21.667 -23.250 1.00 151.98 ? 414 GLU A CD  1 
ATOM   56  O OE1 . GLU A 1 9  ? 14.200  -21.985 -24.333 1.00 161.90 ? 414 GLU A OE1 1 
ATOM   57  O OE2 . GLU A 1 9  ? 12.408  -21.602 -23.091 1.00 158.35 ? 414 GLU A OE2 1 
ATOM   58  N N   . LYS A 1 10 ? 17.977  -20.293 -20.066 1.00 126.63 ? 415 LYS A N   1 
ATOM   59  C CA  . LYS A 1 10 ? 19.038  -21.076 -19.385 1.00 125.41 ? 415 LYS A CA  1 
ATOM   60  C C   . LYS A 1 10 ? 18.924  -20.814 -17.883 1.00 118.13 ? 415 LYS A C   1 
ATOM   61  O O   . LYS A 1 10 ? 18.709  -21.759 -17.105 1.00 118.47 ? 415 LYS A O   1 
ATOM   62  C CB  . LYS A 1 10 ? 20.430  -20.704 -19.901 1.00 127.24 ? 415 LYS A CB  1 
ATOM   63  C CG  . LYS A 1 10 ? 21.559  -21.136 -18.976 1.00 134.10 ? 415 LYS A CG  1 
ATOM   64  C CD  . LYS A 1 10 ? 22.836  -21.557 -19.669 1.00 139.95 ? 415 LYS A CD  1 
ATOM   65  C CE  . LYS A 1 10 ? 22.737  -22.958 -20.235 1.00 147.17 ? 415 LYS A CE  1 
ATOM   66  N NZ  . LYS A 1 10 ? 23.919  -23.295 -21.062 1.00 155.39 ? 415 LYS A NZ  1 
ATOM   67  N N   . LEU A 1 11 ? 19.032  -19.549 -17.508 1.00 112.76 ? 416 LEU A N   1 
ATOM   68  C CA  . LEU A 1 11 ? 19.045  -19.113 -16.097 1.00 109.10 ? 416 LEU A CA  1 
ATOM   69  C C   . LEU A 1 11 ? 17.846  -19.669 -15.365 1.00 108.03 ? 416 LEU A C   1 
ATOM   70  O O   . LEU A 1 11 ? 18.010  -20.159 -14.240 1.00 109.46 ? 416 LEU A O   1 
ATOM   71  C CB  . LEU A 1 11 ? 18.979  -17.600 -16.078 1.00 107.11 ? 416 LEU A CB  1 
ATOM   72  C CG  . LEU A 1 11 ? 20.319  -16.960 -16.373 1.00 115.20 ? 416 LEU A CG  1 
ATOM   73  C CD1 . LEU A 1 11 ? 20.152  -15.459 -16.526 1.00 117.85 ? 416 LEU A CD1 1 
ATOM   74  C CD2 . LEU A 1 11 ? 21.333  -17.303 -15.283 1.00 115.84 ? 416 LEU A CD2 1 
ATOM   75  N N   . TYR A 1 12 ? 16.688  -19.530 -15.994 1.00 106.93 ? 417 TYR A N   1 
ATOM   76  C CA  . TYR A 1 12 ? 15.437  -20.181 -15.559 1.00 106.43 ? 417 TYR A CA  1 
ATOM   77  C C   . TYR A 1 12 ? 15.723  -21.596 -15.025 1.00 105.42 ? 417 TYR A C   1 
ATOM   78  O O   . TYR A 1 12 ? 15.481  -21.899 -13.835 1.00 101.62 ? 417 TYR A O   1 
ATOM   79  C CB  . TYR A 1 12 ? 14.461  -20.292 -16.726 1.00 110.94 ? 417 TYR A CB  1 
ATOM   80  C CG  . TYR A 1 12 ? 13.168  -20.893 -16.261 1.00 118.91 ? 417 TYR A CG  1 
ATOM   81  C CD1 . TYR A 1 12 ? 12.668  -20.504 -15.029 1.00 121.87 ? 417 TYR A CD1 1 
ATOM   82  C CD2 . TYR A 1 12 ? 12.458  -21.834 -16.994 1.00 122.99 ? 417 TYR A CD2 1 
ATOM   83  C CE1 . TYR A 1 12 ? 11.485  -21.011 -14.533 1.00 122.03 ? 417 TYR A CE1 1 
ATOM   84  C CE2 . TYR A 1 12 ? 11.264  -22.352 -16.507 1.00 125.07 ? 417 TYR A CE2 1 
ATOM   85  C CZ  . TYR A 1 12 ? 10.779  -21.932 -15.272 1.00 121.27 ? 417 TYR A CZ  1 
ATOM   86  O OH  . TYR A 1 12 ? 9.633   -22.343 -14.665 1.00 114.66 ? 417 TYR A OH  1 
ATOM   87  N N   . HIS A 1 13 ? 16.253  -22.453 -15.893 1.00 103.52 ? 418 HIS A N   1 
ATOM   88  C CA  . HIS A 1 13 ? 16.386  -23.907 -15.637 1.00 107.61 ? 418 HIS A CA  1 
ATOM   89  C C   . HIS A 1 13 ? 17.369  -24.173 -14.502 1.00 108.38 ? 418 HIS A C   1 
ATOM   90  O O   . HIS A 1 13 ? 17.244  -25.214 -13.794 1.00 108.96 ? 418 HIS A O   1 
ATOM   91  C CB  . HIS A 1 13 ? 16.745  -24.600 -16.940 1.00 111.24 ? 418 HIS A CB  1 
ATOM   92  C CG  . HIS A 1 13 ? 15.490  -24.863 -17.678 1.00 114.49 ? 418 HIS A CG  1 
ATOM   93  N ND1 . HIS A 1 13 ? 15.197  -24.249 -18.874 1.00 115.28 ? 418 HIS A ND1 1 
ATOM   94  C CD2 . HIS A 1 13 ? 14.409  -25.593 -17.322 1.00 114.21 ? 418 HIS A CD2 1 
ATOM   95  C CE1 . HIS A 1 13 ? 13.999  -24.644 -19.261 1.00 116.75 ? 418 HIS A CE1 1 
ATOM   96  N NE2 . HIS A 1 13 ? 13.502  -25.472 -18.324 1.00 115.71 ? 418 HIS A NE2 1 
ATOM   97  N N   . MET A 1 14 ? 18.294  -23.241 -14.341 1.00 105.63 ? 419 MET A N   1 
ATOM   98  C CA  . MET A 1 14 ? 19.381  -23.342 -13.363 1.00 106.88 ? 419 MET A CA  1 
ATOM   99  C C   . MET A 1 14 ? 18.833  -23.038 -11.979 1.00 105.46 ? 419 MET A C   1 
ATOM   100 O O   . MET A 1 14 ? 19.283  -23.663 -11.036 1.00 107.97 ? 419 MET A O   1 
ATOM   101 C CB  . MET A 1 14 ? 20.453  -22.339 -13.745 1.00 109.63 ? 419 MET A CB  1 
ATOM   102 C CG  . MET A 1 14 ? 21.046  -22.645 -15.087 1.00 114.92 ? 419 MET A CG  1 
ATOM   103 S SD  . MET A 1 14 ? 22.378  -21.506 -15.463 1.00 119.35 ? 419 MET A SD  1 
ATOM   104 C CE  . MET A 1 14 ? 23.634  -22.050 -14.302 1.00 117.06 ? 419 MET A CE  1 
ATOM   105 N N   . MET A 1 15 ? 17.881  -22.120 -11.887 1.00 106.00 ? 420 MET A N   1 
ATOM   106 C CA  . MET A 1 15 ? 17.239  -21.735 -10.606 1.00 108.35 ? 420 MET A CA  1 
ATOM   107 C C   . MET A 1 15 ? 16.169  -22.771 -10.266 1.00 108.75 ? 420 MET A C   1 
ATOM   108 O O   . MET A 1 15 ? 15.740  -22.872 -9.077  1.00 107.22 ? 420 MET A O   1 
ATOM   109 C CB  . MET A 1 15 ? 16.596  -20.359 -10.748 1.00 109.90 ? 420 MET A CB  1 
ATOM   110 C CG  . MET A 1 15 ? 17.554  -19.345 -11.320 1.00 113.34 ? 420 MET A CG  1 
ATOM   111 S SD  . MET A 1 15 ? 17.186  -17.651 -10.827 1.00 116.94 ? 420 MET A SD  1 
ATOM   112 C CE  . MET A 1 15 ? 17.364  -16.879 -12.433 1.00 115.70 ? 420 MET A CE  1 
ATOM   113 N N   . MET A 1 16 ? 15.747  -23.486 -11.302 1.00 109.55 ? 421 MET A N   1 
ATOM   114 C CA  . MET A 1 16 ? 14.658  -24.481 -11.235 1.00 113.14 ? 421 MET A CA  1 
ATOM   115 C C   . MET A 1 16 ? 15.236  -25.818 -10.803 1.00 114.02 ? 421 MET A C   1 
ATOM   116 O O   . MET A 1 16 ? 14.476  -26.676 -10.312 1.00 114.32 ? 421 MET A O   1 
ATOM   117 C CB  . MET A 1 16 ? 13.999  -24.624 -12.603 1.00 117.32 ? 421 MET A CB  1 
ATOM   118 C CG  . MET A 1 16 ? 12.917  -23.588 -12.842 1.00 114.16 ? 421 MET A CG  1 
ATOM   119 S SD  . MET A 1 16 ? 11.789  -23.451 -11.429 1.00 111.29 ? 421 MET A SD  1 
ATOM   120 C CE  . MET A 1 16 ? 11.357  -25.170 -11.144 1.00 116.18 ? 421 MET A CE  1 
ATOM   121 N N   . ASN A 1 17 ? 16.534  -25.961 -11.016 1.00 116.38 ? 422 ASN A N   1 
ATOM   122 C CA  . ASN A 1 17 ? 17.349  -27.039 -10.418 1.00 124.79 ? 422 ASN A CA  1 
ATOM   123 C C   . ASN A 1 17 ? 16.907  -27.302 -8.979  1.00 126.03 ? 422 ASN A C   1 
ATOM   124 O O   . ASN A 1 17 ? 16.921  -26.364 -8.168  1.00 123.03 ? 422 ASN A O   1 
ATOM   125 C CB  . ASN A 1 17 ? 18.831  -26.686 -10.413 1.00 125.59 ? 422 ASN A CB  1 
ATOM   126 C CG  . ASN A 1 17 ? 19.666  -27.919 -10.622 1.00 127.61 ? 422 ASN A CG  1 
ATOM   127 O OD1 . ASN A 1 17 ? 19.662  -28.834 -9.787  1.00 126.49 ? 422 ASN A OD1 1 
ATOM   128 N ND2 . ASN A 1 17 ? 20.325  -27.946 -11.770 1.00 126.38 ? 422 ASN A ND2 1 
ATOM   129 N N   . LYS A 1 18 ? 16.556  -28.553 -8.685  1.00 134.97 ? 423 LYS A N   1 
ATOM   130 C CA  . LYS A 1 18 ? 16.245  -29.022 -7.314  1.00 137.08 ? 423 LYS A CA  1 
ATOM   131 C C   . LYS A 1 18 ? 17.353  -28.518 -6.390  1.00 132.32 ? 423 LYS A C   1 
ATOM   132 O O   . LYS A 1 18 ? 17.061  -28.049 -5.284  1.00 124.87 ? 423 LYS A O   1 
ATOM   133 C CB  . LYS A 1 18 ? 16.151  -30.550 -7.290  1.00 144.31 ? 423 LYS A CB  1 
ATOM   134 C CG  . LYS A 1 18 ? 15.618  -31.106 -5.979  1.00 149.91 ? 423 LYS A CG  1 
ATOM   135 C CD  . LYS A 1 18 ? 16.197  -32.442 -5.604  1.00 160.15 ? 423 LYS A CD  1 
ATOM   136 C CE  . LYS A 1 18 ? 16.544  -32.546 -4.132  1.00 163.97 ? 423 LYS A CE  1 
ATOM   137 N NZ  . LYS A 1 18 ? 17.432  -33.706 -3.867  1.00 167.99 ? 423 LYS A NZ  1 
ATOM   138 N N   . LYS A 1 19 ? 18.586  -28.627 -6.868  1.00 135.69 ? 424 LYS A N   1 
ATOM   139 C CA  . LYS A 1 19 ? 19.803  -28.195 -6.151  1.00 143.71 ? 424 LYS A CA  1 
ATOM   140 C C   . LYS A 1 19 ? 19.614  -26.766 -5.622  1.00 138.77 ? 424 LYS A C   1 
ATOM   141 O O   . LYS A 1 19 ? 19.832  -26.547 -4.418  1.00 133.55 ? 424 LYS A O   1 
ATOM   142 C CB  . LYS A 1 19 ? 20.990  -28.311 -7.115  1.00 155.17 ? 424 LYS A CB  1 
ATOM   143 C CG  . LYS A 1 19 ? 22.231  -27.502 -6.756  1.00 162.78 ? 424 LYS A CG  1 
ATOM   144 C CD  . LYS A 1 19 ? 22.927  -27.977 -5.506  1.00 168.81 ? 424 LYS A CD  1 
ATOM   145 C CE  . LYS A 1 19 ? 24.137  -27.140 -5.154  1.00 168.94 ? 424 LYS A CE  1 
ATOM   146 N NZ  . LYS A 1 19 ? 24.886  -27.739 -4.027  1.00 173.83 ? 424 LYS A NZ  1 
ATOM   147 N N   . VAL A 1 20 ? 19.217  -25.841 -6.500  1.00 136.24 ? 425 VAL A N   1 
ATOM   148 C CA  . VAL A 1 20 ? 19.472  -24.375 -6.373  1.00 128.79 ? 425 VAL A CA  1 
ATOM   149 C C   . VAL A 1 20 ? 18.299  -23.720 -5.659  1.00 123.92 ? 425 VAL A C   1 
ATOM   150 O O   . VAL A 1 20 ? 18.537  -22.923 -4.748  1.00 121.80 ? 425 VAL A O   1 
ATOM   151 C CB  . VAL A 1 20 ? 19.680  -23.742 -7.757  1.00 128.30 ? 425 VAL A CB  1 
ATOM   152 C CG1 . VAL A 1 20 ? 19.614  -22.226 -7.686  1.00 123.83 ? 425 VAL A CG1 1 
ATOM   153 C CG2 . VAL A 1 20 ? 20.973  -24.233 -8.408  1.00 132.00 ? 425 VAL A CG2 1 
ATOM   154 N N   . ASN A 1 21 ? 17.094  -24.013 -6.132  1.00 125.89 ? 426 ASN A N   1 
ATOM   155 C CA  . ASN A 1 21 ? 15.836  -23.643 -5.451  1.00 129.62 ? 426 ASN A CA  1 
ATOM   156 C C   . ASN A 1 21 ? 15.894  -22.155 -5.058  1.00 127.92 ? 426 ASN A C   1 
ATOM   157 O O   . ASN A 1 21 ? 15.895  -21.829 -3.846  1.00 125.48 ? 426 ASN A O   1 
ATOM   158 C CB  . ASN A 1 21 ? 15.599  -24.594 -4.277  1.00 134.41 ? 426 ASN A CB  1 
ATOM   159 C CG  . ASN A 1 21 ? 14.149  -24.603 -3.852  1.00 137.48 ? 426 ASN A CG  1 
ATOM   160 O OD1 . ASN A 1 21 ? 13.818  -25.047 -2.757  1.00 142.33 ? 426 ASN A OD1 1 
ATOM   161 N ND2 . ASN A 1 21 ? 13.276  -24.090 -4.703  1.00 135.85 ? 426 ASN A ND2 1 
ATOM   162 N N   . LEU A 1 22 ? 15.948  -21.279 -6.062  1.00 121.72 ? 427 LEU A N   1 
ATOM   163 C CA  . LEU A 1 22 ? 15.771  -19.810 -5.912  1.00 113.12 ? 427 LEU A CA  1 
ATOM   164 C C   . LEU A 1 22 ? 14.319  -19.419 -6.193  1.00 108.33 ? 427 LEU A C   1 
ATOM   165 O O   . LEU A 1 22 ? 13.978  -18.226 -6.031  1.00 95.87  ? 427 LEU A O   1 
ATOM   166 C CB  . LEU A 1 22 ? 16.688  -19.111 -6.914  1.00 113.30 ? 427 LEU A CB  1 
ATOM   167 C CG  . LEU A 1 22 ? 18.165  -19.146 -6.564  1.00 114.92 ? 427 LEU A CG  1 
ATOM   168 C CD1 . LEU A 1 22 ? 18.915  -18.114 -7.379  1.00 113.28 ? 427 LEU A CD1 1 
ATOM   169 C CD2 . LEU A 1 22 ? 18.358  -18.908 -5.077  1.00 118.97 ? 427 LEU A CD2 1 
ATOM   170 N N   . ILE A 1 23 ? 13.508  -20.375 -6.647  1.00 106.80 ? 428 ILE A N   1 
ATOM   171 C CA  . ILE A 1 23 ? 12.185  -20.083 -7.257  1.00 102.09 ? 428 ILE A CA  1 
ATOM   172 C C   . ILE A 1 23 ? 11.134  -20.909 -6.537  1.00 101.76 ? 428 ILE A C   1 
ATOM   173 O O   . ILE A 1 23 ? 11.092  -22.106 -6.736  1.00 104.03 ? 428 ILE A O   1 
ATOM   174 C CB  . ILE A 1 23 ? 12.201  -20.359 -8.765  1.00 101.42 ? 428 ILE A CB  1 
ATOM   175 C CG1 . ILE A 1 23 ? 13.064  -19.331 -9.504  1.00 102.68 ? 428 ILE A CG1 1 
ATOM   176 C CG2 . ILE A 1 23 ? 10.785  -20.382 -9.282  1.00 101.07 ? 428 ILE A CG2 1 
ATOM   177 C CD1 . ILE A 1 23 ? 12.995  -19.395 -11.022 1.00 102.17 ? 428 ILE A CD1 1 
ATOM   178 N N   . LYS A 1 24 ? 10.337  -20.257 -5.713  1.00 102.05 ? 429 LYS A N   1 
ATOM   179 C CA  . LYS A 1 24 ? 9.306   -20.915 -4.898  1.00 105.19 ? 429 LYS A CA  1 
ATOM   180 C C   . LYS A 1 24 ? 8.061   -20.063 -5.015  1.00 102.03 ? 429 LYS A C   1 
ATOM   181 O O   . LYS A 1 24 ? 8.183   -18.901 -5.462  1.00 94.21  ? 429 LYS A O   1 
ATOM   182 C CB  . LYS A 1 24 ? 9.719   -20.981 -3.429  1.00 113.60 ? 429 LYS A CB  1 
ATOM   183 C CG  . LYS A 1 24 ? 11.219  -20.933 -3.163  1.00 125.87 ? 429 LYS A CG  1 
ATOM   184 C CD  . LYS A 1 24 ? 11.561  -21.046 -1.692  1.00 138.50 ? 429 LYS A CD  1 
ATOM   185 C CE  . LYS A 1 24 ? 10.566  -21.905 -0.930  1.00 154.87 ? 429 LYS A CE  1 
ATOM   186 N NZ  . LYS A 1 24 ? 11.189  -22.627 0.208   1.00 168.56 ? 429 LYS A NZ  1 
ATOM   187 N N   . ASP A 1 25 ? 6.933   -20.648 -4.628  1.00 103.09 ? 430 ASP A N   1 
ATOM   188 C CA  . ASP A 1 25 ? 5.733   -19.910 -4.175  1.00 102.02 ? 430 ASP A CA  1 
ATOM   189 C C   . ASP A 1 25 ? 6.128   -19.077 -2.952  1.00 102.95 ? 430 ASP A C   1 
ATOM   190 O O   . ASP A 1 25 ? 6.998   -19.520 -2.161  1.00 98.24  ? 430 ASP A O   1 
ATOM   191 C CB  . ASP A 1 25 ? 4.580   -20.863 -3.859  1.00 103.86 ? 430 ASP A CB  1 
ATOM   192 C CG  . ASP A 1 25 ? 4.222   -21.710 -5.057  1.00 108.49 ? 430 ASP A CG  1 
ATOM   193 O OD1 . ASP A 1 25 ? 4.862   -21.476 -6.104  1.00 109.99 ? 430 ASP A OD1 1 
ATOM   194 O OD2 . ASP A 1 25 ? 3.334   -22.601 -4.934  1.00 114.25 ? 430 ASP A OD2 1 
ATOM   195 N N   . ARG A 1 26 ? 5.501   -17.910 -2.806  1.00 103.94 ? 431 ARG A N   1 
ATOM   196 C CA  . ARG A 1 26 ? 5.762   -16.980 -1.683  1.00 101.53 ? 431 ARG A CA  1 
ATOM   197 C C   . ARG A 1 26 ? 4.433   -16.381 -1.192  1.00 98.06  ? 431 ARG A C   1 
ATOM   198 O O   . ARG A 1 26 ? 3.862   -15.568 -1.885  1.00 91.91  ? 431 ARG A O   1 
ATOM   199 C CB  . ARG A 1 26 ? 6.816   -15.989 -2.174  1.00 98.90  ? 431 ARG A CB  1 
ATOM   200 C CG  . ARG A 1 26 ? 8.080   -16.664 -2.693  1.00 99.04  ? 431 ARG A CG  1 
ATOM   201 C CD  . ARG A 1 26 ? 9.133   -15.620 -2.966  1.00 100.63 ? 431 ARG A CD  1 
ATOM   202 N NE  . ARG A 1 26 ? 10.203  -16.183 -3.756  1.00 103.06 ? 431 ARG A NE  1 
ATOM   203 C CZ  . ARG A 1 26 ? 11.277  -16.719 -3.238  1.00 104.65 ? 431 ARG A CZ  1 
ATOM   204 N NH1 . ARG A 1 26 ? 11.405  -16.721 -1.926  1.00 106.98 ? 431 ARG A NH1 1 
ATOM   205 N NH2 . ARG A 1 26 ? 12.215  -17.240 -4.013  1.00 107.39 ? 431 ARG A NH2 1 
ATOM   206 N N   . ARG A 1 27 ? 3.944   -16.834 -0.038  1.00 103.23 ? 432 ARG A N   1 
ATOM   207 C CA  . ARG A 1 27 ? 2.821   -16.217 0.701   1.00 104.90 ? 432 ARG A CA  1 
ATOM   208 C C   . ARG A 1 27 ? 3.150   -14.748 0.924   1.00 101.28 ? 432 ARG A C   1 
ATOM   209 O O   . ARG A 1 27 ? 4.352   -14.414 0.992   1.00 103.75 ? 432 ARG A O   1 
ATOM   210 C CB  . ARG A 1 27 ? 2.611   -16.852 2.075   1.00 113.59 ? 432 ARG A CB  1 
ATOM   211 C CG  . ARG A 1 27 ? 2.023   -18.252 2.042   1.00 123.74 ? 432 ARG A CG  1 
ATOM   212 C CD  . ARG A 1 27 ? 1.632   -18.742 3.426   1.00 138.81 ? 432 ARG A CD  1 
ATOM   213 N NE  . ARG A 1 27 ? 0.358   -19.446 3.328   1.00 154.08 ? 432 ARG A NE  1 
ATOM   214 C CZ  . ARG A 1 27 ? 0.197   -20.717 2.940   1.00 162.62 ? 432 ARG A CZ  1 
ATOM   215 N NH1 . ARG A 1 27 ? 1.240   -21.471 2.626   1.00 162.75 ? 432 ARG A NH1 1 
ATOM   216 N NH2 . ARG A 1 27 ? -1.021  -21.230 2.870   1.00 169.62 ? 432 ARG A NH2 1 
ATOM   217 N N   . ARG A 1 28 ? 2.106   -13.924 1.031   1.00 101.42 ? 433 ARG A N   1 
ATOM   218 C CA  . ARG A 1 28 ? 2.209   -12.489 1.374   1.00 91.31  ? 433 ARG A CA  1 
ATOM   219 C C   . ARG A 1 28 ? 1.099   -12.105 2.339   1.00 95.82  ? 433 ARG A C   1 
ATOM   220 O O   . ARG A 1 28 ? -0.082  -12.440 2.048   1.00 100.01 ? 433 ARG A O   1 
ATOM   221 C CB  . ARG A 1 28 ? 2.085   -11.659 0.113   1.00 84.18  ? 433 ARG A CB  1 
ATOM   222 C CG  . ARG A 1 28 ? 3.237   -11.882 -0.843  1.00 80.99  ? 433 ARG A CG  1 
ATOM   223 C CD  . ARG A 1 28 ? 3.147   -10.865 -1.959  1.00 81.07  ? 433 ARG A CD  1 
ATOM   224 N NE  . ARG A 1 28 ? 1.939   -11.014 -2.756  1.00 81.03  ? 433 ARG A NE  1 
ATOM   225 C CZ  . ARG A 1 28 ? 1.626   -10.254 -3.804  1.00 82.44  ? 433 ARG A CZ  1 
ATOM   226 N NH1 . ARG A 1 28 ? 2.414   -9.265  -4.206  1.00 85.59  ? 433 ARG A NH1 1 
ATOM   227 N NH2 . ARG A 1 28 ? 0.502   -10.485 -4.443  1.00 85.29  ? 433 ARG A NH2 1 
ATOM   228 N N   . LYS A 1 29 ? 1.498   -11.424 3.419   1.00 101.19 ? 434 LYS A N   1 
ATOM   229 C CA  . LYS A 1 29 ? 0.622   -10.970 4.525   1.00 105.63 ? 434 LYS A CA  1 
ATOM   230 C C   . LYS A 1 29 ? 0.689   -9.444  4.609   1.00 104.44 ? 434 LYS A C   1 
ATOM   231 O O   . LYS A 1 29 ? 1.779   -8.851  4.441   1.00 104.45 ? 434 LYS A O   1 
ATOM   232 C CB  . LYS A 1 29 ? 1.018   -11.655 5.832   1.00 113.31 ? 434 LYS A CB  1 
ATOM   233 C CG  . LYS A 1 29 ? 0.849   -13.171 5.807   1.00 132.57 ? 434 LYS A CG  1 
ATOM   234 C CD  . LYS A 1 29 ? 2.095   -13.963 6.224   1.00 151.70 ? 434 LYS A CD  1 
ATOM   235 C CE  . LYS A 1 29 ? 2.475   -15.078 5.266   1.00 156.12 ? 434 LYS A CE  1 
ATOM   236 N NZ  . LYS A 1 29 ? 3.857   -15.557 5.517   1.00 158.26 ? 434 LYS A NZ  1 
ATOM   237 N N   . LEU A 1 30 ? -0.487  -8.848  4.761   1.00 104.15 ? 435 LEU A N   1 
ATOM   238 C CA  . LEU A 1 30 ? -0.682  -7.439  5.145   1.00 97.95  ? 435 LEU A CA  1 
ATOM   239 C C   . LEU A 1 30 ? -1.442  -7.453  6.457   1.00 100.47 ? 435 LEU A C   1 
ATOM   240 O O   . LEU A 1 30 ? -2.468  -8.167  6.522   1.00 111.16 ? 435 LEU A O   1 
ATOM   241 C CB  . LEU A 1 30 ? -1.501  -6.734  4.072   1.00 92.08  ? 435 LEU A CB  1 
ATOM   242 C CG  . LEU A 1 30 ? -0.694  -6.146  2.927   1.00 90.75  ? 435 LEU A CG  1 
ATOM   243 C CD1 . LEU A 1 30 ? -1.621  -5.779  1.794   1.00 96.37  ? 435 LEU A CD1 1 
ATOM   244 C CD2 . LEU A 1 30 ? 0.098   -4.920  3.356   1.00 89.20  ? 435 LEU A CD2 1 
ATOM   245 N N   . SER A 1 31 ? -0.939  -6.728  7.454   1.00 99.32  ? 436 SER A N   1 
ATOM   246 C CA  . SER A 1 31 ? -1.626  -6.591  8.754   1.00 98.42  ? 436 SER A CA  1 
ATOM   247 C C   . SER A 1 31 ? -3.026  -6.125  8.416   1.00 95.94  ? 436 SER A C   1 
ATOM   248 O O   . SER A 1 31 ? -3.140  -5.262  7.552   1.00 82.45  ? 436 SER A O   1 
ATOM   249 C CB  . SER A 1 31 ? -0.949  -5.628  9.658   1.00 98.92  ? 436 SER A CB  1 
ATOM   250 O OG  . SER A 1 31 ? -0.941  -4.346  9.067   1.00 89.55  ? 436 SER A OG  1 
ATOM   251 N N   . THR A 1 32 ? -4.028  -6.776  8.993   1.00 104.85 ? 437 THR A N   1 
ATOM   252 C CA  . THR A 1 32 ? -5.346  -6.153  9.217   1.00 104.27 ? 437 THR A CA  1 
ATOM   253 C C   . THR A 1 32 ? -5.130  -4.805  9.899   1.00 100.47 ? 437 THR A C   1 
ATOM   254 O O   . THR A 1 32 ? -4.339  -4.739  10.881  1.00 100.54 ? 437 THR A O   1 
ATOM   255 C CB  . THR A 1 32 ? -6.251  -6.967  10.135  1.00 104.54 ? 437 THR A CB  1 
ATOM   256 O OG1 . THR A 1 32 ? -6.615  -8.088  9.333   1.00 116.81 ? 437 THR A OG1 1 
ATOM   257 C CG2 . THR A 1 32 ? -7.442  -6.161  10.598  1.00 97.74  ? 437 THR A CG2 1 
ATOM   258 N N   . VAL A 1 33 ? -5.870  -3.822  9.399   1.00 96.17  ? 438 VAL A N   1 
ATOM   259 C CA  . VAL A 1 33 ? -5.850  -2.385  9.771   1.00 94.78  ? 438 VAL A CA  1 
ATOM   260 C C   . VAL A 1 33 ? -6.894  -2.143  10.846  1.00 104.81 ? 438 VAL A C   1 
ATOM   261 O O   . VAL A 1 33 ? -8.014  -2.630  10.740  1.00 116.39 ? 438 VAL A O   1 
ATOM   262 C CB  . VAL A 1 33 ? -6.200  -1.523  8.551   1.00 92.98  ? 438 VAL A CB  1 
ATOM   263 C CG1 . VAL A 1 33 ? -5.986  -0.039  8.819   1.00 92.59  ? 438 VAL A CG1 1 
ATOM   264 C CG2 . VAL A 1 33 ? -5.453  -1.974  7.303   1.00 88.79  ? 438 VAL A CG2 1 
ATOM   265 N N   . PRO A 1 34 ? -6.596  -1.290  11.840  1.00 105.56 ? 439 PRO A N   1 
ATOM   266 C CA  . PRO A 1 34 ? -7.579  -0.901  12.841  1.00 103.77 ? 439 PRO A CA  1 
ATOM   267 C C   . PRO A 1 34 ? -8.686  -0.003  12.271  1.00 104.25 ? 439 PRO A C   1 
ATOM   268 O O   . PRO A 1 34 ? -8.795  0.119   11.079  1.00 104.73 ? 439 PRO A O   1 
ATOM   269 C CB  . PRO A 1 34 ? -6.794  -0.057  13.841  1.00 103.40 ? 439 PRO A CB  1 
ATOM   270 C CG  . PRO A 1 34 ? -5.351  -0.261  13.477  1.00 108.12 ? 439 PRO A CG  1 
ATOM   271 C CD  . PRO A 1 34 ? -5.315  -0.596  12.007  1.00 105.44 ? 439 PRO A CD  1 
ATOM   272 N N   . LYS A 1 35 ? -9.460  0.595   13.172  1.00 105.81 ? 440 LYS A N   1 
ATOM   273 C CA  . LYS A 1 35 ? -10.637 1.450   12.894  1.00 105.69 ? 440 LYS A CA  1 
ATOM   274 C C   . LYS A 1 35 ? -10.198 2.515   11.885  1.00 97.08  ? 440 LYS A C   1 
ATOM   275 O O   . LYS A 1 35 ? -9.399  3.367   12.261  1.00 91.48  ? 440 LYS A O   1 
ATOM   276 C CB  . LYS A 1 35 ? -11.167 1.999   14.227  1.00 115.90 ? 440 LYS A CB  1 
ATOM   277 C CG  . LYS A 1 35 ? -11.782 0.963   15.181  1.00 131.76 ? 440 LYS A CG  1 
ATOM   278 C CD  . LYS A 1 35 ? -10.887 0.574   16.362  1.00 145.08 ? 440 LYS A CD  1 
ATOM   279 C CE  . LYS A 1 35 ? -11.171 -0.787  16.981  1.00 152.24 ? 440 LYS A CE  1 
ATOM   280 N NZ  . LYS A 1 35 ? -10.006 -1.265  17.775  1.00 160.53 ? 440 LYS A NZ  1 
ATOM   281 N N   . CYS A 1 36 ? -10.657 2.417   10.633  1.00 92.29  ? 441 CYS A N   1 
ATOM   282 C CA  . CYS A 1 36 ? -10.218 3.284   9.503   1.00 88.87  ? 441 CYS A CA  1 
ATOM   283 C C   . CYS A 1 36 ? -11.342 3.434   8.482   1.00 88.65  ? 441 CYS A C   1 
ATOM   284 O O   . CYS A 1 36 ? -12.333 2.669   8.597   1.00 93.17  ? 441 CYS A O   1 
ATOM   285 C CB  . CYS A 1 36 ? -8.991  2.736   8.780   1.00 87.05  ? 441 CYS A CB  1 
ATOM   286 S SG  . CYS A 1 36 ? -9.291  1.189   7.884   1.00 84.84  ? 441 CYS A SG  1 
ATOM   287 N N   . PHE A 1 37 ? -11.162 4.345   7.517   1.00 84.14  ? 442 PHE A N   1 
ATOM   288 C CA  . PHE A 1 37 ? -12.237 4.804   6.606   1.00 90.77  ? 442 PHE A CA  1 
ATOM   289 C C   . PHE A 1 37 ? -11.707 4.976   5.185   1.00 88.35  ? 442 PHE A C   1 
ATOM   290 O O   . PHE A 1 37 ? -10.492 5.126   5.036   1.00 94.15  ? 442 PHE A O   1 
ATOM   291 C CB  . PHE A 1 37 ? -12.898 6.073   7.163   1.00 91.46  ? 442 PHE A CB  1 
ATOM   292 C CG  . PHE A 1 37 ? -12.089 7.340   7.108   1.00 87.11  ? 442 PHE A CG  1 
ATOM   293 C CD1 . PHE A 1 37 ? -11.210 7.665   8.124   1.00 85.45  ? 442 PHE A CD1 1 
ATOM   294 C CD2 . PHE A 1 37 ? -12.242 8.228   6.059   1.00 86.64  ? 442 PHE A CD2 1 
ATOM   295 C CE1 . PHE A 1 37 ? -10.496 8.852   8.095   1.00 85.10  ? 442 PHE A CE1 1 
ATOM   296 C CE2 . PHE A 1 37 ? -11.530 9.420   6.030   1.00 86.19  ? 442 PHE A CE2 1 
ATOM   297 C CZ  . PHE A 1 37 ? -10.661 9.734   7.051   1.00 85.16  ? 442 PHE A CZ  1 
ATOM   298 N N   . LEU A 1 38 ? -12.609 4.983   4.198   1.00 84.87  ? 443 LEU A N   1 
ATOM   299 C CA  . LEU A 1 38 ? -12.261 5.162   2.770   1.00 83.33  ? 443 LEU A CA  1 
ATOM   300 C C   . LEU A 1 38 ? -12.559 6.594   2.387   1.00 85.74  ? 443 LEU A C   1 
ATOM   301 O O   . LEU A 1 38 ? -13.623 7.090   2.821   1.00 91.03  ? 443 LEU A O   1 
ATOM   302 C CB  . LEU A 1 38 ? -13.086 4.197   1.941   1.00 86.14  ? 443 LEU A CB  1 
ATOM   303 C CG  . LEU A 1 38 ? -13.113 2.786   2.514   1.00 92.72  ? 443 LEU A CG  1 
ATOM   304 C CD1 . LEU A 1 38 ? -13.904 1.867   1.612   1.00 97.58  ? 443 LEU A CD1 1 
ATOM   305 C CD2 . LEU A 1 38 ? -11.710 2.248   2.704   1.00 93.29  ? 443 LEU A CD2 1 
ATOM   306 N N   . GLY A 1 39 ? -11.645 7.221   1.647   1.00 81.50  ? 444 GLY A N   1 
ATOM   307 C CA  . GLY A 1 39 ? -11.824 8.609   1.197   1.00 85.96  ? 444 GLY A CA  1 
ATOM   308 C C   . GLY A 1 39 ? -13.202 8.798   0.577   1.00 88.13  ? 444 GLY A C   1 
ATOM   309 O O   . GLY A 1 39 ? -13.985 9.617   1.079   1.00 94.68  ? 444 GLY A O   1 
ATOM   310 N N   . ASN A 1 40 ? -13.503 8.025   -0.462  1.00 89.31  ? 445 ASN A N   1 
ATOM   311 C CA  . ASN A 1 40 ? -14.747 8.123   -1.269  1.00 92.26  ? 445 ASN A CA  1 
ATOM   312 C C   . ASN A 1 40 ? -15.970 8.055   -0.358  1.00 93.25  ? 445 ASN A C   1 
ATOM   313 O O   . ASN A 1 40 ? -16.829 8.935   -0.507  1.00 98.35  ? 445 ASN A O   1 
ATOM   314 C CB  . ASN A 1 40 ? -14.814 7.009   -2.309  1.00 93.35  ? 445 ASN A CB  1 
ATOM   315 C CG  . ASN A 1 40 ? -14.648 5.651   -1.672  1.00 93.94  ? 445 ASN A CG  1 
ATOM   316 O OD1 . ASN A 1 40 ? -14.023 5.523   -0.622  1.00 101.76 ? 445 ASN A OD1 1 
ATOM   317 N ND2 . ASN A 1 40 ? -15.244 4.643   -2.267  1.00 95.69  ? 445 ASN A ND2 1 
ATOM   318 N N   . GLU A 1 41 ? -16.023 7.058   0.535   1.00 89.01  ? 446 GLU A N   1 
ATOM   319 C CA  . GLU A 1 41 ? -17.134 6.872   1.503   1.00 94.72  ? 446 GLU A CA  1 
ATOM   320 C C   . GLU A 1 41 ? -17.260 8.137   2.349   1.00 92.50  ? 446 GLU A C   1 
ATOM   321 O O   . GLU A 1 41 ? -18.378 8.564   2.652   1.00 95.33  ? 446 GLU A O   1 
ATOM   322 C CB  . GLU A 1 41 ? -16.894 5.678   2.430   1.00 98.83  ? 446 GLU A CB  1 
ATOM   323 C CG  . GLU A 1 41 ? -17.196 4.321   1.808   1.00 104.15 ? 446 GLU A CG  1 
ATOM   324 C CD  . GLU A 1 41 ? -17.130 3.117   2.752   1.00 111.79 ? 446 GLU A CD  1 
ATOM   325 O OE1 . GLU A 1 41 ? -16.824 3.306   3.960   1.00 120.15 ? 446 GLU A OE1 1 
ATOM   326 O OE2 . GLU A 1 41 ? -17.367 1.977   2.279   1.00 114.74 ? 446 GLU A OE2 1 
ATOM   327 N N   . PHE A 1 42 ? -16.132 8.707   2.727   1.00 88.41  ? 447 PHE A N   1 
ATOM   328 C CA  . PHE A 1 42 ? -16.101 9.878   3.623   1.00 89.50  ? 447 PHE A CA  1 
ATOM   329 C C   . PHE A 1 42 ? -16.703 11.080  2.896   1.00 92.74  ? 447 PHE A C   1 
ATOM   330 O O   . PHE A 1 42 ? -17.637 11.715  3.398   1.00 93.88  ? 447 PHE A O   1 
ATOM   331 C CB  . PHE A 1 42 ? -14.670 10.103  4.085   1.00 86.45  ? 447 PHE A CB  1 
ATOM   332 C CG  . PHE A 1 42 ? -14.400 11.483  4.623   1.00 90.44  ? 447 PHE A CG  1 
ATOM   333 C CD1 . PHE A 1 42 ? -14.783 11.842  5.904   1.00 92.94  ? 447 PHE A CD1 1 
ATOM   334 C CD2 . PHE A 1 42 ? -13.722 12.420  3.862   1.00 97.45  ? 447 PHE A CD2 1 
ATOM   335 C CE1 . PHE A 1 42 ? -14.499 13.105  6.409   1.00 94.54  ? 447 PHE A CE1 1 
ATOM   336 C CE2 . PHE A 1 42 ? -13.437 13.683  4.369   1.00 97.53  ? 447 PHE A CE2 1 
ATOM   337 C CZ  . PHE A 1 42 ? -13.816 14.020  5.646   1.00 94.67  ? 447 PHE A CZ  1 
ATOM   338 N N   . VAL A 1 43 ? -16.178 11.380  1.718   1.00 95.99  ? 448 VAL A N   1 
ATOM   339 C CA  . VAL A 1 43 ? -16.584 12.577  0.927   1.00 101.94 ? 448 VAL A CA  1 
ATOM   340 C C   . VAL A 1 43 ? -18.059 12.389  0.558   1.00 104.44 ? 448 VAL A C   1 
ATOM   341 O O   . VAL A 1 43 ? -18.795 13.401  0.494   1.00 105.12 ? 448 VAL A O   1 
ATOM   342 C CB  . VAL A 1 43 ? -15.697 12.751  -0.328  1.00 103.81 ? 448 VAL A CB  1 
ATOM   343 C CG1 . VAL A 1 43 ? -16.106 13.967  -1.153  1.00 106.13 ? 448 VAL A CG1 1 
ATOM   344 C CG2 . VAL A 1 43 ? -14.217 12.820  0.022   1.00 101.47 ? 448 VAL A CG2 1 
ATOM   345 N N   . ALA A 1 44 ? -18.443 11.134  0.292   1.00 101.51 ? 449 ALA A N   1 
ATOM   346 C CA  . ALA A 1 44 ? -19.819 10.727  -0.055  1.00 103.57 ? 449 ALA A CA  1 
ATOM   347 C C   . ALA A 1 44 ? -20.708 11.135  1.105   1.00 107.91 ? 449 ALA A C   1 
ATOM   348 O O   . ALA A 1 44 ? -21.664 11.910  0.887   1.00 112.53 ? 449 ALA A O   1 
ATOM   349 C CB  . ALA A 1 44 ? -19.901 9.244   -0.295  1.00 102.82 ? 449 ALA A CB  1 
ATOM   350 N N   . TRP A 1 45 ? -20.334 10.650  2.288   1.00 108.70 ? 450 TRP A N   1 
ATOM   351 C CA  . TRP A 1 45 ? -21.073 10.828  3.560   1.00 112.69 ? 450 TRP A CA  1 
ATOM   352 C C   . TRP A 1 45 ? -21.281 12.314  3.863   1.00 109.79 ? 450 TRP A C   1 
ATOM   353 O O   . TRP A 1 45 ? -22.379 12.661  4.298   1.00 111.97 ? 450 TRP A O   1 
ATOM   354 C CB  . TRP A 1 45 ? -20.352 10.132  4.720   1.00 115.78 ? 450 TRP A CB  1 
ATOM   355 C CG  . TRP A 1 45 ? -20.855 10.577  6.060   1.00 118.50 ? 450 TRP A CG  1 
ATOM   356 C CD1 . TRP A 1 45 ? -22.082 10.336  6.612   1.00 119.48 ? 450 TRP A CD1 1 
ATOM   357 C CD2 . TRP A 1 45 ? -20.145 11.387  7.007   1.00 116.24 ? 450 TRP A CD2 1 
ATOM   358 N NE1 . TRP A 1 45 ? -22.171 10.920  7.847   1.00 116.50 ? 450 TRP A NE1 1 
ATOM   359 C CE2 . TRP A 1 45 ? -21.001 11.575  8.111   1.00 115.02 ? 450 TRP A CE2 1 
ATOM   360 C CE3 . TRP A 1 45 ? -18.866 11.956  7.028   1.00 117.59 ? 450 TRP A CE3 1 
ATOM   361 C CZ2 . TRP A 1 45 ? -20.619 12.316  9.224   1.00 118.75 ? 450 TRP A CZ2 1 
ATOM   362 C CZ3 . TRP A 1 45 ? -18.487 12.685  8.133   1.00 121.32 ? 450 TRP A CZ3 1 
ATOM   363 C CH2 . TRP A 1 45 ? -19.360 12.870  9.210   1.00 122.65 ? 450 TRP A CH2 1 
ATOM   364 N N   . LEU A 1 46 ? -20.254 13.140  3.691   1.00 105.86 ? 451 LEU A N   1 
ATOM   365 C CA  . LEU A 1 46 ? -20.332 14.593  3.976   1.00 108.41 ? 451 LEU A CA  1 
ATOM   366 C C   . LEU A 1 46 ? -21.444 15.204  3.125   1.00 111.73 ? 451 LEU A C   1 
ATOM   367 O O   . LEU A 1 46 ? -21.983 16.245  3.520   1.00 114.22 ? 451 LEU A O   1 
ATOM   368 C CB  . LEU A 1 46 ? -18.999 15.243  3.617   1.00 112.04 ? 451 LEU A CB  1 
ATOM   369 C CG  . LEU A 1 46 ? -17.790 14.876  4.457   1.00 113.12 ? 451 LEU A CG  1 
ATOM   370 C CD1 . LEU A 1 46 ? -16.564 15.606  3.934   1.00 111.05 ? 451 LEU A CD1 1 
ATOM   371 C CD2 . LEU A 1 46 ? -18.037 15.203  5.917   1.00 117.10 ? 451 LEU A CD2 1 
ATOM   372 N N   . LEU A 1 47 ? -21.713 14.628  1.952   1.00 113.74 ? 452 LEU A N   1 
ATOM   373 C CA  . LEU A 1 47 ? -22.719 15.169  1.004   1.00 117.95 ? 452 LEU A CA  1 
ATOM   374 C C   . LEU A 1 47 ? -24.103 14.748  1.487   1.00 119.14 ? 452 LEU A C   1 
ATOM   375 O O   . LEU A 1 47 ? -24.934 15.644  1.620   1.00 118.89 ? 452 LEU A O   1 
ATOM   376 C CB  . LEU A 1 47 ? -22.442 14.670  -0.421  1.00 119.73 ? 452 LEU A CB  1 
ATOM   377 C CG  . LEU A 1 47 ? -21.713 15.658  -1.336  1.00 122.10 ? 452 LEU A CG  1 
ATOM   378 C CD1 . LEU A 1 47 ? -21.430 15.023  -2.690  1.00 120.27 ? 452 LEU A CD1 1 
ATOM   379 C CD2 . LEU A 1 47 ? -22.476 16.983  -1.486  1.00 124.29 ? 452 LEU A CD2 1 
ATOM   380 N N   . GLU A 1 48 ? -24.296 13.445  1.749   1.00 122.14 ? 453 GLU A N   1 
ATOM   381 C CA  . GLU A 1 48 ? -25.525 12.837  2.335   1.00 129.24 ? 453 GLU A CA  1 
ATOM   382 C C   . GLU A 1 48 ? -25.981 13.719  3.497   1.00 127.84 ? 453 GLU A C   1 
ATOM   383 O O   . GLU A 1 48 ? -27.195 13.908  3.638   1.00 136.97 ? 453 GLU A O   1 
ATOM   384 C CB  . GLU A 1 48 ? -25.295 11.414  2.867   1.00 139.70 ? 453 GLU A CB  1 
ATOM   385 C CG  . GLU A 1 48 ? -24.919 10.370  1.809   1.00 152.70 ? 453 GLU A CG  1 
ATOM   386 C CD  . GLU A 1 48 ? -24.126 9.143   2.279   1.00 155.86 ? 453 GLU A CD  1 
ATOM   387 O OE1 . GLU A 1 48 ? -24.659 8.373   3.124   1.00 159.35 ? 453 GLU A OE1 1 
ATOM   388 O OE2 . GLU A 1 48 ? -22.972 8.942   1.787   1.00 147.84 ? 453 GLU A OE2 1 
ATOM   389 N N   . ILE A 1 49 ? -25.031 14.250  4.272   1.00 123.11 ? 454 ILE A N   1 
ATOM   390 C CA  . ILE A 1 49 ? -25.272 15.122  5.463   1.00 123.21 ? 454 ILE A CA  1 
ATOM   391 C C   . ILE A 1 49 ? -25.175 16.614  5.084   1.00 123.23 ? 454 ILE A C   1 
ATOM   392 O O   . ILE A 1 49 ? -25.520 17.448  5.923   1.00 118.38 ? 454 ILE A O   1 
ATOM   393 C CB  . ILE A 1 49 ? -24.309 14.732  6.610   1.00 122.01 ? 454 ILE A CB  1 
ATOM   394 C CG1 . ILE A 1 49 ? -22.847 15.122  6.345   1.00 122.08 ? 454 ILE A CG1 1 
ATOM   395 C CG2 . ILE A 1 49 ? -24.445 13.245  6.904   1.00 120.83 ? 454 ILE A CG2 1 
ATOM   396 C CD1 . ILE A 1 49 ? -22.150 15.818  7.498   1.00 121.32 ? 454 ILE A CD1 1 
ATOM   397 N N   . GLY A 1 50 ? -24.712 16.947  3.877   1.00 129.04 ? 455 GLY A N   1 
ATOM   398 C CA  . GLY A 1 50 ? -24.536 18.333  3.405   1.00 133.11 ? 455 GLY A CA  1 
ATOM   399 C C   . GLY A 1 50 ? -23.808 19.225  4.407   1.00 135.19 ? 455 GLY A C   1 
ATOM   400 O O   . GLY A 1 50 ? -24.387 20.256  4.781   1.00 132.32 ? 455 GLY A O   1 
ATOM   401 N N   . GLU A 1 51 ? -22.595 18.858  4.849   1.00 137.74 ? 456 GLU A N   1 
ATOM   402 C CA  . GLU A 1 51 ? -21.626 19.839  5.415   1.00 140.28 ? 456 GLU A CA  1 
ATOM   403 C C   . GLU A 1 51 ? -20.612 20.150  4.308   1.00 137.51 ? 456 GLU A C   1 
ATOM   404 O O   . GLU A 1 51 ? -19.743 20.983  4.556   1.00 142.56 ? 456 GLU A O   1 
ATOM   405 C CB  . GLU A 1 51 ? -21.005 19.393  6.752   1.00 141.48 ? 456 GLU A CB  1 
ATOM   406 C CG  . GLU A 1 51 ? -21.829 19.766  8.009   1.00 152.42 ? 456 GLU A CG  1 
ATOM   407 C CD  . GLU A 1 51 ? -22.238 21.224  8.293   1.00 157.81 ? 456 GLU A CD  1 
ATOM   408 O OE1 . GLU A 1 51 ? -21.353 22.099  8.295   1.00 163.24 ? 456 GLU A OE1 1 
ATOM   409 O OE2 . GLU A 1 51 ? -23.448 21.491  8.550   1.00 150.06 ? 456 GLU A OE2 1 
ATOM   410 N N   . ILE A 1 52 ? -20.778 19.537  3.126   1.00 139.58 ? 457 ILE A N   1 
ATOM   411 C CA  . ILE A 1 52 ? -20.105 19.878  1.828   1.00 139.98 ? 457 ILE A CA  1 
ATOM   412 C C   . ILE A 1 52 ? -21.205 20.327  0.854   1.00 142.29 ? 457 ILE A C   1 
ATOM   413 O O   . ILE A 1 52 ? -22.210 19.575  0.694   1.00 135.15 ? 457 ILE A O   1 
ATOM   414 C CB  . ILE A 1 52 ? -19.342 18.688  1.193   1.00 140.20 ? 457 ILE A CB  1 
ATOM   415 C CG1 . ILE A 1 52 ? -20.106 17.375  1.391   1.00 150.65 ? 457 ILE A CG1 1 
ATOM   416 C CG2 . ILE A 1 52 ? -17.908 18.571  1.665   1.00 127.85 ? 457 ILE A CG2 1 
ATOM   417 C CD1 . ILE A 1 52 ? -19.373 16.154  0.884   1.00 145.53 ? 457 ILE A CD1 1 
ATOM   418 N N   . SER A 1 53 ? -21.016 21.478  0.201   1.00 144.04 ? 458 SER A N   1 
ATOM   419 C CA  . SER A 1 53 ? -21.835 21.921  -0.958  1.00 145.21 ? 458 SER A CA  1 
ATOM   420 C C   . SER A 1 53 ? -21.525 20.998  -2.143  1.00 141.30 ? 458 SER A C   1 
ATOM   421 O O   . SER A 1 53 ? -22.468 20.509  -2.759  1.00 142.45 ? 458 SER A O   1 
ATOM   422 C CB  . SER A 1 53 ? -21.607 23.380  -1.305  1.00 148.94 ? 458 SER A CB  1 
ATOM   423 O OG  . SER A 1 53 ? -21.377 24.159  -0.138  1.00 152.80 ? 458 SER A OG  1 
ATOM   424 N N   . LYS A 1 54 ? -20.245 20.738  -2.420  1.00 136.37 ? 459 LYS A N   1 
ATOM   425 C CA  . LYS A 1 54 ? -19.783 20.001  -3.626  1.00 135.55 ? 459 LYS A CA  1 
ATOM   426 C C   . LYS A 1 54 ? -18.626 19.075  -3.261  1.00 130.46 ? 459 LYS A C   1 
ATOM   427 O O   . LYS A 1 54 ? -18.153 19.091  -2.106  1.00 132.38 ? 459 LYS A O   1 
ATOM   428 C CB  . LYS A 1 54 ? -19.367 21.007  -4.699  1.00 141.70 ? 459 LYS A CB  1 
ATOM   429 C CG  . LYS A 1 54 ? -20.357 22.153  -4.808  1.00 158.37 ? 459 LYS A CG  1 
ATOM   430 C CD  . LYS A 1 54 ? -20.176 23.102  -5.963  1.00 168.41 ? 459 LYS A CD  1 
ATOM   431 C CE  . LYS A 1 54 ? -21.429 23.941  -6.163  1.00 170.50 ? 459 LYS A CE  1 
ATOM   432 N NZ  . LYS A 1 54 ? -21.264 24.972  -7.213  1.00 173.34 ? 459 LYS A NZ  1 
ATOM   433 N N   . THR A 1 55 ? -18.177 18.282  -4.218  1.00 122.75 ? 460 THR A N   1 
ATOM   434 C CA  . THR A 1 55 ? -17.152 17.254  -3.952  1.00 120.96 ? 460 THR A CA  1 
ATOM   435 C C   . THR A 1 55 ? -15.816 17.899  -3.612  1.00 120.95 ? 460 THR A C   1 
ATOM   436 O O   . THR A 1 55 ? -15.136 17.425  -2.696  1.00 120.19 ? 460 THR A O   1 
ATOM   437 C CB  . THR A 1 55 ? -16.957 16.341  -5.157  1.00 120.03 ? 460 THR A CB  1 
ATOM   438 O OG1 . THR A 1 55 ? -18.031 15.418  -5.024  1.00 122.82 ? 460 THR A OG1 1 
ATOM   439 C CG2 . THR A 1 55 ? -15.618 15.636  -5.170  1.00 116.14 ? 460 THR A CG2 1 
ATOM   440 N N   . GLU A 1 56 ? -15.415 18.895  -4.385  1.00 126.99 ? 461 GLU A N   1 
ATOM   441 C CA  . GLU A 1 56 ? -14.037 19.429  -4.312  1.00 131.63 ? 461 GLU A CA  1 
ATOM   442 C C   . GLU A 1 56 ? -13.895 20.093  -2.948  1.00 121.53 ? 461 GLU A C   1 
ATOM   443 O O   . GLU A 1 56 ? -12.768 20.291  -2.495  1.00 112.88 ? 461 GLU A O   1 
ATOM   444 C CB  . GLU A 1 56 ? -13.751 20.338  -5.509  1.00 149.80 ? 461 GLU A CB  1 
ATOM   445 C CG  . GLU A 1 56 ? -13.279 19.576  -6.754  1.00 166.53 ? 461 GLU A CG  1 
ATOM   446 C CD  . GLU A 1 56 ? -14.050 18.321  -7.169  1.00 178.75 ? 461 GLU A CD  1 
ATOM   447 O OE1 . GLU A 1 56 ? -15.202 18.463  -7.673  1.00 185.90 ? 461 GLU A OE1 1 
ATOM   448 O OE2 . GLU A 1 56 ? -13.484 17.192  -7.004  1.00 176.37 ? 461 GLU A OE2 1 
ATOM   449 N N   . GLU A 1 57 ? -15.018 20.382  -2.297  1.00 125.33 ? 462 GLU A N   1 
ATOM   450 C CA  . GLU A 1 57 ? -15.022 20.857  -0.890  1.00 127.08 ? 462 GLU A CA  1 
ATOM   451 C C   . GLU A 1 57 ? -14.544 19.722  0.016   1.00 122.47 ? 462 GLU A C   1 
ATOM   452 O O   . GLU A 1 57 ? -13.704 19.978  0.897   1.00 123.51 ? 462 GLU A O   1 
ATOM   453 C CB  . GLU A 1 57 ? -16.402 21.358  -0.486  1.00 129.59 ? 462 GLU A CB  1 
ATOM   454 C CG  . GLU A 1 57 ? -16.493 22.860  -0.535  1.00 132.40 ? 462 GLU A CG  1 
ATOM   455 C CD  . GLU A 1 57 ? -17.897 23.321  -0.252  1.00 136.99 ? 462 GLU A CD  1 
ATOM   456 O OE1 . GLU A 1 57 ? -18.744 23.135  -1.142  1.00 140.66 ? 462 GLU A OE1 1 
ATOM   457 O OE2 . GLU A 1 57 ? -18.138 23.806  0.869   1.00 137.11 ? 462 GLU A OE2 1 
ATOM   458 N N   . GLY A 1 58 ? -15.062 18.516  -0.213  1.00 118.59 ? 463 GLY A N   1 
ATOM   459 C CA  . GLY A 1 58 ? -14.737 17.324  0.586   1.00 111.61 ? 463 GLY A CA  1 
ATOM   460 C C   . GLY A 1 58 ? -13.279 16.957  0.458   1.00 104.59 ? 463 GLY A C   1 
ATOM   461 O O   . GLY A 1 58 ? -12.644 16.670  1.487   1.00 103.37 ? 463 GLY A O   1 
ATOM   462 N N   . VAL A 1 59 ? -12.758 16.977  -0.765  1.00 102.89 ? 464 VAL A N   1 
ATOM   463 C CA  . VAL A 1 59 ? -11.328 16.657  -1.024  1.00 99.57  ? 464 VAL A CA  1 
ATOM   464 C C   . VAL A 1 59 ? -10.489 17.710  -0.311  1.00 97.29  ? 464 VAL A C   1 
ATOM   465 O O   . VAL A 1 59 ? -9.675  17.342  0.556   1.00 98.95  ? 464 VAL A O   1 
ATOM   466 C CB  . VAL A 1 59 ? -11.006 16.617  -2.520  1.00 100.76 ? 464 VAL A CB  1 
ATOM   467 C CG1 . VAL A 1 59 ? -9.513  16.472  -2.725  1.00 103.07 ? 464 VAL A CG1 1 
ATOM   468 C CG2 . VAL A 1 59 ? -11.781 15.514  -3.228  1.00 100.82 ? 464 VAL A CG2 1 
ATOM   469 N N   . ASN A 1 60 ? -10.724 18.975  -0.643  1.00 97.96  ? 465 ASN A N   1 
ATOM   470 C CA  . ASN A 1 60 ? -10.000 20.119  -0.036  1.00 100.83 ? 465 ASN A CA  1 
ATOM   471 C C   . ASN A 1 60 ? -9.977  19.960  1.470   1.00 96.65  ? 465 ASN A C   1 
ATOM   472 O O   . ASN A 1 60 ? -8.926  20.203  2.056   1.00 103.87 ? 465 ASN A O   1 
ATOM   473 C CB  . ASN A 1 60 ? -10.605 21.465  -0.406  1.00 103.47 ? 465 ASN A CB  1 
ATOM   474 C CG  . ASN A 1 60 ? -10.149 21.880  -1.780  1.00 109.14 ? 465 ASN A CG  1 
ATOM   475 O OD1 . ASN A 1 60 ? -9.309  21.212  -2.396  1.00 119.87 ? 465 ASN A OD1 1 
ATOM   476 N ND2 . ASN A 1 60 ? -10.709 22.968  -2.262  1.00 113.79 ? 465 ASN A ND2 1 
ATOM   477 N N   . LEU A 1 61 ? -11.091 19.547  2.051   1.00 94.47  ? 466 LEU A N   1 
ATOM   478 C CA  . LEU A 1 61 ? -11.193 19.396  3.518   1.00 98.85  ? 466 LEU A CA  1 
ATOM   479 C C   . LEU A 1 61 ? -10.291 18.243  3.945   1.00 95.86  ? 466 LEU A C   1 
ATOM   480 O O   . LEU A 1 61 ? -9.420  18.445  4.804   1.00 99.27  ? 466 LEU A O   1 
ATOM   481 C CB  . LEU A 1 61 ? -12.653 19.125  3.892   1.00 105.18 ? 466 LEU A CB  1 
ATOM   482 C CG  . LEU A 1 61 ? -12.887 18.679  5.336   1.00 104.19 ? 466 LEU A CG  1 
ATOM   483 C CD1 . LEU A 1 61 ? -12.404 19.740  6.313   1.00 106.40 ? 466 LEU A CD1 1 
ATOM   484 C CD2 . LEU A 1 61 ? -14.347 18.330  5.590   1.00 99.11  ? 466 LEU A CD2 1 
ATOM   485 N N   . GLY A 1 62 ? -10.510 17.069  3.365   1.00 94.41  ? 467 GLY A N   1 
ATOM   486 C CA  . GLY A 1 62 ? -9.702  15.877  3.673   1.00 92.43  ? 467 GLY A CA  1 
ATOM   487 C C   . GLY A 1 62 ? -8.230  16.165  3.492   1.00 89.10  ? 467 GLY A C   1 
ATOM   488 O O   . GLY A 1 62 ? -7.425  15.620  4.273   1.00 84.73  ? 467 GLY A O   1 
ATOM   489 N N   . GLN A 1 63 ? -7.910  16.974  2.478   1.00 88.11  ? 468 GLN A N   1 
ATOM   490 C CA  . GLN A 1 63 ? -6.520  17.342  2.144   1.00 90.80  ? 468 GLN A CA  1 
ATOM   491 C C   . GLN A 1 63 ? -5.988  18.143  3.320   1.00 91.83  ? 468 GLN A C   1 
ATOM   492 O O   . GLN A 1 63 ? -4.937  17.792  3.852   1.00 98.18  ? 468 GLN A O   1 
ATOM   493 C CB  . GLN A 1 63 ? -6.446  18.154  0.852   1.00 93.07  ? 468 GLN A CB  1 
ATOM   494 C CG  . GLN A 1 63 ? -5.030  18.600  0.500   1.00 92.29  ? 468 GLN A CG  1 
ATOM   495 C CD  . GLN A 1 63 ? -4.147  17.421  0.191   1.00 90.81  ? 468 GLN A CD  1 
ATOM   496 O OE1 . GLN A 1 63 ? -4.420  16.644  -0.724  1.00 99.58  ? 468 GLN A OE1 1 
ATOM   497 N NE2 . GLN A 1 63 ? -3.086  17.272  0.962   1.00 88.98  ? 468 GLN A NE2 1 
ATOM   498 N N   . ALA A 1 64 ? -6.721  19.172  3.702   1.00 92.76  ? 469 ALA A N   1 
ATOM   499 C CA  . ALA A 1 64 ? -6.450  19.987  4.902   1.00 100.20 ? 469 ALA A CA  1 
ATOM   500 C C   . ALA A 1 64 ? -6.096  19.077  6.075   1.00 99.33  ? 469 ALA A C   1 
ATOM   501 O O   . ALA A 1 64 ? -4.971  19.196  6.570   1.00 110.98 ? 469 ALA A O   1 
ATOM   502 C CB  . ALA A 1 64 ? -7.655  20.826  5.240   1.00 110.68 ? 469 ALA A CB  1 
ATOM   503 N N   . LEU A 1 65 ? -7.014  18.196  6.477   1.00 91.45  ? 470 LEU A N   1 
ATOM   504 C CA  . LEU A 1 65 ? -6.807  17.228  7.583   1.00 90.68  ? 470 LEU A CA  1 
ATOM   505 C C   . LEU A 1 65 ? -5.512  16.444  7.396   1.00 91.14  ? 470 LEU A C   1 
ATOM   506 O O   . LEU A 1 65 ? -4.770  16.215  8.370   1.00 87.54  ? 470 LEU A O   1 
ATOM   507 C CB  . LEU A 1 65 ? -7.954  16.232  7.547   1.00 93.94  ? 470 LEU A CB  1 
ATOM   508 C CG  . LEU A 1 65 ? -9.321  16.824  7.835   1.00 102.54 ? 470 LEU A CG  1 
ATOM   509 C CD1 . LEU A 1 65 ? -10.329 15.702  8.015   1.00 101.92 ? 470 LEU A CD1 1 
ATOM   510 C CD2 . LEU A 1 65 ? -9.269  17.735  9.058   1.00 105.42 ? 470 LEU A CD2 1 
ATOM   511 N N   . LEU A 1 66 ? -5.308  15.963  6.179   1.00 91.99  ? 471 LEU A N   1 
ATOM   512 C CA  . LEU A 1 66 ? -4.173  15.083  5.854   1.00 89.11  ? 471 LEU A CA  1 
ATOM   513 C C   . LEU A 1 66 ? -2.878  15.811  6.185   1.00 91.98  ? 471 LEU A C   1 
ATOM   514 O O   . LEU A 1 66 ? -2.020  15.206  6.867   1.00 96.66  ? 471 LEU A O   1 
ATOM   515 C CB  . LEU A 1 66 ? -4.214  14.718  4.370   1.00 86.07  ? 471 LEU A CB  1 
ATOM   516 C CG  . LEU A 1 66 ? -3.107  13.757  3.946   1.00 81.91  ? 471 LEU A CG  1 
ATOM   517 C CD1 . LEU A 1 66 ? -3.299  12.406  4.597   1.00 78.53  ? 471 LEU A CD1 1 
ATOM   518 C CD2 . LEU A 1 66 ? -3.025  13.606  2.433   1.00 85.10  ? 471 LEU A CD2 1 
ATOM   519 N N   . GLU A 1 67 ? -2.745  17.042  5.698   1.00 93.00  ? 472 GLU A N   1 
ATOM   520 C CA  . GLU A 1 67 ? -1.433  17.725  5.677   1.00 97.97  ? 472 GLU A CA  1 
ATOM   521 C C   . GLU A 1 67 ? -1.175  18.324  7.061   1.00 93.12  ? 472 GLU A C   1 
ATOM   522 O O   . GLU A 1 67 ? -0.079  18.842  7.258   1.00 90.21  ? 472 GLU A O   1 
ATOM   523 C CB  . GLU A 1 67 ? -1.282  18.714  4.510   1.00 104.52 ? 472 GLU A CB  1 
ATOM   524 C CG  . GLU A 1 67 ? -2.362  19.783  4.347   1.00 109.88 ? 472 GLU A CG  1 
ATOM   525 C CD  . GLU A 1 67 ? -2.285  20.505  3.003   1.00 114.24 ? 472 GLU A CD  1 
ATOM   526 O OE1 . GLU A 1 67 ? -2.409  21.753  2.961   1.00 118.70 ? 472 GLU A OE1 1 
ATOM   527 O OE2 . GLU A 1 67 ? -2.078  19.818  1.987   1.00 117.57 ? 472 GLU A OE2 1 
ATOM   528 N N   . ASN A 1 68 ? -2.094  18.179  8.014   1.00 94.61  ? 473 ASN A N   1 
ATOM   529 C CA  . ASN A 1 68 ? -1.810  18.560  9.425   1.00 102.29 ? 473 ASN A CA  1 
ATOM   530 C C   . ASN A 1 68 ? -1.748  17.344  10.330  1.00 99.90  ? 473 ASN A C   1 
ATOM   531 O O   . ASN A 1 68 ? -1.912  17.553  11.515  1.00 106.50 ? 473 ASN A O   1 
ATOM   532 C CB  . ASN A 1 68 ? -2.899  19.408  10.074  1.00 110.17 ? 473 ASN A CB  1 
ATOM   533 C CG  . ASN A 1 68 ? -3.555  20.357  9.106   1.00 119.08 ? 473 ASN A CG  1 
ATOM   534 O OD1 . ASN A 1 68 ? -2.934  21.332  8.713   1.00 124.37 ? 473 ASN A OD1 1 
ATOM   535 N ND2 . ASN A 1 68 ? -4.796  20.079  8.720   1.00 128.95 ? 473 ASN A ND2 1 
ATOM   536 N N   . GLY A 1 69 ? -1.667  16.131  9.790   1.00 98.72  ? 474 GLY A N   1 
ATOM   537 C CA  . GLY A 1 69 ? -1.559  14.888  10.577  1.00 94.28  ? 474 GLY A CA  1 
ATOM   538 C C   . GLY A 1 69 ? -2.811  14.571  11.384  1.00 92.86  ? 474 GLY A C   1 
ATOM   539 O O   . GLY A 1 69 ? -2.764  13.654  12.208  1.00 94.15  ? 474 GLY A O   1 
ATOM   540 N N   . ILE A 1 70 ? -3.921  15.265  11.166  1.00 96.20  ? 475 ILE A N   1 
ATOM   541 C CA  . ILE A 1 70 ? -5.178  14.961  11.913  1.00 99.96  ? 475 ILE A CA  1 
ATOM   542 C C   . ILE A 1 70 ? -5.738  13.635  11.402  1.00 96.06  ? 475 ILE A C   1 
ATOM   543 O O   . ILE A 1 70 ? -6.378  12.915  12.188  1.00 89.80  ? 475 ILE A O   1 
ATOM   544 C CB  . ILE A 1 70 ? -6.178  16.107  11.770  1.00 102.55 ? 475 ILE A CB  1 
ATOM   545 C CG1 . ILE A 1 70 ? -5.586  17.372  12.387  1.00 108.78 ? 475 ILE A CG1 1 
ATOM   546 C CG2 . ILE A 1 70 ? -7.522  15.733  12.371  1.00 105.30 ? 475 ILE A CG2 1 
ATOM   547 C CD1 . ILE A 1 70 ? -6.055  18.641  11.734  1.00 118.01 ? 475 ILE A CD1 1 
ATOM   548 N N   . ILE A 1 71 ? -5.491  13.359  10.123  1.00 93.83  ? 476 ILE A N   1 
ATOM   549 C CA  . ILE A 1 71 ? -5.550  11.990  9.561   1.00 91.64  ? 476 ILE A CA  1 
ATOM   550 C C   . ILE A 1 71 ? -4.228  11.689  8.880   1.00 90.58  ? 476 ILE A C   1 
ATOM   551 O O   . ILE A 1 71 ? -3.487  12.620  8.458   1.00 90.51  ? 476 ILE A O   1 
ATOM   552 C CB  . ILE A 1 71 ? -6.708  11.812  8.573   1.00 93.68  ? 476 ILE A CB  1 
ATOM   553 C CG1 . ILE A 1 71 ? -6.572  12.720  7.349   1.00 94.80  ? 476 ILE A CG1 1 
ATOM   554 C CG2 . ILE A 1 71 ? -8.028  12.027  9.275   1.00 97.71  ? 476 ILE A CG2 1 
ATOM   555 C CD1 . ILE A 1 71 ? -7.555  12.392  6.246   1.00 93.51  ? 476 ILE A CD1 1 
ATOM   556 N N   . HIS A 1 72 ? -4.015  10.397  8.728   1.00 88.62  ? 477 HIS A N   1 
ATOM   557 C CA  . HIS A 1 72 ? -2.803  9.816   8.137   1.00 85.39  ? 477 HIS A CA  1 
ATOM   558 C C   . HIS A 1 72 ? -3.258  8.745   7.160   1.00 83.28  ? 477 HIS A C   1 
ATOM   559 O O   . HIS A 1 72 ? -4.152  7.959   7.498   1.00 79.51  ? 477 HIS A O   1 
ATOM   560 C CB  . HIS A 1 72 ? -1.901  9.379   9.286   1.00 89.83  ? 477 HIS A CB  1 
ATOM   561 C CG  . HIS A 1 72 ? -2.153  8.042   9.886   1.00 88.62  ? 477 HIS A CG  1 
ATOM   562 N ND1 . HIS A 1 72 ? -2.810  7.902   11.062  1.00 91.31  ? 477 HIS A ND1 1 
ATOM   563 C CD2 . HIS A 1 72 ? -1.691  6.814   9.551   1.00 96.00  ? 477 HIS A CD2 1 
ATOM   564 C CE1 . HIS A 1 72 ? -2.792  6.626   11.409  1.00 102.87 ? 477 HIS A CE1 1 
ATOM   565 N NE2 . HIS A 1 72 ? -2.114  5.925   10.491  1.00 95.55  ? 477 HIS A NE2 1 
ATOM   566 N N   . HIS A 1 73 ? -2.706  8.765   5.958   1.00 82.17  ? 478 HIS A N   1 
ATOM   567 C CA  . HIS A 1 73 ? -2.990  7.708   4.961   1.00 81.74  ? 478 HIS A CA  1 
ATOM   568 C C   . HIS A 1 73 ? -2.406  6.404   5.466   1.00 80.09  ? 478 HIS A C   1 
ATOM   569 O O   . HIS A 1 73 ? -1.301  6.409   6.024   1.00 78.33  ? 478 HIS A O   1 
ATOM   570 C CB  . HIS A 1 73 ? -2.392  8.031   3.596   1.00 84.59  ? 478 HIS A CB  1 
ATOM   571 C CG  . HIS A 1 73 ? -2.395  6.904   2.618   1.00 86.35  ? 478 HIS A CG  1 
ATOM   572 N ND1 . HIS A 1 73 ? -1.236  6.418   2.067   1.00 79.91  ? 478 HIS A ND1 1 
ATOM   573 C CD2 . HIS A 1 73 ? -3.410  6.218   2.048   1.00 91.61  ? 478 HIS A CD2 1 
ATOM   574 C CE1 . HIS A 1 73 ? -1.533  5.476   1.203   1.00 84.11  ? 478 HIS A CE1 1 
ATOM   575 N NE2 . HIS A 1 73 ? -2.860  5.325   1.179   1.00 89.83  ? 478 HIS A NE2 1 
ATOM   576 N N   . VAL A 1 74 ? -3.135  5.338   5.219   1.00 82.29  ? 479 VAL A N   1 
ATOM   577 C CA  . VAL A 1 74 ? -2.726  3.948   5.530   1.00 84.03  ? 479 VAL A CA  1 
ATOM   578 C C   . VAL A 1 74 ? -1.993  3.345   4.328   1.00 85.08  ? 479 VAL A C   1 
ATOM   579 O O   . VAL A 1 74 ? -2.650  3.057   3.282   1.00 82.88  ? 479 VAL A O   1 
ATOM   580 C CB  . VAL A 1 74 ? -3.975  3.146   5.882   1.00 85.40  ? 479 VAL A CB  1 
ATOM   581 C CG1 . VAL A 1 74 ? -3.677  1.663   5.951   1.00 88.51  ? 479 VAL A CG1 1 
ATOM   582 C CG2 . VAL A 1 74 ? -4.597  3.669   7.158   1.00 87.26  ? 479 VAL A CG2 1 
ATOM   583 N N   . SER A 1 75 ? -0.697  3.110   4.535   1.00 88.59  ? 480 SER A N   1 
ATOM   584 C CA  . SER A 1 75 ? 0.281   2.560   3.568   1.00 87.35  ? 480 SER A CA  1 
ATOM   585 C C   . SER A 1 75 ? -0.054  1.097   3.247   1.00 94.20  ? 480 SER A C   1 
ATOM   586 O O   . SER A 1 75 ? -0.481  0.401   4.196   1.00 98.88  ? 480 SER A O   1 
ATOM   587 C CB  . SER A 1 75 ? 1.653   2.705   4.142   1.00 81.42  ? 480 SER A CB  1 
ATOM   588 O OG  . SER A 1 75 ? 2.567   1.883   3.441   1.00 82.89  ? 480 SER A OG  1 
ATOM   589 N N   . ASP A 1 76 ? 0.157   0.665   1.988   1.00 100.31 ? 481 ASP A N   1 
ATOM   590 C CA  . ASP A 1 76 ? -0.121  -0.704  1.448   1.00 108.47 ? 481 ASP A CA  1 
ATOM   591 C C   . ASP A 1 76 ? 1.181   -1.507  1.219   1.00 102.21 ? 481 ASP A C   1 
ATOM   592 O O   . ASP A 1 76 ? 1.149   -2.510  0.445   1.00 102.26 ? 481 ASP A O   1 
ATOM   593 C CB  . ASP A 1 76 ? -0.889  -0.602  0.128   1.00 123.92 ? 481 ASP A CB  1 
ATOM   594 C CG  . ASP A 1 76 ? -0.078  0.058   -0.986  1.00 135.79 ? 481 ASP A CG  1 
ATOM   595 O OD1 . ASP A 1 76 ? 0.456   1.175   -0.739  1.00 130.18 ? 481 ASP A OD1 1 
ATOM   596 O OD2 . ASP A 1 76 ? 0.037   -0.553  -2.083  1.00 145.39 ? 481 ASP A OD2 1 
ATOM   597 N N   . LYS A 1 77 ? 2.288   -1.083  1.842   1.00 94.55  ? 482 LYS A N   1 
ATOM   598 C CA  . LYS A 1 77 ? 3.625   -1.725  1.743   1.00 99.50  ? 482 LYS A CA  1 
ATOM   599 C C   . LYS A 1 77 ? 3.618   -2.965  2.617   1.00 92.17  ? 482 LYS A C   1 
ATOM   600 O O   . LYS A 1 77 ? 3.082   -2.881  3.693   1.00 92.63  ? 482 LYS A O   1 
ATOM   601 C CB  . LYS A 1 77 ? 4.730   -0.731  2.116   1.00 106.06 ? 482 LYS A CB  1 
ATOM   602 C CG  . LYS A 1 77 ? 4.896   0.380   1.084   1.00 115.05 ? 482 LYS A CG  1 
ATOM   603 C CD  . LYS A 1 77 ? 4.654   -0.122  -0.336  1.00 127.69 ? 482 LYS A CD  1 
ATOM   604 C CE  . LYS A 1 77 ? 4.051   0.879   -1.292  1.00 138.64 ? 482 LYS A CE  1 
ATOM   605 N NZ  . LYS A 1 77 ? 5.006   1.192   -2.378  1.00 153.82 ? 482 LYS A NZ  1 
ATOM   606 N N   . HIS A 1 78 ? 4.108   -4.095  2.133   1.00 90.46  ? 483 HIS A N   1 
ATOM   607 C CA  . HIS A 1 78 ? 3.884   -5.386  2.826   1.00 96.56  ? 483 HIS A CA  1 
ATOM   608 C C   . HIS A 1 78 ? 5.209   -5.923  3.357   1.00 94.45  ? 483 HIS A C   1 
ATOM   609 O O   . HIS A 1 78 ? 5.248   -7.031  3.922   1.00 97.35  ? 483 HIS A O   1 
ATOM   610 C CB  . HIS A 1 78 ? 3.186   -6.347  1.874   1.00 103.35 ? 483 HIS A CB  1 
ATOM   611 C CG  . HIS A 1 78 ? 4.103   -7.332  1.245   1.00 102.70 ? 483 HIS A CG  1 
ATOM   612 N ND1 . HIS A 1 78 ? 4.833   -7.020  0.107   1.00 104.90 ? 483 HIS A ND1 1 
ATOM   613 C CD2 . HIS A 1 78 ? 4.394   -8.605  1.587   1.00 99.08  ? 483 HIS A CD2 1 
ATOM   614 C CE1 . HIS A 1 78 ? 5.536   -8.072  -0.244  1.00 109.25 ? 483 HIS A CE1 1 
ATOM   615 N NE2 . HIS A 1 78 ? 5.290   -9.057  0.662   1.00 111.46 ? 483 HIS A NE2 1 
ATOM   616 N N   . GLN A 1 79 ? 6.232   -5.102  3.231   1.00 91.60  ? 484 GLN A N   1 
ATOM   617 C CA  . GLN A 1 79 ? 7.621   -5.545  3.039   1.00 92.74  ? 484 GLN A CA  1 
ATOM   618 C C   . GLN A 1 79 ? 8.476   -4.640  3.932   1.00 89.29  ? 484 GLN A C   1 
ATOM   619 O O   . GLN A 1 79 ? 8.641   -3.476  3.588   1.00 87.02  ? 484 GLN A O   1 
ATOM   620 C CB  . GLN A 1 79 ? 7.860   -5.468  1.525   1.00 99.91  ? 484 GLN A CB  1 
ATOM   621 C CG  . GLN A 1 79 ? 9.256   -5.853  1.060   1.00 110.96 ? 484 GLN A CG  1 
ATOM   622 C CD  . GLN A 1 79 ? 9.470   -7.344  0.972   1.00 123.76 ? 484 GLN A CD  1 
ATOM   623 O OE1 . GLN A 1 79 ? 9.104   -7.968  -0.029  1.00 130.25 ? 484 GLN A OE1 1 
ATOM   624 N NE2 . GLN A 1 79 ? 10.083  -7.914  2.010   1.00 127.57 ? 484 GLN A NE2 1 
ATOM   625 N N   . PHE A 1 80 ? 8.937   -5.127  5.081   1.00 89.89  ? 485 PHE A N   1 
ATOM   626 C CA  . PHE A 1 80 ? 9.814   -4.347  5.981   1.00 89.79  ? 485 PHE A CA  1 
ATOM   627 C C   . PHE A 1 80 ? 11.200  -4.226  5.337   1.00 90.94  ? 485 PHE A C   1 
ATOM   628 O O   . PHE A 1 80 ? 11.817  -5.259  4.959   1.00 86.65  ? 485 PHE A O   1 
ATOM   629 C CB  . PHE A 1 80 ? 9.884   -4.947  7.384   1.00 94.41  ? 485 PHE A CB  1 
ATOM   630 C CG  . PHE A 1 80 ? 10.872  -4.213  8.251   1.00 95.54  ? 485 PHE A CG  1 
ATOM   631 C CD1 . PHE A 1 80 ? 12.219  -4.509  8.187   1.00 94.96  ? 485 PHE A CD1 1 
ATOM   632 C CD2 . PHE A 1 80 ? 10.468  -3.173  9.069   1.00 96.80  ? 485 PHE A CD2 1 
ATOM   633 C CE1 . PHE A 1 80 ? 13.130  -3.801  8.956   1.00 99.96  ? 485 PHE A CE1 1 
ATOM   634 C CE2 . PHE A 1 80 ? 11.387  -2.466  9.839   1.00 96.40  ? 485 PHE A CE2 1 
ATOM   635 C CZ  . PHE A 1 80 ? 12.715  -2.785  9.790   1.00 94.97  ? 485 PHE A CZ  1 
ATOM   636 N N   . LYS A 1 81 ? 11.651  -2.969  5.283   1.00 96.64  ? 486 LYS A N   1 
ATOM   637 C CA  . LYS A 1 81 ? 12.839  -2.417  4.574   1.00 100.28 ? 486 LYS A CA  1 
ATOM   638 C C   . LYS A 1 81 ? 13.890  -1.964  5.591   1.00 98.19  ? 486 LYS A C   1 
ATOM   639 O O   . LYS A 1 81 ? 13.573  -1.083  6.414   1.00 99.08  ? 486 LYS A O   1 
ATOM   640 C CB  . LYS A 1 81 ? 12.479  -1.135  3.803   1.00 102.10 ? 486 LYS A CB  1 
ATOM   641 C CG  . LYS A 1 81 ? 11.411  -1.263  2.727   1.00 109.26 ? 486 LYS A CG  1 
ATOM   642 C CD  . LYS A 1 81 ? 11.894  -1.700  1.340   1.00 120.19 ? 486 LYS A CD  1 
ATOM   643 C CE  . LYS A 1 81 ? 12.044  -3.205  1.182   1.00 130.72 ? 486 LYS A CE  1 
ATOM   644 N NZ  . LYS A 1 81 ? 12.259  -3.622  -0.228  1.00 130.04 ? 486 LYS A NZ  1 
ATOM   645 N N   . ASN A 1 82 ? 15.123  -2.439  5.471   1.00 91.90  ? 487 ASN A N   1 
ATOM   646 C CA  . ASN A 1 82 ? 16.247  -1.857  6.238   1.00 96.05  ? 487 ASN A CA  1 
ATOM   647 C C   . ASN A 1 82 ? 16.707  -0.588  5.508   1.00 95.94  ? 487 ASN A C   1 
ATOM   648 O O   . ASN A 1 82 ? 17.788  -0.605  4.938   1.00 95.64  ? 487 ASN A O   1 
ATOM   649 C CB  . ASN A 1 82 ? 17.349  -2.896  6.459   1.00 98.48  ? 487 ASN A CB  1 
ATOM   650 C CG  . ASN A 1 82 ? 18.654  -2.354  7.009   1.00 98.61  ? 487 ASN A CG  1 
ATOM   651 O OD1 . ASN A 1 82 ? 19.536  -3.132  7.305   1.00 102.41 ? 487 ASN A OD1 1 
ATOM   652 N ND2 . ASN A 1 82 ? 18.810  -1.049  7.142   1.00 101.08 ? 487 ASN A ND2 1 
ATOM   653 N N   . GLU A 1 83 ? 15.923  0.488   5.558   1.00 99.87  ? 488 GLU A N   1 
ATOM   654 C CA  . GLU A 1 83 ? 16.301  1.799   4.972   1.00 101.75 ? 488 GLU A CA  1 
ATOM   655 C C   . GLU A 1 83 ? 15.840  2.930   5.876   1.00 92.91  ? 488 GLU A C   1 
ATOM   656 O O   . GLU A 1 83 ? 15.030  2.671   6.773   1.00 86.75  ? 488 GLU A O   1 
ATOM   657 C CB  . GLU A 1 83 ? 15.620  2.009   3.628   1.00 112.37 ? 488 GLU A CB  1 
ATOM   658 C CG  . GLU A 1 83 ? 16.306  1.291   2.490   1.00 124.71 ? 488 GLU A CG  1 
ATOM   659 C CD  . GLU A 1 83 ? 15.337  0.878   1.392   1.00 139.16 ? 488 GLU A CD  1 
ATOM   660 O OE1 . GLU A 1 83 ? 15.667  -0.083  0.655   1.00 153.81 ? 488 GLU A OE1 1 
ATOM   661 O OE2 . GLU A 1 83 ? 14.241  1.500   1.283   1.00 132.76 ? 488 GLU A OE2 1 
ATOM   662 N N   . GLN A 1 84 ? 16.342  4.130   5.601   1.00 92.37  ? 489 GLN A N   1 
ATOM   663 C CA  . GLN A 1 84 ? 15.822  5.406   6.154   1.00 95.19  ? 489 GLN A CA  1 
ATOM   664 C C   . GLN A 1 84 ? 14.381  5.585   5.687   1.00 89.93  ? 489 GLN A C   1 
ATOM   665 O O   . GLN A 1 84 ? 14.117  6.457   4.864   1.00 90.83  ? 489 GLN A O   1 
ATOM   666 C CB  . GLN A 1 84 ? 16.651  6.604   5.718   1.00 97.77  ? 489 GLN A CB  1 
ATOM   667 C CG  . GLN A 1 84 ? 18.092  6.516   6.159   1.00 104.26 ? 489 GLN A CG  1 
ATOM   668 C CD  . GLN A 1 84 ? 18.592  7.908   6.416   1.00 113.02 ? 489 GLN A CD  1 
ATOM   669 O OE1 . GLN A 1 84 ? 19.775  8.237   6.233   1.00 128.80 ? 489 GLN A OE1 1 
ATOM   670 N NE2 . GLN A 1 84 ? 17.651  8.741   6.823   1.00 109.07 ? 489 GLN A NE2 1 
ATOM   671 N N   . VAL A 1 85 ? 13.509  4.778   6.275   1.00 90.61  ? 490 VAL A N   1 
ATOM   672 C CA  . VAL A 1 85 ? 12.052  4.651   6.028   1.00 80.21  ? 490 VAL A CA  1 
ATOM   673 C C   . VAL A 1 85 ? 11.381  4.688   7.396   1.00 80.87  ? 490 VAL A C   1 
ATOM   674 O O   . VAL A 1 85 ? 11.960  4.160   8.336   1.00 78.70  ? 490 VAL A O   1 
ATOM   675 C CB  . VAL A 1 85 ? 11.805  3.320   5.318   1.00 75.00  ? 490 VAL A CB  1 
ATOM   676 C CG1 . VAL A 1 85 ? 10.425  2.791   5.589   1.00 78.95  ? 490 VAL A CG1 1 
ATOM   677 C CG2 . VAL A 1 85 ? 12.075  3.445   3.848   1.00 72.31  ? 490 VAL A CG2 1 
ATOM   678 N N   . MET A 1 86 ? 10.199  5.276   7.511   1.00 88.87  ? 491 MET A N   1 
ATOM   679 C CA  . MET A 1 86 ? 9.629   5.571   8.846   1.00 87.48  ? 491 MET A CA  1 
ATOM   680 C C   . MET A 1 86 ? 8.521   4.587   9.191   1.00 84.51  ? 491 MET A C   1 
ATOM   681 O O   . MET A 1 86 ? 7.808   4.121   8.278   1.00 84.22  ? 491 MET A O   1 
ATOM   682 C CB  . MET A 1 86 ? 9.091   6.990   8.891   1.00 90.81  ? 491 MET A CB  1 
ATOM   683 C CG  . MET A 1 86 ? 10.177  7.991   8.685   1.00 93.96  ? 491 MET A CG  1 
ATOM   684 S SD  . MET A 1 86 ? 9.533   9.645   8.925   1.00 101.20 ? 491 MET A SD  1 
ATOM   685 C CE  . MET A 1 86 ? 10.795  10.651  8.137   1.00 105.63 ? 491 MET A CE  1 
ATOM   686 N N   . TYR A 1 87 ? 8.425   4.297   10.483  1.00 83.40  ? 492 TYR A N   1 
ATOM   687 C CA  . TYR A 1 87 ? 7.533   3.273   11.071  1.00 83.97  ? 492 TYR A CA  1 
ATOM   688 C C   . TYR A 1 87 ? 7.058   3.742   12.448  1.00 82.93  ? 492 TYR A C   1 
ATOM   689 O O   . TYR A 1 87 ? 7.713   4.615   13.047  1.00 76.86  ? 492 TYR A O   1 
ATOM   690 C CB  . TYR A 1 87 ? 8.268   1.948   11.240  1.00 85.09  ? 492 TYR A CB  1 
ATOM   691 C CG  . TYR A 1 87 ? 8.724   1.307   9.962   1.00 87.04  ? 492 TYR A CG  1 
ATOM   692 C CD1 . TYR A 1 87 ? 7.878   0.507   9.227   1.00 87.36  ? 492 TYR A CD1 1 
ATOM   693 C CD2 . TYR A 1 87 ? 10.024  1.473   9.507   1.00 96.55  ? 492 TYR A CD2 1 
ATOM   694 C CE1 . TYR A 1 87 ? 8.306   -0.094  8.054   1.00 88.61  ? 492 TYR A CE1 1 
ATOM   695 C CE2 . TYR A 1 87 ? 10.472  0.866   8.344   1.00 93.95  ? 492 TYR A CE2 1 
ATOM   696 C CZ  . TYR A 1 87 ? 9.603   0.084   7.612   1.00 89.44  ? 492 TYR A CZ  1 
ATOM   697 O OH  . TYR A 1 87 ? 10.017  -0.518  6.465   1.00 96.61  ? 492 TYR A OH  1 
ATOM   698 N N   . ARG A 1 88 ? 5.964   3.135   12.915  1.00 81.07  ? 493 ARG A N   1 
ATOM   699 C CA  . ARG A 1 88 ? 5.268   3.477   14.169  1.00 83.87  ? 493 ARG A CA  1 
ATOM   700 C C   . ARG A 1 88 ? 4.680   2.218   14.789  1.00 88.97  ? 493 ARG A C   1 
ATOM   701 O O   . ARG A 1 88 ? 4.300   1.291   14.035  1.00 85.57  ? 493 ARG A O   1 
ATOM   702 C CB  . ARG A 1 88 ? 4.185   4.519   13.902  1.00 82.00  ? 493 ARG A CB  1 
ATOM   703 C CG  . ARG A 1 88 ? 4.790   5.862   13.548  1.00 85.09  ? 493 ARG A CG  1 
ATOM   704 C CD  . ARG A 1 88 ? 4.011   7.119   13.868  1.00 89.28  ? 493 ARG A CD  1 
ATOM   705 N NE  . ARG A 1 88 ? 3.637   7.211   15.262  1.00 89.93  ? 493 ARG A NE  1 
ATOM   706 C CZ  . ARG A 1 88 ? 2.420   6.940   15.696  1.00 94.88  ? 493 ARG A CZ  1 
ATOM   707 N NH1 . ARG A 1 88 ? 1.463   6.606   14.834  1.00 99.89  ? 493 ARG A NH1 1 
ATOM   708 N NH2 . ARG A 1 88 ? 2.153   7.033   16.984  1.00 95.78  ? 493 ARG A NH2 1 
ATOM   709 N N   . PHE A 1 89 ? 4.656   2.211   16.125  1.00 95.56  ? 494 PHE A N   1 
ATOM   710 C CA  . PHE A 1 89 ? 3.920   1.232   16.952  1.00 102.36 ? 494 PHE A CA  1 
ATOM   711 C C   . PHE A 1 89 ? 2.490   1.735   17.055  1.00 109.13 ? 494 PHE A C   1 
ATOM   712 O O   . PHE A 1 89 ? 2.252   2.915   16.774  1.00 106.25 ? 494 PHE A O   1 
ATOM   713 C CB  . PHE A 1 89 ? 4.574   1.077   18.328  1.00 107.17 ? 494 PHE A CB  1 
ATOM   714 C CG  . PHE A 1 89 ? 5.937   0.430   18.315  1.00 108.09 ? 494 PHE A CG  1 
ATOM   715 C CD1 . PHE A 1 89 ? 6.066   -0.949  18.417  1.00 110.29 ? 494 PHE A CD1 1 
ATOM   716 C CD2 . PHE A 1 89 ? 7.088   1.191   18.190  1.00 108.23 ? 494 PHE A CD2 1 
ATOM   717 C CE1 . PHE A 1 89 ? 7.311   -1.554  18.373  1.00 107.50 ? 494 PHE A CE1 1 
ATOM   718 C CE2 . PHE A 1 89 ? 8.334   0.585   18.143  1.00 109.10 ? 494 PHE A CE2 1 
ATOM   719 C CZ  . PHE A 1 89 ? 8.437   -0.785  18.225  1.00 109.98 ? 494 PHE A CZ  1 
ATOM   720 N N   . ARG A 1 90 ? 1.571   0.856   17.426  1.00 125.96 ? 495 ARG A N   1 
ATOM   721 C CA  . ARG A 1 90 ? 0.199   1.265   17.813  1.00 142.87 ? 495 ARG A CA  1 
ATOM   722 C C   . ARG A 1 90 ? 0.261   2.125   19.094  1.00 144.37 ? 495 ARG A C   1 
ATOM   723 O O   . ARG A 1 90 ? -0.318  3.244   19.073  1.00 142.84 ? 495 ARG A O   1 
ATOM   724 C CB  . ARG A 1 90 ? -0.668  0.011   17.934  1.00 157.91 ? 495 ARG A CB  1 
ATOM   725 C CG  . ARG A 1 90 ? -0.056  -1.095  18.783  1.00 164.14 ? 495 ARG A CG  1 
ATOM   726 C CD  . ARG A 1 90 ? -0.382  -2.449  18.191  1.00 171.35 ? 495 ARG A CD  1 
ATOM   727 N NE  . ARG A 1 90 ? -0.185  -3.506  19.169  1.00 183.40 ? 495 ARG A NE  1 
ATOM   728 C CZ  . ARG A 1 90 ? -0.626  -4.756  19.042  1.00 185.17 ? 495 ARG A CZ  1 
ATOM   729 N NH1 . ARG A 1 90 ? -0.389  -5.637  20.003  1.00 184.39 ? 495 ARG A NH1 1 
ATOM   730 N NH2 . ARG A 1 90 ? -1.297  -5.122  17.961  1.00 180.96 ? 495 ARG A NH2 1 
ATOM   731 N N   . TYR A 1 91 ? 1.025   1.679   20.109  1.00 147.29 ? 496 TYR A N   1 
ATOM   732 C CA  . TYR A 1 91 ? 1.037   2.147   21.535  1.00 150.91 ? 496 TYR A CA  1 
ATOM   733 C C   . TYR A 1 91 ? 0.987   3.683   21.686  1.00 157.36 ? 496 TYR A C   1 
ATOM   734 O O   . TYR A 1 91 ? 1.110   4.145   22.855  1.00 160.25 ? 496 TYR A O   1 
ATOM   735 C CB  . TYR A 1 91 ? 2.239   1.567   22.303  1.00 141.07 ? 496 TYR A CB  1 
ATOM   736 C CG  . TYR A 1 91 ? 2.342   0.071   22.195  1.00 143.20 ? 496 TYR A CG  1 
ATOM   737 C CD1 . TYR A 1 91 ? 1.331   -0.760  22.662  1.00 150.42 ? 496 TYR A CD1 1 
ATOM   738 C CD2 . TYR A 1 91 ? 3.416   -0.521  21.554  1.00 146.37 ? 496 TYR A CD2 1 
ATOM   739 C CE1 . TYR A 1 91 ? 1.399   -2.139  22.513  1.00 154.07 ? 496 TYR A CE1 1 
ATOM   740 C CE2 . TYR A 1 91 ? 3.503   -1.897  21.396  1.00 151.65 ? 496 TYR A CE2 1 
ATOM   741 C CZ  . TYR A 1 91 ? 2.491   -2.711  21.872  1.00 153.80 ? 496 TYR A CZ  1 
ATOM   742 O OH  . TYR A 1 91 ? 2.618   -4.060  21.690  1.00 151.39 ? 496 TYR A OH  1 
ATOM   743 N N   . ASP A 1 92 ? 0.795   4.455   20.601  1.00 156.09 ? 497 ASP A N   1 
ATOM   744 C CA  . ASP A 1 92 ? 0.548   5.925   20.644  1.00 154.58 ? 497 ASP A CA  1 
ATOM   745 C C   . ASP A 1 92 ? -0.845  6.223   20.076  1.00 146.89 ? 497 ASP A C   1 
ATOM   746 O O   . ASP A 1 92 ? -1.481  7.202   20.473  1.00 144.11 ? 497 ASP A O   1 
ATOM   747 C CB  . ASP A 1 92 ? 1.623   6.688   19.871  1.00 153.80 ? 497 ASP A CB  1 
ATOM   748 C CG  . ASP A 1 92 ? 2.971   6.801   20.562  1.00 157.45 ? 497 ASP A CG  1 
ATOM   749 O OD1 . ASP A 1 92 ? 3.724   7.716   20.203  1.00 157.72 ? 497 ASP A OD1 1 
ATOM   750 O OD2 . ASP A 1 92 ? 3.268   5.961   21.425  1.00 163.63 ? 497 ASP A OD2 1 
HETATM 751 O O   . HOH B 2 .  ? -15.351 5.202   5.394   1.00 94.12  ? 501 HOH A O   1 
HETATM 752 O O   . HOH B 2 .  ? -4.387  1.018   1.989   1.00 60.24  ? 502 HOH A O   1 
HETATM 753 O O   . HOH B 2 .  ? -2.014  2.698   10.700  1.00 58.15  ? 503 HOH A O   1 
HETATM 754 O O   . HOH B 2 .  ? -2.092  -0.006  11.247  1.00 51.43  ? 504 HOH A O   1 
# 
loop_
_atom_site_anisotrop.id 
_atom_site_anisotrop.type_symbol 
_atom_site_anisotrop.pdbx_label_atom_id 
_atom_site_anisotrop.pdbx_label_alt_id 
_atom_site_anisotrop.pdbx_label_comp_id 
_atom_site_anisotrop.pdbx_label_asym_id 
_atom_site_anisotrop.pdbx_label_seq_id 
_atom_site_anisotrop.pdbx_PDB_ins_code 
_atom_site_anisotrop.U[1][1] 
_atom_site_anisotrop.U[2][2] 
_atom_site_anisotrop.U[3][3] 
_atom_site_anisotrop.U[1][2] 
_atom_site_anisotrop.U[1][3] 
_atom_site_anisotrop.U[2][3] 
_atom_site_anisotrop.pdbx_auth_seq_id 
_atom_site_anisotrop.pdbx_auth_comp_id 
_atom_site_anisotrop.pdbx_auth_asym_id 
_atom_site_anisotrop.pdbx_auth_atom_id 
1   N N   . ASN A 2  ? 2.1000 2.2474 1.8281 0.3879  0.1764  -0.4922 407 ASN A N   
2   C CA  . ASN A 2  ? 2.0693 2.2098 1.7990 0.3760  0.2025  -0.4431 407 ASN A CA  
3   C C   . ASN A 2  ? 2.0486 2.1879 1.8786 0.3539  0.2061  -0.4314 407 ASN A C   
4   O O   . ASN A 2  ? 1.9823 2.1200 1.8717 0.3398  0.1716  -0.4336 407 ASN A O   
5   C CB  . ASN A 2  ? 2.0120 2.1488 1.7101 0.3700  0.1802  -0.4111 407 ASN A CB  
6   C CG  . ASN A 2  ? 1.9838 2.1128 1.7039 0.3532  0.2023  -0.3655 407 ASN A CG  
7   O OD1 . ASN A 2  ? 1.9686 2.0979 1.7423 0.3424  0.2272  -0.3591 407 ASN A OD1 
8   N ND2 . ASN A 2  ? 2.0369 2.1602 1.7180 0.3516  0.1926  -0.3358 407 ASN A ND2 
9   N N   . ALA A 3  ? 2.0681 2.2088 1.9132 0.3514  0.2470  -0.4164 408 ALA A N   
10  C CA  . ALA A 3  ? 1.9948 2.1406 1.9303 0.3343  0.2565  -0.4049 408 ALA A CA  
11  C C   . ALA A 3  ? 1.8669 2.0101 1.8526 0.3142  0.2219  -0.3805 408 ALA A C   
12  O O   . ALA A 3  ? 1.8589 2.0038 1.9195 0.3061  0.2025  -0.3886 408 ALA A O   
13  C CB  . ALA A 3  ? 2.0110 2.1599 1.9361 0.3318  0.3041  -0.3820 408 ALA A CB  
14  N N   . ILE A 4  ? 1.8016 1.9392 1.7447 0.3081  0.2164  -0.3503 409 ILE A N   
15  C CA  . ILE A 4  ? 1.6956 1.8322 1.6797 0.2882  0.1933  -0.3211 409 ILE A CA  
16  C C   . ILE A 4  ? 1.5999 1.7328 1.6050 0.2843  0.1487  -0.3334 409 ILE A C   
17  O O   . ILE A 4  ? 1.4781 1.6107 1.5389 0.2692  0.1288  -0.3187 409 ILE A O   
18  C CB  . ILE A 4  ? 1.6978 1.8284 1.6291 0.2842  0.2060  -0.2870 409 ILE A CB  
19  C CG1 . ILE A 4  ? 1.7747 1.9051 1.6945 0.2843  0.2547  -0.2727 409 ILE A CG1 
20  C CG2 . ILE A 4  ? 1.5553 1.6860 1.5246 0.2653  0.1791  -0.2621 409 ILE A CG2 
21  C CD1 . ILE A 4  ? 1.8002 1.9306 1.6794 0.3031  0.2905  -0.2939 409 ILE A CD1 
22  N N   . ALA A 5  ? 1.6612 1.7924 1.6240 0.2978  0.1347  -0.3606 410 ALA A N   
23  C CA  . ALA A 5  ? 1.6598 1.7882 1.6472 0.2940  0.0955  -0.3804 410 ALA A CA  
24  C C   . ALA A 5  ? 1.6703 1.7937 1.7384 0.2886  0.0886  -0.3983 410 ALA A C   
25  O O   . ALA A 5  ? 1.6237 1.7403 1.7445 0.2742  0.0646  -0.3873 410 ALA A O   
26  C CB  . ALA A 5  ? 1.7049 1.8377 1.6308 0.3121  0.0867  -0.4127 410 ALA A CB  
27  N N   . GLU A 6  ? 1.6847 1.8106 1.7595 0.3013  0.1109  -0.4238 411 GLU A N   
28  C CA  . GLU A 6  ? 1.6820 1.8023 1.8292 0.3024  0.1081  -0.4468 411 GLU A CA  
29  C C   . GLU A 6  ? 1.5934 1.7121 1.8089 0.2884  0.1043  -0.4160 411 GLU A C   
30  O O   . GLU A 6  ? 1.6487 1.7552 1.9210 0.2832  0.0821  -0.4201 411 GLU A O   
31  C CB  . GLU A 6  ? 1.7890 1.9164 1.9216 0.3199  0.1397  -0.4758 411 GLU A CB  
32  C CG  . GLU A 6  ? 1.9006 2.0279 1.9797 0.3357  0.1340  -0.5168 411 GLU A CG  
33  C CD  . GLU A 6  ? 2.0029 2.1406 2.0131 0.3553  0.1687  -0.5330 411 GLU A CD  
34  O OE1 . GLU A 6  ? 2.0482 2.1913 2.0330 0.3552  0.2003  -0.5049 411 GLU A OE1 
35  O OE2 . GLU A 6  ? 2.0371 2.1768 2.0173 0.3708  0.1650  -0.5746 411 GLU A OE2 
36  N N   . LYS A 7  ? 1.5262 1.6563 1.7359 0.2830  0.1243  -0.3866 412 LYS A N   
37  C CA  . LYS A 7  ? 1.4743 1.6086 1.7430 0.2704  0.1178  -0.3575 412 LYS A CA  
38  C C   . LYS A 7  ? 1.3837 1.5063 1.6643 0.2575  0.0834  -0.3384 412 LYS A C   
39  O O   . LYS A 7  ? 1.3294 1.4467 1.6678 0.2528  0.0676  -0.3286 412 LYS A O   
40  C CB  . LYS A 7  ? 1.5089 1.6581 1.7608 0.2639  0.1424  -0.3314 412 LYS A CB  
41  C CG  . LYS A 7  ? 1.7365 1.8974 1.9774 0.2742  0.1827  -0.3462 412 LYS A CG  
42  C CD  . LYS A 7  ? 1.7907 1.9662 2.0398 0.2647  0.2092  -0.3227 412 LYS A CD  
43  C CE  . LYS A 7  ? 1.8884 2.0703 2.1059 0.2734  0.2551  -0.3336 412 LYS A CE  
44  N NZ  . LYS A 7  ? 1.8889 2.0774 2.0983 0.2611  0.2815  -0.3074 412 LYS A NZ  
45  N N   . GLY A 8  ? 1.3962 1.5155 1.6225 0.2533  0.0731  -0.3327 413 GLY A N   
46  C CA  . GLY A 8  ? 1.3551 1.4667 1.5882 0.2397  0.0446  -0.3137 413 GLY A CA  
47  C C   . GLY A 8  ? 1.3441 1.4395 1.6199 0.2386  0.0222  -0.3330 413 GLY A C   
48  O O   . GLY A 8  ? 1.2912 1.3768 1.6134 0.2291  0.0070  -0.3144 413 GLY A O   
49  N N   . GLU A 9  ? 1.4091 1.5008 1.6691 0.2489  0.0218  -0.3701 414 GLU A N   
50  C CA  . GLU A 9  ? 1.4710 1.5450 1.7736 0.2475  0.0027  -0.3960 414 GLU A CA  
51  C C   . GLU A 9  ? 1.4571 1.5174 1.8297 0.2493  0.0055  -0.3911 414 GLU A C   
52  O O   . GLU A 9  ? 1.4774 1.5169 1.8970 0.2418  -0.0116 -0.3874 414 GLU A O   
53  C CB  . GLU A 9  ? 1.5654 1.6424 1.8368 0.2606  0.0044  -0.4423 414 GLU A CB  
54  C CG  . GLU A 9  ? 1.6788 1.7387 1.9923 0.2554  -0.0174 -0.4719 414 GLU A CG  
55  C CD  . GLU A 9  ? 1.8097 1.8784 2.0865 0.2625  -0.0284 -0.5163 414 GLU A CD  
56  O OE1 . GLU A 9  ? 1.9401 2.0141 2.1972 0.2789  -0.0161 -0.5515 414 GLU A OE1 
57  O OE2 . GLU A 9  ? 1.8911 1.9637 2.1618 0.2521  -0.0500 -0.5183 414 GLU A OE2 
58  N N   . LYS A 10 ? 1.4527 1.5242 1.8341 0.2598  0.0271  -0.3902 415 LYS A N   
59  C CA  . LYS A 10 ? 1.4172 1.4811 1.8664 0.2655  0.0290  -0.3855 415 LYS A CA  
60  C C   . LYS A 10 ? 1.3176 1.3783 1.7923 0.2539  0.0138  -0.3431 415 LYS A C   
61  O O   . LYS A 10 ? 1.3143 1.3527 1.8341 0.2520  -0.0024 -0.3350 415 LYS A O   
62  C CB  . LYS A 10 ? 1.4322 1.5164 1.8858 0.2782  0.0565  -0.3942 415 LYS A CB  
63  C CG  . LYS A 10 ? 1.4955 1.5826 2.0170 0.2839  0.0562  -0.3801 415 LYS A CG  
64  C CD  . LYS A 10 ? 1.5553 1.6538 2.1082 0.3010  0.0787  -0.4074 415 LYS A CD  
65  C CE  . LYS A 10 ? 1.6447 1.7193 2.2276 0.3125  0.0738  -0.4426 415 LYS A CE  
66  N NZ  . LYS A 10 ? 1.7366 1.8245 2.3430 0.3301  0.0990  -0.4735 415 LYS A NZ  
67  N N   . LEU A 11 ? 1.2530 1.3341 1.6971 0.2468  0.0202  -0.3172 416 LEU A N   
68  C CA  . LEU A 11 ? 1.1996 1.2843 1.6610 0.2371  0.0079  -0.2788 416 LEU A CA  
69  C C   . LEU A 11 ? 1.1913 1.2536 1.6594 0.2263  -0.0151 -0.2650 416 LEU A C   
70  O O   . LEU A 11 ? 1.2006 1.2520 1.7061 0.2254  -0.0275 -0.2423 416 LEU A O   
71  C CB  . LEU A 11 ? 1.1826 1.2889 1.5979 0.2288  0.0189  -0.2612 416 LEU A CB  
72  C CG  . LEU A 11 ? 1.2744 1.4041 1.6987 0.2355  0.0433  -0.2648 416 LEU A CG  
73  C CD1 . LEU A 11 ? 1.3193 1.4636 1.6949 0.2265  0.0584  -0.2501 416 LEU A CD1 
74  C CD2 . LEU A 11 ? 1.2586 1.3985 1.7441 0.2394  0.0358  -0.2513 416 LEU A CD2 
75  N N   . TYR A 12 ? 1.1916 1.2490 1.6222 0.2192  -0.0197 -0.2778 417 TYR A N   
76  C CA  . TYR A 12 ? 1.1883 1.2251 1.6301 0.2077  -0.0386 -0.2748 417 TYR A CA  
77  C C   . TYR A 12 ? 1.1646 1.1727 1.6682 0.2117  -0.0458 -0.2763 417 TYR A C   
78  O O   . TYR A 12 ? 1.1132 1.1063 1.6413 0.2050  -0.0561 -0.2463 417 TYR A O   
79  C CB  . TYR A 12 ? 1.2557 1.2931 1.6663 0.2067  -0.0416 -0.3083 417 TYR A CB  
80  C CG  . TYR A 12 ? 1.3557 1.3767 1.7856 0.1925  -0.0593 -0.3074 417 TYR A CG  
81  C CD1 . TYR A 12 ? 1.3924 1.4112 1.8266 0.1793  -0.0672 -0.2698 417 TYR A CD1 
82  C CD2 . TYR A 12 ? 1.4059 1.4147 1.8524 0.1913  -0.0671 -0.3442 417 TYR A CD2 
83  C CE1 . TYR A 12 ? 1.3924 1.3970 1.8469 0.1648  -0.0794 -0.2662 417 TYR A CE1 
84  C CE2 . TYR A 12 ? 1.4284 1.4235 1.9002 0.1754  -0.0811 -0.3431 417 TYR A CE2 
85  C CZ  . TYR A 12 ? 1.3797 1.3724 1.8554 0.1619  -0.0858 -0.3026 417 TYR A CZ  
86  O OH  . TYR A 12 ? 1.2915 1.2721 1.7926 0.1449  -0.0951 -0.2958 417 TYR A OH  
87  N N   . HIS A 13 ? 1.1360 1.1347 1.6625 0.2239  -0.0390 -0.3100 418 HIS A N   
88  C CA  . HIS A 13 ? 1.1793 1.1443 1.7649 0.2290  -0.0444 -0.3193 418 HIS A CA  
89  C C   . HIS A 13 ? 1.1784 1.1364 1.8030 0.2381  -0.0460 -0.2869 418 HIS A C   
90  O O   . HIS A 13 ? 1.1823 1.1067 1.8506 0.2395  -0.0539 -0.2746 418 HIS A O   
91  C CB  . HIS A 13 ? 1.2234 1.1848 1.8184 0.2411  -0.0351 -0.3674 418 HIS A CB  
92  C CG  . HIS A 13 ? 1.2723 1.2279 1.8498 0.2309  -0.0432 -0.3975 418 HIS A CG  
93  N ND1 . HIS A 13 ? 1.2918 1.2718 1.8164 0.2342  -0.0386 -0.4271 418 HIS A ND1 
94  C CD2 . HIS A 13 ? 1.2678 1.1986 1.8729 0.2169  -0.0562 -0.4003 418 HIS A CD2 
95  C CE1 . HIS A 13 ? 1.3132 1.2869 1.8357 0.2245  -0.0517 -0.4511 418 HIS A CE1 
96  N NE2 . HIS A 13 ? 1.2923 1.2362 1.8679 0.2122  -0.0616 -0.4364 418 HIS A NE2 
97  N N   . MET A 14 ? 1.1386 1.1272 1.7476 0.2445  -0.0384 -0.2738 419 MET A N   
98  C CA  . MET A 14 ? 1.1408 1.1348 1.7851 0.2565  -0.0415 -0.2485 419 MET A CA  
99  C C   . MET A 14 ? 1.1270 1.1159 1.7640 0.2465  -0.0564 -0.2057 419 MET A C   
100 O O   . MET A 14 ? 1.1521 1.1266 1.8233 0.2567  -0.0656 -0.1832 419 MET A O   
101 C CB  . MET A 14 ? 1.1668 1.2004 1.7980 0.2631  -0.0268 -0.2546 419 MET A CB  
102 C CG  . MET A 14 ? 1.2303 1.2694 1.8664 0.2742  -0.0085 -0.2953 419 MET A CG  
103 S SD  . MET A 14 ? 1.2736 1.3577 1.9034 0.2806  0.0142  -0.2999 419 MET A SD  
104 C CE  . MET A 14 ? 1.2181 1.3111 1.9185 0.2970  0.0033  -0.2820 419 MET A CE  
105 N N   . MET A 15 ? 1.1452 1.1450 1.7371 0.2291  -0.0583 -0.1953 420 MET A N   
106 C CA  . MET A 15 ? 1.1803 1.1774 1.7590 0.2180  -0.0703 -0.1566 420 MET A CA  
107 C C   . MET A 15 ? 1.1925 1.1504 1.7891 0.2096  -0.0776 -0.1503 420 MET A C   
108 O O   . MET A 15 ? 1.1769 1.1219 1.7747 0.2043  -0.0859 -0.1154 420 MET A O   
109 C CB  . MET A 15 ? 1.2086 1.2317 1.7353 0.2032  -0.0672 -0.1522 420 MET A CB  
110 C CG  . MET A 15 ? 1.2468 1.3032 1.7563 0.2089  -0.0540 -0.1635 420 MET A CG  
111 S SD  . MET A 15 ? 1.2989 1.3835 1.7606 0.1950  -0.0519 -0.1419 420 MET A SD  
112 C CE  . MET A 15 ? 1.2902 1.3898 1.7158 0.1969  -0.0302 -0.1724 420 MET A CE  
113 N N   . MET A 16 ? 1.2041 1.1448 1.8134 0.2080  -0.0733 -0.1846 421 MET A N   
114 C CA  . MET A 16 ? 1.2537 1.1581 1.8869 0.1967  -0.0772 -0.1895 421 MET A CA  
115 C C   . MET A 16 ? 1.2596 1.1254 1.9470 0.2100  -0.0772 -0.1829 421 MET A C   
116 O O   . MET A 16 ? 1.2671 1.0954 1.9812 0.2012  -0.0786 -0.1719 421 MET A O   
117 C CB  . MET A 16 ? 1.3083 1.2164 1.9329 0.1905  -0.0741 -0.2356 421 MET A CB  
118 C CG  . MET A 16 ? 1.2755 1.2090 1.8530 0.1748  -0.0778 -0.2372 421 MET A CG  
119 S SD  . MET A 16 ? 1.2426 1.1639 1.8217 0.1553  -0.0850 -0.1951 421 MET A SD  
120 C CE  . MET A 16 ? 1.3000 1.1693 1.9446 0.1503  -0.0843 -0.2004 421 MET A CE  
121 N N   . ASN A 17 ? 1.2807 1.1555 1.9856 0.2305  -0.0741 -0.1901 422 ASN A N   
122 C CA  . ASN A 17 ? 1.3812 1.2254 2.1349 0.2499  -0.0761 -0.1756 422 ASN A CA  
123 C C   . ASN A 17 ? 1.4043 1.2230 2.1610 0.2468  -0.0840 -0.1268 422 ASN A C   
124 O O   . ASN A 17 ? 1.3689 1.2138 2.0916 0.2435  -0.0903 -0.0971 422 ASN A O   
125 C CB  . ASN A 17 ? 1.3783 1.2528 2.1408 0.2719  -0.0755 -0.1757 422 ASN A CB  
126 C CG  . ASN A 17 ? 1.3945 1.2414 2.2125 0.2942  -0.0730 -0.1894 422 ASN A CG  
127 O OD1 . ASN A 17 ? 1.3828 1.1912 2.2320 0.3036  -0.0791 -0.1633 422 ASN A OD1 
128 N ND2 . ASN A 17 ? 1.3697 1.2340 2.1982 0.3029  -0.0622 -0.2302 422 ASN A ND2 
129 N N   . LYS A 18 ? 1.5215 1.2889 2.3177 0.2486  -0.0820 -0.1195 423 LYS A N   
130 C CA  . LYS A 18 ? 1.5577 1.2909 2.3597 0.2502  -0.0855 -0.0699 423 LYS A CA  
131 C C   . LYS A 18 ? 1.4935 1.2527 2.2812 0.2727  -0.0966 -0.0371 423 LYS A C   
132 O O   . LYS A 18 ? 1.4072 1.1720 2.1649 0.2696  -0.1029 0.0023  423 LYS A O   
133 C CB  . LYS A 18 ? 1.6518 1.3226 2.5084 0.2576  -0.0783 -0.0704 423 LYS A CB  
134 C CG  . LYS A 18 ? 1.7364 1.3631 2.5961 0.2563  -0.0764 -0.0189 423 LYS A CG  
135 C CD  . LYS A 18 ? 1.8689 1.4395 2.7766 0.2796  -0.0726 -0.0020 423 LYS A CD  
136 C CE  . LYS A 18 ? 1.9290 1.4825 2.8186 0.2990  -0.0790 0.0593  423 LYS A CE  
137 N NZ  . LYS A 18 ? 1.9804 1.4890 2.9133 0.3313  -0.0793 0.0740  423 LYS A NZ  
138 N N   . LYS A 19 ? 1.5224 1.2996 2.3334 0.2948  -0.0987 -0.0567 424 LYS A N   
139 C CA  . LYS A 19 ? 1.6137 1.4233 2.4232 0.3187  -0.1108 -0.0359 424 LYS A CA  
140 C C   . LYS A 19 ? 1.5523 1.4094 2.3108 0.3054  -0.1173 -0.0203 424 LYS A C   
141 O O   . LYS A 19 ? 1.4889 1.3531 2.2323 0.3153  -0.1296 0.0172  424 LYS A O   
142 C CB  . LYS A 19 ? 1.7398 1.5729 2.5830 0.3364  -0.1069 -0.0740 424 LYS A CB  
143 C CG  . LYS A 19 ? 1.8184 1.7052 2.6611 0.3537  -0.1162 -0.0697 424 LYS A CG  
144 C CD  . LYS A 19 ? 1.8910 1.7709 2.7519 0.3813  -0.1338 -0.0316 424 LYS A CD  
145 C CE  . LYS A 19 ? 1.8706 1.8111 2.7368 0.3971  -0.1454 -0.0330 424 LYS A CE  
146 N NZ  . LYS A 19 ? 1.9269 1.8623 2.8153 0.4298  -0.1656 -0.0005 424 LYS A NZ  
147 N N   . VAL A 20 ? 1.5192 1.4063 2.2509 0.2854  -0.1091 -0.0487 425 VAL A N   
148 C CA  . VAL A 20 ? 1.4197 1.3597 2.1139 0.2775  -0.1116 -0.0478 425 VAL A CA  
149 C C   . VAL A 20 ? 1.3727 1.3120 2.0235 0.2564  -0.1144 -0.0224 425 VAL A C   
150 O O   . VAL A 20 ? 1.3445 1.3110 1.9720 0.2579  -0.1232 0.0007  425 VAL A O   
151 C CB  . VAL A 20 ? 1.4069 1.3743 2.0934 0.2698  -0.0979 -0.0899 425 VAL A CB  
152 C CG1 . VAL A 20 ? 1.3501 1.3604 1.9943 0.2563  -0.0960 -0.0872 425 VAL A CG1 
153 C CG2 . VAL A 20 ? 1.4365 1.4136 2.1654 0.2914  -0.0927 -0.1155 425 VAL A CG2 
154 N N   . ASN A 21 ? 1.4089 1.3223 2.0519 0.2374  -0.1067 -0.0316 426 ASN A N   
155 C CA  . ASN A 21 ? 1.4692 1.3748 2.0809 0.2173  -0.1072 -0.0081 426 ASN A CA  
156 C C   . ASN A 21 ? 1.4468 1.3979 2.0153 0.2101  -0.1110 0.0009  426 ASN A C   
157 O O   . ASN A 21 ? 1.4197 1.3776 1.9700 0.2125  -0.1191 0.0341  426 ASN A O   
158 C CB  . ASN A 21 ? 1.5384 1.4039 2.1643 0.2243  -0.1107 0.0308  426 ASN A CB  
159 C CG  . ASN A 21 ? 1.5897 1.4352 2.1985 0.2010  -0.1045 0.0470  426 ASN A CG  
160 O OD1 . ASN A 21 ? 1.6610 1.4802 2.2664 0.2029  -0.1043 0.0845  426 ASN A OD1 
161 N ND2 . ASN A 21 ? 1.5685 1.4278 2.1653 0.1803  -0.0988 0.0192  426 ASN A ND2 
162 N N   . LEU A 22 ? 1.3644 1.3445 1.9156 0.2025  -0.1044 -0.0284 427 LEU A N   
163 C CA  . LEU A 22 ? 1.2568 1.2739 1.7671 0.1914  -0.1035 -0.0249 427 LEU A CA  
164 C C   . LEU A 22 ? 1.2074 1.2191 1.6894 0.1705  -0.0994 -0.0282 427 LEU A C   
165 O O   . LEU A 22 ? 1.0528 1.0897 1.5001 0.1608  -0.0982 -0.0233 427 LEU A O   
166 C CB  . LEU A 22 ? 1.2497 1.2964 1.7585 0.1968  -0.0948 -0.0534 427 LEU A CB  
167 C CG  . LEU A 22 ? 1.2540 1.3209 1.7912 0.2154  -0.0986 -0.0519 427 LEU A CG  
168 C CD1 . LEU A 22 ? 1.2243 1.3258 1.7541 0.2145  -0.0855 -0.0752 427 LEU A CD1 
169 C CD2 . LEU A 22 ? 1.3036 1.3808 1.8359 0.2201  -0.1135 -0.0185 427 LEU A CD2 
170 N N   . ILE A 23 ? 1.1920 1.1733 1.6924 0.1641  -0.0971 -0.0393 428 ILE A N   
171 C CA  . ILE A 23 ? 1.1381 1.1201 1.6207 0.1462  -0.0940 -0.0550 428 ILE A CA  
172 C C   . ILE A 23 ? 1.1378 1.0894 1.6391 0.1344  -0.0948 -0.0373 428 ILE A C   
173 O O   . ILE A 23 ? 1.1648 1.0840 1.7037 0.1365  -0.0928 -0.0452 428 ILE A O   
174 C CB  . ILE A 23 ? 1.1273 1.1099 1.6161 0.1488  -0.0896 -0.0971 428 ILE A CB  
175 C CG1 . ILE A 23 ? 1.1420 1.1562 1.6029 0.1576  -0.0836 -0.1118 428 ILE A CG1 
176 C CG2 . ILE A 23 ? 1.1262 1.1063 1.6076 0.1331  -0.0910 -0.1141 428 ILE A CG2 
177 C CD1 . ILE A 23 ? 1.1373 1.1560 1.5884 0.1614  -0.0774 -0.1516 428 ILE A CD1 
178 N N   . LYS A 24 ? 1.1464 1.1075 1.6235 0.1222  -0.0953 -0.0141 429 LYS A N   
179 C CA  . LYS A 24 ? 1.1898 1.1246 1.6821 0.1092  -0.0918 0.0073  429 LYS A CA  
180 C C   . LYS A 24 ? 1.1502 1.1069 1.6195 0.0912  -0.0905 0.0010  429 LYS A C   
181 O O   . LYS A 24 ? 1.0514 1.0408 1.4873 0.0927  -0.0934 -0.0101 429 LYS A O   
182 C CB  . LYS A 24 ? 1.3027 1.2282 1.7853 0.1167  -0.0929 0.0512  429 LYS A CB  
183 C CG  . LYS A 24 ? 1.4556 1.3899 1.9369 0.1394  -0.1005 0.0596  429 LYS A CG  
184 C CD  . LYS A 24 ? 1.6222 1.5496 2.0905 0.1496  -0.1050 0.1019  429 LYS A CD  
185 C CE  . LYS A 24 ? 1.8396 1.7278 2.3168 0.1401  -0.0958 0.1293  429 LYS A CE  
186 N NZ  . LYS A 24 ? 2.0212 1.8843 2.4989 0.1595  -0.0989 0.1682  429 LYS A NZ  
187 N N   . ASP A 25 ? 1.1630 1.1006 1.6534 0.0754  -0.0847 0.0080  430 ASP A N   
188 C CA  . ASP A 25 ? 1.1491 1.1055 1.6215 0.0589  -0.0816 0.0167  430 ASP A CA  
189 C C   . ASP A 25 ? 1.1690 1.1390 1.6035 0.0641  -0.0815 0.0532  430 ASP A C   
190 O O   . ASP A 25 ? 1.1150 1.0682 1.5494 0.0766  -0.0820 0.0792  430 ASP A O   
191 C CB  . ASP A 25 ? 1.1679 1.0979 1.6802 0.0409  -0.0716 0.0199  430 ASP A CB  
192 C CG  . ASP A 25 ? 1.2163 1.1347 1.7709 0.0355  -0.0733 -0.0214 430 ASP A CG  
193 O OD1 . ASP A 25 ? 1.2340 1.1670 1.7781 0.0474  -0.0824 -0.0501 430 ASP A OD1 
194 O OD2 . ASP A 25 ? 1.2822 1.1775 1.8809 0.0193  -0.0644 -0.0257 430 ASP A OD2 
195 N N   . ARG A 26 ? 1.1815 1.1822 1.5854 0.0564  -0.0819 0.0535  431 ARG A N   
196 C CA  . ARG A 26 ? 1.1575 1.1760 1.5240 0.0597  -0.0820 0.0820  431 ARG A CA  
197 C C   . ARG A 26 ? 1.1127 1.1454 1.4675 0.0436  -0.0751 0.0887  431 ARG A C   
198 O O   . ARG A 26 ? 1.0301 1.0868 1.3750 0.0386  -0.0775 0.0673  431 ARG A O   
199 C CB  . ARG A 26 ? 1.1240 1.1685 1.4651 0.0724  -0.0896 0.0692  431 ARG A CB  
200 C CG  . ARG A 26 ? 1.1235 1.1557 1.4836 0.0879  -0.0942 0.0599  431 ARG A CG  
201 C CD  . ARG A 26 ? 1.1418 1.2017 1.4798 0.0982  -0.0978 0.0514  431 ARG A CD  
202 N NE  . ARG A 26 ? 1.1677 1.2210 1.5272 0.1112  -0.0994 0.0341  431 ARG A NE  
203 C CZ  . ARG A 26 ? 1.1844 1.2315 1.5601 0.1253  -0.1042 0.0460  431 ARG A CZ  
204 N NH1 . ARG A 26 ? 1.2171 1.2642 1.5834 0.1289  -0.1093 0.0762  431 ARG A NH1 
205 N NH2 . ARG A 26 ? 1.2128 1.2554 1.6121 0.1374  -0.1043 0.0274  431 ARG A NH2 
206 N N   . ARG A 27 ? 1.1826 1.1996 1.5399 0.0368  -0.0653 0.1186  432 ARG A N   
207 C CA  . ARG A 27 ? 1.2033 1.2359 1.5462 0.0233  -0.0560 0.1309  432 ARG A CA  
208 C C   . ARG A 27 ? 1.1604 1.2277 1.4600 0.0295  -0.0626 0.1301  432 ARG A C   
209 O O   . ARG A 27 ? 1.1960 1.2690 1.4770 0.0441  -0.0716 0.1328  432 ARG A O   
210 C CB  . ARG A 27 ? 1.3225 1.3317 1.6617 0.0206  -0.0427 0.1699  432 ARG A CB  
211 C CG  . ARG A 27 ? 1.4487 1.4191 1.8336 0.0099  -0.0292 0.1756  432 ARG A CG  
212 C CD  . ARG A 27 ? 1.6507 1.5977 2.0257 0.0061  -0.0107 0.2177  432 ARG A CD  
213 N NE  . ARG A 27 ? 1.8346 1.7648 2.2547 -0.0165 0.0088  0.2133  432 ARG A NE  
214 C CZ  . ARG A 27 ? 1.9388 1.8304 2.4093 -0.0238 0.0180  0.2090  432 ARG A CZ  
215 N NH1 . ARG A 27 ? 1.9471 1.8097 2.4268 -0.0082 0.0096  0.2107  432 ARG A NH1 
216 N NH2 . ARG A 27 ? 2.0155 1.8980 2.5313 -0.0471 0.0366  0.2010  432 ARG A NH2 
217 N N   . ARG A 28 ? 1.1580 1.2477 1.4478 0.0188  -0.0575 0.1247  433 ARG A N   
218 C CA  . ARG A 28 ? 1.0327 1.1524 1.2841 0.0226  -0.0603 0.1251  433 ARG A CA  
219 C C   . ARG A 28 ? 1.0892 1.2199 1.3314 0.0113  -0.0481 0.1397  433 ARG A C   
220 O O   . ARG A 28 ? 1.1329 1.2640 1.4030 -0.0020 -0.0404 0.1307  433 ARG A O   
221 C CB  . ARG A 28 ? 0.9370 1.0757 1.1854 0.0248  -0.0674 0.0944  433 ARG A CB  
222 C CG  . ARG A 28 ? 0.8981 1.0291 1.1497 0.0369  -0.0761 0.0793  433 ARG A CG  
223 C CD  . ARG A 28 ? 0.8982 1.0478 1.1341 0.0413  -0.0799 0.0549  433 ARG A CD  
224 N NE  . ARG A 28 ? 0.8904 1.0458 1.1422 0.0350  -0.0813 0.0353  433 ARG A NE  
225 C CZ  . ARG A 28 ? 0.9082 1.0786 1.1455 0.0411  -0.0858 0.0143  433 ARG A CZ  
226 N NH1 . ARG A 28 ? 0.9561 1.1331 1.1628 0.0520  -0.0853 0.0118  433 ARG A NH1 
227 N NH2 . ARG A 28 ? 0.9354 1.1149 1.1904 0.0368  -0.0902 -0.0044 433 ARG A NH2 
228 N N   . LYS A 29 ? 1.1654 1.3073 1.3719 0.0167  -0.0468 0.1585  434 LYS A N   
229 C CA  . LYS A 29 ? 1.2236 1.3778 1.4121 0.0088  -0.0339 0.1747  434 LYS A CA  
230 C C   . LYS A 29 ? 1.2084 1.3928 1.3671 0.0127  -0.0380 0.1625  434 LYS A C   
231 O O   . LYS A 29 ? 1.2120 1.4035 1.3531 0.0236  -0.0492 0.1556  434 LYS A O   
232 C CB  . LYS A 29 ? 1.3328 1.4697 1.5023 0.0138  -0.0273 0.2091  434 LYS A CB  
233 C CG  . LYS A 29 ? 1.5786 1.6788 1.7795 0.0095  -0.0187 0.2246  434 LYS A CG  
234 C CD  . LYS A 29 ? 1.8324 1.9086 2.0228 0.0266  -0.0271 0.2459  434 LYS A CD  
235 C CE  . LYS A 29 ? 1.8842 1.9313 2.1162 0.0281  -0.0314 0.2362  434 LYS A CE  
236 N NZ  . LYS A 29 ? 1.9194 1.9527 2.1409 0.0489  -0.0445 0.2497  434 LYS A NZ  
237 N N   . LEU A 30 ? 1.1985 1.3997 1.3587 0.0032  -0.0280 0.1569  435 LEU A N   
238 C CA  . LEU A 30 ? 1.1205 1.3475 1.2533 0.0054  -0.0266 0.1499  435 LEU A CA  
239 C C   . LEU A 30 ? 1.1549 1.3885 1.2739 -0.0015 -0.0106 0.1694  435 LEU A C   
240 O O   . LEU A 30 ? 1.2835 1.5111 1.4288 -0.0131 0.0025  0.1752  435 LEU A O   
241 C CB  . LEU A 30 ? 1.0359 1.2775 1.1851 0.0030  -0.0284 0.1247  435 LEU A CB  
242 C CG  . LEU A 30 ? 1.0211 1.2624 1.1646 0.0133  -0.0412 0.1058  435 LEU A CG  
243 C CD1 . LEU A 30 ? 1.0835 1.3346 1.2433 0.0135  -0.0438 0.0845  435 LEU A CD1 
244 C CD2 . LEU A 30 ? 1.0085 1.2602 1.1204 0.0207  -0.0425 0.1046  435 LEU A CD2 
245 N N   . SER A 31 ? 1.1489 1.3947 1.2299 0.0052  -0.0108 0.1777  436 SER A N   
246 C CA  . SER A 31 ? 1.1419 1.3972 1.2003 0.0010  0.0056  0.1947  436 SER A CA  
247 C C   . SER A 31 ? 1.0974 1.3681 1.1797 -0.0103 0.0183  0.1807  436 SER A C   
248 O O   . SER A 31 ? 0.9192 1.2024 1.0109 -0.0079 0.0101  0.1570  436 SER A O   
249 C CB  . SER A 31 ? 1.1564 1.4296 1.1724 0.0105  0.0006  0.1945  436 SER A CB  
250 O OG  . SER A 31 ? 1.0312 1.3221 1.0493 0.0116  -0.0052 0.1679  436 SER A OG  
251 N N   . THR A 32 ? 1.2066 1.4748 1.3024 -0.0214 0.0381  0.1953  437 THR A N   
252 C CA  . THR A 32 ? 1.1870 1.4788 1.2958 -0.0305 0.0543  0.1856  437 THR A CA  
253 C C   . THR A 32 ? 1.1448 1.4588 1.2135 -0.0219 0.0535  0.1786  437 THR A C   
254 O O   . THR A 32 ? 1.1607 1.4722 1.1870 -0.0143 0.0525  0.1937  437 THR A O   
255 C CB  . THR A 32 ? 1.1892 1.4757 1.3071 -0.0429 0.0813  0.2080  437 THR A CB  
256 O OG1 . THR A 32 ? 1.3340 1.6024 1.5016 -0.0534 0.0827  0.2064  437 THR A OG1 
257 C CG2 . THR A 32 ? 1.0914 1.4075 1.2149 -0.0496 0.0994  0.1984  437 THR A CG2 
258 N N   . VAL A 33 ? 1.0781 1.4132 1.1627 -0.0225 0.0541  0.1555  438 VAL A N   
259 C CA  . VAL A 33 ? 1.0622 1.4178 1.1211 -0.0150 0.0539  0.1410  438 VAL A CA  
260 C C   . VAL A 33 ? 1.1850 1.5595 1.2377 -0.0212 0.0775  0.1464  438 VAL A C   
261 O O   . VAL A 33 ? 1.3176 1.6991 1.4052 -0.0316 0.0921  0.1475  438 VAL A O   
262 C CB  . VAL A 33 ? 1.0285 1.3925 1.1115 -0.0102 0.0436  0.1152  438 VAL A CB  
263 C CG1 . VAL A 33 ? 1.0276 1.4041 1.0863 -0.0013 0.0428  0.1004  438 VAL A CG1 
264 C CG2 . VAL A 33 ? 0.9772 1.3228 1.0735 -0.0059 0.0248  0.1097  438 VAL A CG2 
265 N N   . PRO A 34 ? 1.2037 1.5906 1.2161 -0.0150 0.0820  0.1452  439 PRO A N   
266 C CA  . PRO A 34 ? 1.1772 1.5850 1.1804 -0.0191 0.1057  0.1463  439 PRO A CA  
267 C C   . PRO A 34 ? 1.1645 1.5934 1.2030 -0.0200 0.1114  0.1221  439 PRO A C   
268 O O   . PRO A 34 ? 1.1611 1.5868 1.2314 -0.0179 0.0976  0.1084  439 PRO A O   
269 C CB  . PRO A 34 ? 1.1871 1.6035 1.1379 -0.0091 0.1025  0.1428  439 PRO A CB  
270 C CG  . PRO A 34 ? 1.2579 1.6571 1.1930 -0.0015 0.0778  0.1450  439 PRO A CG  
271 C CD  . PRO A 34 ? 1.2147 1.5990 1.1925 -0.0040 0.0649  0.1380  439 PRO A CD  
272 N N   . LYS A 35 ? 1.1802 1.6309 1.2090 -0.0210 0.1318  0.1177  440 LYS A N   
273 C CA  . LYS A 35 ? 1.1595 1.6347 1.2215 -0.0202 0.1416  0.0960  440 LYS A CA  
274 C C   . LYS A 35 ? 1.0499 1.5209 1.1176 -0.0077 0.1199  0.0737  440 LYS A C   
275 O O   . LYS A 35 ? 0.9917 1.4587 1.0251 0.0002  0.1139  0.0662  440 LYS A O   
276 C CB  . LYS A 35 ? 1.2906 1.7867 1.3263 -0.0205 0.1664  0.0952  440 LYS A CB  
277 C CG  . LYS A 35 ? 1.4917 1.9913 1.5232 -0.0327 0.1944  0.1194  440 LYS A CG  
278 C CD  . LYS A 35 ? 1.6860 2.1734 1.6530 -0.0295 0.1990  0.1424  440 LYS A CD  
279 C CE  . LYS A 35 ? 1.7830 2.2570 1.7444 -0.0401 0.2212  0.1762  440 LYS A CE  
280 N NZ  . LYS A 35 ? 1.9153 2.3701 1.8138 -0.0312 0.2134  0.2003  440 LYS A NZ  
281 N N   . CYS A 36 ? 0.9755 1.4464 1.0844 -0.0058 0.1083  0.0640  441 CYS A N   
282 C CA  . CYS A 36 ? 0.9346 1.3955 1.0463 0.0078  0.0883  0.0480  441 CYS A CA  
283 C C   . CYS A 36 ? 0.9114 1.3881 1.0688 0.0132  0.0838  0.0335  441 CYS A C   
284 O O   . CYS A 36 ? 0.9506 1.4457 1.1437 0.0031  0.0938  0.0350  441 CYS A O   
285 C CB  . CYS A 36 ? 0.9250 1.3589 1.0235 0.0090  0.0689  0.0559  441 CYS A CB  
286 S SG  . CYS A 36 ? 0.8868 1.3140 1.0224 0.0000  0.0607  0.0645  441 CYS A SG  
287 N N   . PHE A 37 ? 0.8569 1.3260 1.0138 0.0290  0.0695  0.0205  442 PHE A N   
288 C CA  . PHE A 37 ? 0.9232 1.4101 1.1156 0.0413  0.0630  0.0048  442 PHE A CA  
289 C C   . PHE A 37 ? 0.9007 1.3682 1.0878 0.0557  0.0410  0.0012  442 PHE A C   
290 O O   . PHE A 37 ? 0.9944 1.4342 1.1488 0.0569  0.0355  0.0082  442 PHE A O   
291 C CB  . PHE A 37 ? 0.9265 1.4289 1.1197 0.0516  0.0761  -0.0076 442 PHE A CB  
292 C CG  . PHE A 37 ? 0.8902 1.3693 1.0502 0.0649  0.0740  -0.0123 442 PHE A CG  
293 C CD1 . PHE A 37 ? 0.8846 1.3521 1.0099 0.0577  0.0836  -0.0091 442 PHE A CD1 
294 C CD2 . PHE A 37 ? 0.8857 1.3552 1.0506 0.0852  0.0633  -0.0210 442 PHE A CD2 
295 C CE1 . PHE A 37 ? 0.8943 1.3416 0.9975 0.0674  0.0836  -0.0176 442 PHE A CE1 
296 C CE2 . PHE A 37 ? 0.8973 1.3412 1.0362 0.0960  0.0660  -0.0248 442 PHE A CE2 
297 C CZ  . PHE A 37 ? 0.8967 1.3301 1.0086 0.0856  0.0767  -0.0248 442 PHE A CZ  
298 N N   . LEU A 38 ? 0.8407 1.3249 1.0591 0.0671  0.0292  -0.0107 443 LEU A N   
299 C CA  . LEU A 38 ? 0.8293 1.2980 1.0387 0.0845  0.0082  -0.0148 443 LEU A CA  
300 C C   . LEU A 38 ? 0.8643 1.3299 1.0632 0.1084  0.0073  -0.0219 443 LEU A C   
301 O O   . LEU A 38 ? 0.9142 1.4062 1.1383 0.1135  0.0150  -0.0316 443 LEU A O   
302 C CB  . LEU A 38 ? 0.8438 1.3359 1.0931 0.0840  -0.0064 -0.0251 443 LEU A CB  
303 C CG  . LEU A 38 ? 0.9172 1.4153 1.1901 0.0583  0.0006  -0.0193 443 LEU A CG  
304 C CD1 . LEU A 38 ? 0.9562 1.4767 1.2745 0.0569  -0.0146 -0.0347 443 LEU A CD1 
305 C CD2 . LEU A 38 ? 0.9479 1.4113 1.1854 0.0486  0.0010  -0.0026 443 LEU A CD2 
306 N N   . GLY A 39 ? 0.8329 1.2660 0.9975 0.1219  0.0010  -0.0167 444 GLY A N   
307 C CA  . GLY A 39 ? 0.8982 1.3185 1.0492 0.1464  0.0023  -0.0198 444 GLY A CA  
308 C C   . GLY A 39 ? 0.9054 1.3562 1.0870 0.1663  -0.0092 -0.0317 444 GLY A C   
309 O O   . GLY A 39 ? 0.9781 1.4436 1.1755 0.1754  0.0000  -0.0390 444 GLY A O   
310 N N   . ASN A 40 ? 0.9125 1.3759 1.1049 0.1731  -0.0296 -0.0363 445 ASN A N   
311 C CA  . ASN A 40 ? 0.9290 1.4257 1.1505 0.1956  -0.0476 -0.0509 445 ASN A CA  
312 C C   . ASN A 40 ? 0.9103 1.4503 1.1825 0.1869  -0.0385 -0.0641 445 ASN A C   
313 O O   . ASN A 40 ? 0.9642 1.5212 1.2514 0.2098  -0.0411 -0.0726 445 ASN A O   
314 C CB  . ASN A 40 ? 0.9353 1.4451 1.1662 0.1961  -0.0706 -0.0586 445 ASN A CB  
315 C CG  . ASN A 40 ? 0.9303 1.4509 1.1878 0.1627  -0.0650 -0.0600 445 ASN A CG  
316 O OD1 . ASN A 40 ? 1.0380 1.5424 1.2857 0.1412  -0.0455 -0.0481 445 ASN A OD1 
317 N ND2 . ASN A 40 ? 0.9315 1.4801 1.2242 0.1590  -0.0817 -0.0756 445 ASN A ND2 
318 N N   . GLU A 41 ? 0.8432 1.3984 1.1402 0.1565  -0.0267 -0.0644 446 GLU A N   
319 C CA  . GLU A 41 ? 0.8858 1.4814 1.2317 0.1435  -0.0117 -0.0752 446 GLU A CA  
320 C C   . GLU A 41 ? 0.8637 1.4538 1.1967 0.1522  0.0074  -0.0737 446 GLU A C   
321 O O   . GLU A 41 ? 0.8757 1.5001 1.2463 0.1605  0.0131  -0.0874 446 GLU A O   
322 C CB  . GLU A 41 ? 0.9327 1.5308 1.2913 0.1095  0.0043  -0.0677 446 GLU A CB  
323 C CG  . GLU A 41 ? 0.9822 1.5973 1.3775 0.0968  -0.0093 -0.0756 446 GLU A CG  
324 C CD  . GLU A 41 ? 1.0720 1.6883 1.4870 0.0639  0.0102  -0.0667 446 GLU A CD  
325 O OE1 . GLU A 41 ? 1.1885 1.7941 1.5826 0.0514  0.0342  -0.0525 446 GLU A OE1 
326 O OE2 . GLU A 41 ? 1.0944 1.7208 1.5443 0.0515  0.0017  -0.0741 446 GLU A OE2 
327 N N   . PHE A 42 ? 0.8415 1.3911 1.1264 0.1499  0.0175  -0.0603 447 PHE A N   
328 C CA  . PHE A 42 ? 0.8630 1.4033 1.1340 0.1548  0.0372  -0.0615 447 PHE A CA  
329 C C   . PHE A 42 ? 0.9027 1.4419 1.1790 0.1883  0.0293  -0.0693 447 PHE A C   
330 O O   . PHE A 42 ? 0.8998 1.4634 1.2038 0.1973  0.0395  -0.0812 447 PHE A O   
331 C CB  . PHE A 42 ? 0.8542 1.3532 1.0773 0.1434  0.0461  -0.0486 447 PHE A CB  
332 C CG  . PHE A 42 ? 0.9179 1.3967 1.1216 0.1536  0.0610  -0.0528 447 PHE A CG  
333 C CD1 . PHE A 42 ? 0.9413 1.4372 1.1525 0.1443  0.0816  -0.0614 447 PHE A CD1 
334 C CD2 . PHE A 42 ? 1.0283 1.4685 1.2056 0.1717  0.0566  -0.0484 447 PHE A CD2 
335 C CE1 . PHE A 42 ? 0.9734 1.4498 1.1688 0.1528  0.0952  -0.0692 447 PHE A CE1 
336 C CE2 . PHE A 42 ? 1.0410 1.4588 1.2055 0.1789  0.0723  -0.0539 447 PHE A CE2 
337 C CZ  . PHE A 42 ? 0.9953 1.4318 1.1699 0.1692  0.0905  -0.0660 447 PHE A CZ  
338 N N   . VAL A 43 ? 0.9625 1.4731 1.2116 0.2079  0.0126  -0.0617 448 VAL A N   
339 C CA  . VAL A 43 ? 1.0441 1.5424 1.2866 0.2440  0.0053  -0.0630 448 VAL A CA  
340 C C   . VAL A 43 ? 1.0420 1.5919 1.3342 0.2607  -0.0095 -0.0794 448 VAL A C   
341 O O   . VAL A 43 ? 1.0438 1.6007 1.3495 0.2872  -0.0084 -0.0860 448 VAL A O   
342 C CB  . VAL A 43 ? 1.0961 1.5533 1.2948 0.2609  -0.0084 -0.0484 448 VAL A CB  
343 C CG1 . VAL A 43 ? 1.1358 1.5749 1.3218 0.3008  -0.0141 -0.0450 448 VAL A CG1 
344 C CG2 . VAL A 43 ? 1.0945 1.5070 1.2539 0.2415  0.0062  -0.0353 448 VAL A CG2 
345 N N   . ALA A 44 ? 0.9840 1.5678 1.3049 0.2464  -0.0234 -0.0869 449 ALA A N   
346 C CA  . ALA A 44 ? 0.9719 1.6127 1.3504 0.2564  -0.0391 -0.1073 449 ALA A CA  
347 C C   . ALA A 44 ? 1.0025 1.6747 1.4227 0.2496  -0.0168 -0.1191 449 ALA A C   
348 O O   . ALA A 44 ? 1.0434 1.7406 1.4915 0.2770  -0.0226 -0.1314 449 ALA A O   
349 C CB  . ALA A 44 ? 0.9452 1.6108 1.3505 0.2329  -0.0503 -0.1144 449 ALA A CB  
350 N N   . TRP A 45 ? 1.0141 1.6827 1.4330 0.2162  0.0081  -0.1141 450 TRP A N   
351 C CA  . TRP A 45 ? 1.0434 1.7419 1.4963 0.2028  0.0349  -0.1241 450 TRP A CA  
352 C C   . TRP A 45 ? 1.0140 1.7005 1.4569 0.2274  0.0456  -0.1282 450 TRP A C   
353 O O   . TRP A 45 ? 1.0132 1.7392 1.5018 0.2350  0.0551  -0.1447 450 TRP A O   
354 C CB  . TRP A 45 ? 1.0944 1.7785 1.5261 0.1669  0.0590  -0.1121 450 TRP A CB  
355 C CG  . TRP A 45 ? 1.1184 1.8210 1.5630 0.1575  0.0895  -0.1189 450 TRP A CG  
356 C CD1 . TRP A 45 ? 1.0955 1.8478 1.5965 0.1512  0.1045  -0.1341 450 TRP A CD1 
357 C CD2 . TRP A 45 ? 1.1139 1.7874 1.5151 0.1545  0.1096  -0.1135 450 TRP A CD2 
358 N NE1 . TRP A 45 ? 1.0606 1.8149 1.5509 0.1449  0.1339  -0.1367 450 TRP A NE1 
359 C CE2 . TRP A 45 ? 1.0780 1.7852 1.5069 0.1472  0.1360  -0.1256 450 TRP A CE2 
360 C CE3 . TRP A 45 ? 1.1662 1.7906 1.5109 0.1564  0.1082  -0.1023 450 TRP A CE3 
361 C CZ2 . TRP A 45 ? 1.1405 1.8337 1.5376 0.1434  0.1593  -0.1276 450 TRP A CZ2 
362 C CZ3 . TRP A 45 ? 1.2263 1.8382 1.5450 0.1512  0.1301  -0.1058 450 TRP A CZ3 
363 C CH2 . TRP A 45 ? 1.2238 1.8698 1.5663 0.1457  0.1543  -0.1188 450 TRP A CH2 
364 N N   . LEU A 46 ? 0.9995 1.6337 1.3890 0.2377  0.0468  -0.1150 451 LEU A N   
365 C CA  . LEU A 46 ? 1.0420 1.6556 1.4210 0.2601  0.0593  -0.1188 451 LEU A CA  
366 C C   . LEU A 46 ? 1.0646 1.7025 1.4780 0.2979  0.0421  -0.1293 451 LEU A C   
367 O O   . LEU A 46 ? 1.0904 1.7305 1.5188 0.3164  0.0543  -0.1388 451 LEU A O   
368 C CB  . LEU A 46 ? 1.1284 1.6790 1.4495 0.2652  0.0596  -0.1023 451 LEU A CB  
369 C CG  . LEU A 46 ? 1.1626 1.6870 1.4482 0.2334  0.0748  -0.0939 451 LEU A CG  
370 C CD1 . LEU A 46 ? 1.1711 1.6375 1.4106 0.2415  0.0742  -0.0811 451 LEU A CD1 
371 C CD2 . LEU A 46 ? 1.2045 1.7450 1.4995 0.2182  0.1012  -0.1065 451 LEU A CD2 
372 N N   . LEU A 47 ? 1.0822 1.7351 1.5041 0.3116  0.0131  -0.1283 452 LEU A N   
373 C CA  . LEU A 47 ? 1.1182 1.7959 1.5672 0.3527  -0.0097 -0.1377 452 LEU A CA  
374 C C   . LEU A 47 ? 1.0845 1.8334 1.6088 0.3483  -0.0082 -0.1628 452 LEU A C   
375 O O   . LEU A 47 ? 1.0655 1.8328 1.6189 0.3744  -0.0051 -0.1742 452 LEU A O   
376 C CB  . LEU A 47 ? 1.1512 1.8215 1.5765 0.3694  -0.0425 -0.1296 452 LEU A CB  
377 C CG  . LEU A 47 ? 1.2208 1.8322 1.5861 0.4021  -0.0498 -0.1087 452 LEU A CG  
378 C CD1 . LEU A 47 ? 1.2079 1.8163 1.5456 0.4161  -0.0802 -0.1017 452 LEU A CD1 
379 C CD2 . LEU A 47 ? 1.2455 1.8547 1.6223 0.4439  -0.0497 -0.1113 452 LEU A CD2 
380 N N   . GLU A 48 ? 1.1003 1.8844 1.6559 0.3160  -0.0081 -0.1705 453 GLU A N   
381 C CA  . GLU A 48 ? 1.1421 1.9936 1.7745 0.3014  0.0005  -0.1941 453 GLU A CA  
382 C C   . GLU A 48 ? 1.1163 1.9757 1.7654 0.3021  0.0320  -0.2015 453 GLU A C   
383 O O   . GLU A 48 ? 1.1928 2.1057 1.9056 0.3144  0.0333  -0.2233 453 GLU A O   
384 C CB  . GLU A 48 ? 1.2653 2.1297 1.9127 0.2567  0.0125  -0.1926 453 GLU A CB  
385 C CG  . GLU A 48 ? 1.4328 2.2949 2.0739 0.2511  -0.0160 -0.1903 453 GLU A CG  
386 C CD  . GLU A 48 ? 1.4848 2.3271 2.1099 0.2098  -0.0029 -0.1775 453 GLU A CD  
387 O OE1 . GLU A 48 ? 1.5037 2.3767 2.1743 0.1804  0.0190  -0.1846 453 GLU A OE1 
388 O OE2 . GLU A 48 ? 1.4180 2.2134 1.9859 0.2078  -0.0134 -0.1594 453 GLU A OE2 
389 N N   . ILE A 49 ? 1.0905 1.9006 1.6862 0.2904  0.0553  -0.1865 454 ILE A N   
390 C CA  . ILE A 49 ? 1.0903 1.9004 1.6904 0.2891  0.0874  -0.1945 454 ILE A CA  
391 C C   . ILE A 49 ? 1.1095 1.8845 1.6878 0.3277  0.0832  -0.1935 454 ILE A C   
392 O O   . ILE A 49 ? 1.0433 1.8211 1.6332 0.3333  0.1066  -0.2049 454 ILE A O   
393 C CB  . ILE A 49 ? 1.0989 1.8810 1.6557 0.2522  0.1147  -0.1827 454 ILE A CB  
394 C CG1 . ILE A 49 ? 1.1458 1.8614 1.6310 0.2521  0.1091  -0.1627 454 ILE A CG1 
395 C CG2 . ILE A 49 ? 1.0667 1.8785 1.6455 0.2178  0.1193  -0.1801 454 ILE A CG2 
396 C CD1 . ILE A 49 ? 1.1587 1.8442 1.6064 0.2405  0.1363  -0.1626 454 ILE A CD1 
397 N N   . GLY A 50 ? 1.2055 1.9457 1.7517 0.3537  0.0568  -0.1798 455 GLY A N   
398 C CA  . GLY A 50 ? 1.2800 1.9768 1.8007 0.3915  0.0540  -0.1733 455 GLY A CA  
399 C C   . GLY A 50 ? 1.3318 1.9836 1.8208 0.3809  0.0852  -0.1714 455 GLY A C   
400 O O   . GLY A 50 ? 1.2880 1.9409 1.7986 0.4024  0.0982  -0.1839 455 GLY A O   
401 N N   . GLU A 51 ? 1.3917 2.0073 1.8343 0.3497  0.0963  -0.1593 456 GLU A N   
402 C CA  . GLU A 51 ? 1.4559 2.0156 1.8585 0.3460  0.1174  -0.1558 456 GLU A CA  
403 C C   . GLU A 51 ? 1.4558 1.9568 1.8118 0.3594  0.1030  -0.1332 456 GLU A C   
404 O O   . GLU A 51 ? 1.5469 1.9969 1.8727 0.3578  0.1185  -0.1293 456 GLU A O   
405 C CB  . GLU A 51 ? 1.4755 2.0387 1.8614 0.3063  0.1407  -0.1618 456 GLU A CB  
406 C CG  . GLU A 51 ? 1.5913 2.1905 2.0091 0.3014  0.1668  -0.1856 456 GLU A CG  
407 C CD  . GLU A 51 ? 1.6602 2.2430 2.0926 0.3281  0.1821  -0.2019 456 GLU A CD  
408 O OE1 . GLU A 51 ? 1.7581 2.2863 2.1577 0.3325  0.1891  -0.1992 456 GLU A OE1 
409 O OE2 . GLU A 51 ? 1.5320 2.1568 2.0128 0.3438  0.1889  -0.2194 456 GLU A OE2 
410 N N   . ILE A 52 ? 1.4797 1.9901 1.8333 0.3732  0.0754  -0.1212 457 ILE A N   
411 C CA  . ILE A 52 ? 1.5152 1.9762 1.8269 0.3968  0.0594  -0.0991 457 ILE A CA  
412 C C   . ILE A 52 ? 1.5307 2.0109 1.8645 0.4424  0.0379  -0.0998 457 ILE A C   
413 O O   . ILE A 52 ? 1.4058 1.9478 1.7815 0.4455  0.0196  -0.1134 457 ILE A O   
414 C CB  . ILE A 52 ? 1.5281 1.9870 1.8118 0.3770  0.0424  -0.0855 457 ILE A CB  
415 C CG1 . ILE A 52 ? 1.6255 2.1492 1.9490 0.3583  0.0293  -0.0987 457 ILE A CG1 
416 C CG2 . ILE A 52 ? 1.3992 1.8151 1.6432 0.3461  0.0588  -0.0757 457 ILE A CG2 
417 C CD1 . ILE A 52 ? 1.5689 2.0903 1.8702 0.3366  0.0148  -0.0885 457 ILE A CD1 
418 N N   . SER A 53 ? 1.5783 2.0080 1.8865 0.4774  0.0397  -0.0855 458 SER A N   
419 C CA  . SER A 53 ? 1.5899 2.0258 1.9015 0.5275  0.0151  -0.0784 458 SER A CA  
420 C C   . SER A 53 ? 1.5488 1.9904 1.8294 0.5318  -0.0138 -0.0647 458 SER A C   
421 O O   . SER A 53 ? 1.5373 2.0306 1.8442 0.5526  -0.0425 -0.0743 458 SER A O   
422 C CB  . SER A 53 ? 1.6674 2.0382 1.9534 0.5628  0.0289  -0.0622 458 SER A CB  
423 O OG  . SER A 53 ? 1.7191 2.0665 2.0198 0.5461  0.0618  -0.0741 458 SER A OG  
424 N N   . LYS A 54 ? 1.5190 1.9131 1.7493 0.5118  -0.0065 -0.0462 459 LYS A N   
425 C CA  . LYS A 54 ? 1.5238 1.9115 1.7146 0.5188  -0.0302 -0.0313 459 LYS A CA  
426 C C   . LYS A 54 ? 1.4702 1.8454 1.6408 0.4726  -0.0205 -0.0282 459 LYS A C   
427 O O   . LYS A 54 ? 1.4930 1.8614 1.6753 0.4387  0.0035  -0.0353 459 LYS A O   
428 C CB  . LYS A 54 ? 1.6405 1.9655 1.7778 0.5595  -0.0296 -0.0037 459 LYS A CB  
429 C CG  . LYS A 54 ? 1.8459 2.1690 2.0022 0.6045  -0.0309 -0.0039 459 LYS A CG  
430 C CD  . LYS A 54 ? 2.0096 2.2751 2.1140 0.6530  -0.0335 0.0259  459 LYS A CD  
431 C CE  . LYS A 54 ? 2.0206 2.3049 2.1527 0.7027  -0.0461 0.0218  459 LYS A CE  
432 N NZ  . LYS A 54 ? 2.0957 2.3161 2.1740 0.7536  -0.0450 0.0549  459 LYS A NZ  
433 N N   . THR A 55 ? 1.3834 1.7569 1.5234 0.4731  -0.0395 -0.0187 460 THR A N   
434 C CA  . THR A 55 ? 1.3672 1.7354 1.4933 0.4317  -0.0343 -0.0174 460 THR A CA  
435 C C   . THR A 55 ? 1.4005 1.7048 1.4902 0.4157  -0.0056 -0.0013 460 THR A C   
436 O O   . THR A 55 ? 1.3881 1.6932 1.4851 0.3776  0.0087  -0.0071 460 THR A O   
437 C CB  . THR A 55 ? 1.3609 1.7382 1.4611 0.4401  -0.0607 -0.0122 460 THR A CB  
438 O OG1 . THR A 55 ? 1.3566 1.8022 1.5075 0.4344  -0.0824 -0.0357 460 THR A OG1 
439 C CG2 . THR A 55 ? 1.3316 1.6800 1.4008 0.4084  -0.0514 -0.0025 460 THR A CG2 
440 N N   . GLU A 56 ? 1.5077 1.7584 1.5587 0.4445  0.0024  0.0187  461 GLU A N   
441 C CA  . GLU A 56 ? 1.5988 1.7867 1.6155 0.4293  0.0293  0.0344  461 GLU A CA  
442 C C   . GLU A 56 ? 1.4641 1.6437 1.5096 0.4070  0.0552  0.0209  461 GLU A C   
443 O O   . GLU A 56 ? 1.3699 1.5154 1.4036 0.3818  0.0761  0.0232  461 GLU A O   
444 C CB  . GLU A 56 ? 1.8633 1.9948 1.8335 0.4672  0.0344  0.0607  461 GLU A CB  
445 C CG  . GLU A 56 ? 2.0913 2.2179 2.0179 0.4764  0.0175  0.0752  461 GLU A CG  
446 C CD  . GLU A 56 ? 2.2199 2.4110 2.1605 0.4788  -0.0187 0.0602  461 GLU A CD  
447 O OE1 . GLU A 56 ? 2.2971 2.5191 2.2469 0.5136  -0.0418 0.0556  461 GLU A OE1 
448 O OE2 . GLU A 56 ? 2.1817 2.3926 2.1268 0.4463  -0.0241 0.0519  461 GLU A OE2 
449 N N   . GLU A 57 ? 1.4874 1.7026 1.5720 0.4158  0.0528  0.0044  462 GLU A N   
450 C CA  . GLU A 57 ? 1.4982 1.7180 1.6123 0.3933  0.0755  -0.0140 462 GLU A CA  
451 C C   . GLU A 57 ? 1.4254 1.6785 1.5491 0.3498  0.0754  -0.0261 462 GLU A C   
452 O O   . GLU A 57 ? 1.4463 1.6800 1.5662 0.3241  0.0953  -0.0325 462 GLU A O   
453 C CB  . GLU A 57 ? 1.5052 1.7595 1.6591 0.4153  0.0728  -0.0293 462 GLU A CB  
454 C CG  . GLU A 57 ? 1.5577 1.7634 1.7093 0.4433  0.0917  -0.0247 462 GLU A CG  
455 C CD  . GLU A 57 ? 1.5896 1.8321 1.7829 0.4698  0.0866  -0.0398 462 GLU A CD  
456 O OE1 . GLU A 57 ? 1.6263 1.8937 1.8242 0.5021  0.0621  -0.0339 462 GLU A OE1 
457 O OE2 . GLU A 57 ? 1.5787 1.8298 1.8008 0.4576  0.1062  -0.0597 462 GLU A OE2 
458 N N   . GLY A 58 ? 1.3561 1.6570 1.4926 0.3431  0.0535  -0.0295 463 GLY A N   
459 C CA  . GLY A 58 ? 1.2536 1.5866 1.4005 0.3051  0.0526  -0.0377 463 GLY A CA  
460 C C   . GLY A 58 ? 1.1877 1.4856 1.3004 0.2835  0.0576  -0.0261 463 GLY A C   
461 O O   . GLY A 58 ? 1.1709 1.4720 1.2846 0.2540  0.0695  -0.0327 463 GLY A O   
462 N N   . VAL A 59 ? 1.1867 1.4537 1.2687 0.2995  0.0489  -0.0097 464 VAL A N   
463 C CA  . VAL A 59 ? 1.1658 1.3992 1.2177 0.2812  0.0549  0.0014  464 VAL A CA  
464 C C   . VAL A 59 ? 1.1519 1.3461 1.1986 0.2707  0.0814  -0.0011 464 VAL A C   
465 O O   . VAL A 59 ? 1.1707 1.3687 1.2199 0.2409  0.0890  -0.0086 464 VAL A O   
466 C CB  . VAL A 59 ? 1.2014 1.4075 1.2194 0.3043  0.0445  0.0194  464 VAL A CB  
467 C CG1 . VAL A 59 ? 1.2520 1.4210 1.2432 0.2860  0.0565  0.0293  464 VAL A CG1 
468 C CG2 . VAL A 59 ? 1.1859 1.4340 1.2105 0.3132  0.0158  0.0163  464 VAL A CG2 
469 N N   . ASN A 60 ? 1.1734 1.3328 1.2156 0.2956  0.0940  0.0036  465 ASN A N   
470 C CA  . ASN A 60 ? 1.2232 1.3410 1.2668 0.2877  0.1212  -0.0017 465 ASN A CA  
471 C C   . ASN A 60 ? 1.1518 1.3006 1.2197 0.2593  0.1282  -0.0251 465 ASN A C   
472 O O   . ASN A 60 ? 1.2503 1.3803 1.3158 0.2373  0.1423  -0.0330 465 ASN A O   
473 C CB  . ASN A 60 ? 1.2675 1.3506 1.3132 0.3203  0.1338  0.0033  465 ASN A CB  
474 C CG  . ASN A 60 ? 1.3676 1.4005 1.3786 0.3444  0.1374  0.0297  465 ASN A CG  
475 O OD1 . ASN A 60 ? 1.5145 1.5384 1.5013 0.3341  0.1332  0.0413  465 ASN A OD1 
476 N ND2 . ASN A 60 ? 1.4391 1.4383 1.4460 0.3781  0.1463  0.0400  465 ASN A ND2 
477 N N   . LEU A 61 ? 1.1009 1.2973 1.1912 0.2607  0.1188  -0.0365 466 LEU A N   
478 C CA  . LEU A 61 ? 1.1399 1.3678 1.2480 0.2368  0.1274  -0.0576 466 LEU A CA  
479 C C   . LEU A 61 ? 1.1006 1.3450 1.1964 0.2064  0.1204  -0.0561 466 LEU A C   
480 O O   . LEU A 61 ? 1.1480 1.3849 1.2387 0.1861  0.1314  -0.0672 466 LEU A O   
481 C CB  . LEU A 61 ? 1.1947 1.4708 1.3305 0.2467  0.1207  -0.0669 466 LEU A CB  
482 C CG  . LEU A 61 ? 1.1643 1.4805 1.3137 0.2223  0.1289  -0.0847 466 LEU A CG  
483 C CD1 . LEU A 61 ? 1.1996 1.4955 1.3474 0.2151  0.1506  -0.1030 466 LEU A CD1 
484 C CD2 . LEU A 61 ? 1.0729 1.4383 1.2543 0.2311  0.1249  -0.0925 466 LEU A CD2 
485 N N   . GLY A 62 ? 1.0756 1.3428 1.1685 0.2046  0.1015  -0.0445 467 GLY A N   
486 C CA  . GLY A 62 ? 1.0495 1.3302 1.1320 0.1788  0.0937  -0.0404 467 GLY A CA  
487 C C   . GLY A 62 ? 1.0265 1.2697 1.0890 0.1685  0.1005  -0.0366 467 GLY A C   
488 O O   . GLY A 62 ? 0.9694 1.2227 1.0270 0.1457  0.1007  -0.0415 467 GLY A O   
489 N N   . GLN A 63 ? 1.0313 1.2334 1.0830 0.1862  0.1063  -0.0275 468 GLN A N   
490 C CA  . GLN A 63 ? 1.0830 1.2460 1.1208 0.1775  0.1170  -0.0234 468 GLN A CA  
491 C C   . GLN A 63 ? 1.0939 1.2512 1.1437 0.1616  0.1339  -0.0439 468 GLN A C   
492 O O   . GLN A 63 ? 1.1734 1.3350 1.2218 0.1398  0.1343  -0.0513 468 GLN A O   
493 C CB  . GLN A 63 ? 1.1319 1.2491 1.1550 0.2022  0.1251  -0.0075 468 GLN A CB  
494 C CG  . GLN A 63 ? 1.1391 1.2142 1.1529 0.1918  0.1419  -0.0034 468 GLN A CG  
495 C CD  . GLN A 63 ? 1.1197 1.2072 1.1232 0.1757  0.1301  0.0027  468 GLN A CD  
496 O OE1 . GLN A 63 ? 1.2337 1.3283 1.2213 0.1869  0.1152  0.0167  468 GLN A OE1 
497 N NE2 . GLN A 63 ? 1.0913 1.1838 1.1056 0.1504  0.1354  -0.0101 468 GLN A NE2 
498 N N   . ALA A 64 ? 1.1039 1.2542 1.1664 0.1738  0.1461  -0.0546 469 ALA A N   
499 C CA  . ALA A 64 ? 1.1936 1.3435 1.2700 0.1611  0.1617  -0.0798 469 ALA A CA  
500 C C   . ALA A 64 ? 1.1693 1.3619 1.2430 0.1364  0.1525  -0.0926 469 ALA A C   
501 O O   . ALA A 64 ? 1.3189 1.5056 1.3921 0.1186  0.1565  -0.1051 469 ALA A O   
502 C CB  . ALA A 64 ? 1.3198 1.4735 1.4116 0.1791  0.1705  -0.0899 469 ALA A CB  
503 N N   . LEU A 65 ? 1.0559 1.2897 1.1289 0.1363  0.1409  -0.0891 470 LEU A N   
504 C CA  . LEU A 65 ? 1.0359 1.3087 1.1009 0.1159  0.1334  -0.0953 470 LEU A CA  
505 C C   . LEU A 65 ? 1.0477 1.3154 1.0997 0.1005  0.1229  -0.0872 470 LEU A C   
506 O O   . LEU A 65 ? 0.9994 1.2828 1.0438 0.0844  0.1213  -0.0992 470 LEU A O   
507 C CB  . LEU A 65 ? 1.0643 1.3715 1.1335 0.1199  0.1236  -0.0834 470 LEU A CB  
508 C CG  . LEU A 65 ? 1.1615 1.4852 1.2492 0.1343  0.1327  -0.0928 470 LEU A CG  
509 C CD1 . LEU A 65 ? 1.1367 1.5014 1.2342 0.1313  0.1252  -0.0847 470 LEU A CD1 
510 C CD2 . LEU A 65 ? 1.1963 1.5244 1.2846 0.1291  0.1495  -0.1178 470 LEU A CD2 
511 N N   . LEU A 66 ? 1.0653 1.3159 1.1138 0.1071  0.1144  -0.0676 471 LEU A N   
512 C CA  . LEU A 66 ? 1.0331 1.2806 1.0721 0.0948  0.1039  -0.0582 471 LEU A CA  
513 C C   . LEU A 66 ? 1.0746 1.3032 1.1170 0.0837  0.1133  -0.0736 471 LEU A C   
514 O O   . LEU A 66 ? 1.1290 1.3760 1.1674 0.0683  0.1051  -0.0797 471 LEU A O   
515 C CB  . LEU A 66 ? 1.0030 1.2298 1.0372 0.1076  0.0972  -0.0383 471 LEU A CB  
516 C CG  . LEU A 66 ? 0.9537 1.1780 0.9803 0.0966  0.0872  -0.0292 471 LEU A CG  
517 C CD1 . LEU A 66 ? 0.8999 1.1589 0.9247 0.0852  0.0722  -0.0248 471 LEU A CD1 
518 C CD2 . LEU A 66 ? 1.0055 1.2045 1.0233 0.1107  0.0843  -0.0129 471 LEU A CD2 
519 N N   . GLU A 67 ? 1.0963 1.2893 1.1478 0.0919  0.1298  -0.0794 472 GLU A N   
520 C CA  . GLU A 67 ? 1.1640 1.3319 1.2264 0.0806  0.1415  -0.0923 472 GLU A CA  
521 C C   . GLU A 67 ? 1.0928 1.2791 1.1662 0.0679  0.1466  -0.1232 472 GLU A C   
522 O O   . GLU A 67 ? 1.0545 1.2296 1.1433 0.0554  0.1540  -0.1409 472 GLU A O   
523 C CB  . GLU A 67 ? 1.2622 1.3790 1.3298 0.0934  0.1604  -0.0828 472 GLU A CB  
524 C CG  . GLU A 67 ? 1.3363 1.4308 1.4078 0.1131  0.1740  -0.0828 472 GLU A CG  
525 C CD  . GLU A 67 ? 1.4108 1.4528 1.4768 0.1312  0.1900  -0.0630 472 GLU A CD  
526 O OE1 . GLU A 67 ? 1.4754 1.4809 1.5535 0.1396  0.2114  -0.0692 472 GLU A OE1 
527 O OE2 . GLU A 67 ? 1.4612 1.4966 1.5091 0.1377  0.1822  -0.0409 472 GLU A OE2 
528 N N   . ASN A 68 ? 1.1035 1.3209 1.1701 0.0696  0.1422  -0.1313 473 ASN A N   
529 C CA  . ASN A 68 ? 1.1918 1.4342 1.2605 0.0578  0.1437  -0.1620 473 ASN A CA  
530 C C   . ASN A 68 ? 1.1540 1.4409 1.2007 0.0493  0.1255  -0.1586 473 ASN A C   
531 O O   . ASN A 68 ? 1.2317 1.5443 1.2703 0.0452  0.1264  -0.1792 473 ASN A O   
532 C CB  . ASN A 68 ? 1.2886 1.5356 1.3616 0.0668  0.1565  -0.1782 473 ASN A CB  
533 C CG  . ASN A 68 ? 1.4100 1.6163 1.4982 0.0843  0.1722  -0.1700 473 ASN A CG  
534 O OD1 . ASN A 68 ? 1.4837 1.6524 1.5892 0.0836  0.1869  -0.1795 473 ASN A OD1 
535 N ND2 . ASN A 68 ? 1.5338 1.7477 1.6177 0.1006  0.1697  -0.1526 473 ASN A ND2 
536 N N   . GLY A 69 ? 1.1405 1.4344 1.1760 0.0492  0.1115  -0.1325 474 GLY A N   
537 C CA  . GLY A 69 ? 1.0793 1.4087 1.0940 0.0423  0.0957  -0.1241 474 GLY A CA  
538 C C   . GLY A 69 ? 1.0572 1.4133 1.0577 0.0462  0.0989  -0.1208 474 GLY A C   
539 O O   . GLY A 69 ? 1.0715 1.4548 1.0510 0.0411  0.0903  -0.1141 474 GLY A O   
540 N N   . ILE A 70 ? 1.0981 1.4471 1.1100 0.0563  0.1120  -0.1238 475 ILE A N   
541 C CA  . ILE A 70 ? 1.1386 1.5162 1.1431 0.0596  0.1183  -0.1217 475 ILE A CA  
542 C C   . ILE A 70 ? 1.0862 1.4739 1.0895 0.0596  0.1092  -0.0932 475 ILE A C   
543 O O   . ILE A 70 ? 1.0015 1.4166 0.9938 0.0556  0.1118  -0.0864 475 ILE A O   
544 C CB  . ILE A 70 ? 1.1681 1.5365 1.1916 0.0720  0.1343  -0.1351 475 ILE A CB  
545 C CG1 . ILE A 70 ? 1.2495 1.6070 1.2766 0.0699  0.1446  -0.1666 475 ILE A CG1 
546 C CG2 . ILE A 70 ? 1.1925 1.5923 1.2160 0.0757  0.1420  -0.1320 475 ILE A CG2 
547 C CD1 . ILE A 70 ? 1.3687 1.6943 1.4207 0.0835  0.1591  -0.1760 475 ILE A CD1 
548 N N   . ILE A 71 ? 1.0617 1.4268 1.0763 0.0637  0.1007  -0.0782 476 ILE A N   
549 C CA  . ILE A 71 ? 1.0327 1.4029 1.0463 0.0605  0.0880  -0.0546 476 ILE A CA  
550 C C   . ILE A 71 ? 1.0276 1.3768 1.0370 0.0565  0.0767  -0.0486 476 ILE A C   
551 O O   . ILE A 71 ? 1.0329 1.3587 1.0473 0.0588  0.0810  -0.0595 476 ILE A O   
552 C CB  . ILE A 71 ? 1.0520 1.4216 1.0856 0.0715  0.0871  -0.0445 476 ILE A CB  
553 C CG1 . ILE A 71 ? 1.0738 1.4119 1.1160 0.0860  0.0873  -0.0461 476 ILE A CG1 
554 C CG2 . ILE A 71 ? 1.0908 1.4864 1.1352 0.0747  0.0990  -0.0516 476 ILE A CG2 
555 C CD1 . ILE A 71 ? 1.0519 1.3917 1.1091 0.0997  0.0801  -0.0355 476 ILE A CD1 
556 N N   . HIS A 72 ? 1.0019 1.3584 1.0067 0.0508  0.0651  -0.0314 477 HIS A N   
557 C CA  . HIS A 72 ? 0.9666 1.3088 0.9689 0.0469  0.0535  -0.0238 477 HIS A CA  
558 C C   . HIS A 72 ? 0.9383 1.2766 0.9490 0.0497  0.0448  -0.0056 477 HIS A C   
559 O O   . HIS A 72 ? 0.8837 1.2394 0.8978 0.0470  0.0445  0.0034  477 HIS A O   
560 C CB  . HIS A 72 ? 1.0228 1.3816 1.0086 0.0377  0.0472  -0.0270 477 HIS A CB  
561 C CG  . HIS A 72 ? 1.0059 1.3817 0.9794 0.0332  0.0406  -0.0089 477 HIS A CG  
562 N ND1 . HIS A 72 ? 1.0379 1.4357 0.9955 0.0309  0.0477  -0.0080 477 HIS A ND1 
563 C CD2 . HIS A 72 ? 1.1007 1.4726 1.0742 0.0307  0.0292  0.0087  477 HIS A CD2 
564 C CE1 . HIS A 72 ? 1.1856 1.5899 1.1328 0.0272  0.0423  0.0123  477 HIS A CE1 
565 N NE2 . HIS A 72 ? 1.0947 1.4826 1.0532 0.0270  0.0301  0.0225  477 HIS A NE2 
566 N N   . HIS A 73 ? 0.9302 1.2461 0.9457 0.0549  0.0401  -0.0020 478 HIS A N   
567 C CA  . HIS A 73 ? 0.9235 1.2361 0.9459 0.0579  0.0298  0.0113  478 HIS A CA  
568 C C   . HIS A 73 ? 0.9006 1.2222 0.9200 0.0473  0.0204  0.0214  478 HIS A C   
569 O O   . HIS A 73 ? 0.8815 1.2025 0.8921 0.0418  0.0181  0.0189  478 HIS A O   
570 C CB  . HIS A 73 ? 0.9689 1.2551 0.9900 0.0670  0.0281  0.0122  478 HIS A CB  
571 C CG  . HIS A 73 ? 0.9909 1.2741 1.0157 0.0693  0.0163  0.0217  478 HIS A CG  
572 N ND1 . HIS A 73 ? 0.9152 1.1844 0.9364 0.0670  0.0118  0.0249  478 HIS A ND1 
573 C CD2 . HIS A 73 ? 1.0510 1.3440 1.0856 0.0743  0.0083  0.0252  478 HIS A CD2 
574 C CE1 . HIS A 73 ? 0.9671 1.2358 0.9926 0.0708  0.0018  0.0302  478 HIS A CE1 
575 N NE2 . HIS A 73 ? 1.0316 1.3153 1.0662 0.0748  -0.0014 0.0296  478 HIS A NE2 
576 N N   . VAL A 74 ? 0.9226 1.2519 0.9522 0.0455  0.0151  0.0314  479 VAL A N   
577 C CA  . VAL A 74 ? 0.9435 1.2752 0.9740 0.0370  0.0073  0.0444  479 VAL A CA  
578 C C   . VAL A 74 ? 0.9606 1.2746 0.9974 0.0405  -0.0030 0.0468  479 VAL A C   
579 O O   . VAL A 74 ? 0.9296 1.2401 0.9791 0.0458  -0.0072 0.0453  479 VAL A O   
580 C CB  . VAL A 74 ? 0.9510 1.2980 0.9958 0.0316  0.0113  0.0521  479 VAL A CB  
581 C CG1 . VAL A 74 ? 0.9898 1.3317 1.0412 0.0241  0.0052  0.0666  479 VAL A CG1 
582 C CG2 . VAL A 74 ? 0.9715 1.3371 1.0069 0.0279  0.0243  0.0505  479 VAL A CG2 
583 N N   . SER A 75 ? 1.0099 1.3168 1.0390 0.0382  -0.0078 0.0487  480 SER A N   
584 C CA  . SER A 75 ? 0.9977 1.2890 1.0321 0.0410  -0.0157 0.0495  480 SER A CA  
585 C C   . SER A 75 ? 1.0806 1.3700 1.1283 0.0383  -0.0236 0.0595  480 SER A C   
586 O O   . SER A 75 ? 1.1364 1.4348 1.1856 0.0315  -0.0227 0.0701  480 SER A O   
587 C CB  . SER A 75 ? 0.9241 1.2161 0.9531 0.0386  -0.0183 0.0469  480 SER A CB  
588 O OG  . SER A 75 ? 0.9432 1.2250 0.9811 0.0404  -0.0259 0.0498  480 SER A OG  
589 N N   . ASP A 76 ? 1.1595 1.4360 1.2155 0.0435  -0.0292 0.0560  481 ASP A N   
590 C CA  . ASP A 76 ? 1.2587 1.5305 1.3321 0.0415  -0.0371 0.0597  481 ASP A CA  
591 C C   . ASP A 76 ? 1.1826 1.4416 1.2591 0.0422  -0.0434 0.0628  481 ASP A C   
592 O O   . ASP A 76 ? 1.1813 1.4314 1.2726 0.0432  -0.0495 0.0609  481 ASP A O   
593 C CB  . ASP A 76 ? 1.4529 1.7229 1.5324 0.0493  -0.0407 0.0486  481 ASP A CB  
594 C CG  . ASP A 76 ? 1.6132 1.8690 1.6769 0.0608  -0.0401 0.0411  481 ASP A CG  
595 O OD1 . ASP A 76 ? 1.5484 1.8003 1.5973 0.0632  -0.0315 0.0408  481 ASP A OD1 
596 O OD2 . ASP A 76 ? 1.7363 1.9845 1.8032 0.0668  -0.0467 0.0348  481 ASP A OD2 
597 N N   . LYS A 77 ? 1.0883 1.3488 1.1553 0.0425  -0.0426 0.0644  482 LYS A N   
598 C CA  . LYS A 77 ? 1.1509 1.4047 1.2247 0.0448  -0.0489 0.0657  482 LYS A CA  
599 C C   . LYS A 77 ? 1.0559 1.3095 1.1363 0.0416  -0.0553 0.0814  482 LYS A C   
600 O O   . LYS A 77 ? 1.0620 1.3251 1.1323 0.0375  -0.0525 0.0909  482 LYS A O   
601 C CB  . LYS A 77 ? 1.2339 1.4947 1.3011 0.0461  -0.0461 0.0581  482 LYS A CB  
602 C CG  . LYS A 77 ? 1.3518 1.6042 1.4153 0.0497  -0.0359 0.0454  482 LYS A CG  
603 C CD  . LYS A 77 ? 1.5160 1.7534 1.5819 0.0560  -0.0359 0.0428  482 LYS A CD  
604 C CE  . LYS A 77 ? 1.6626 1.8909 1.7140 0.0628  -0.0264 0.0369  482 LYS A CE  
605 N NZ  . LYS A 77 ? 1.8610 2.0750 1.9086 0.0691  -0.0179 0.0307  482 LYS A NZ  
606 N N   . HIS A 78 ? 1.0333 1.2742 1.1294 0.0443  -0.0615 0.0844  483 HIS A N   
607 C CA  . HIS A 78 ? 1.1103 1.3431 1.2152 0.0419  -0.0647 0.1019  483 HIS A CA  
608 C C   . HIS A 78 ? 1.0839 1.3148 1.1896 0.0496  -0.0734 0.1101  483 HIS A C   
609 O O   . HIS A 78 ? 1.1227 1.3421 1.2338 0.0514  -0.0764 0.1275  483 HIS A O   
610 C CB  . HIS A 78 ? 1.1937 1.4113 1.3217 0.0389  -0.0646 0.0977  483 HIS A CB  
611 C CG  . HIS A 78 ? 1.1849 1.3865 1.3305 0.0450  -0.0713 0.0952  483 HIS A CG  
612 N ND1 . HIS A 78 ? 1.2124 1.4127 1.3604 0.0517  -0.0736 0.0776  483 HIS A ND1 
613 C CD2 . HIS A 78 ? 1.1393 1.3241 1.3010 0.0461  -0.0744 0.1082  483 HIS A CD2 
614 C CE1 . HIS A 78 ? 1.2661 1.4521 1.4327 0.0567  -0.0785 0.0773  483 HIS A CE1 
615 N NE2 . HIS A 78 ? 1.2943 1.4697 1.4707 0.0536  -0.0798 0.0962  483 HIS A NE2 
616 N N   . GLN A 79 ? 1.0453 1.2878 1.1473 0.0545  -0.0765 0.0979  484 GLN A N   
617 C CA  . GLN A 79 ? 1.0550 1.2972 1.1714 0.0633  -0.0851 0.0943  484 GLN A CA  
618 C C   . GLN A 79 ? 1.0065 1.2728 1.1132 0.0660  -0.0899 0.0890  484 GLN A C   
619 O O   . GLN A 79 ? 0.9752 1.2507 1.0803 0.0621  -0.0830 0.0727  484 GLN A O   
620 C CB  . GLN A 79 ? 1.1443 1.3762 1.2755 0.0643  -0.0800 0.0771  484 GLN A CB  
621 C CG  . GLN A 79 ? 1.2773 1.5097 1.4287 0.0727  -0.0846 0.0688  484 GLN A CG  
622 C CD  . GLN A 79 ? 1.4387 1.6550 1.6085 0.0790  -0.0923 0.0779  484 GLN A CD  
623 O OE1 . GLN A 79 ? 1.5229 1.7221 1.7038 0.0787  -0.0889 0.0714  484 GLN A OE1 
624 N NE2 . GLN A 79 ? 1.4842 1.7054 1.6573 0.0865  -0.1028 0.0920  484 GLN A NE2 
625 N N   . PHE A 80 ? 1.0134 1.2893 1.1124 0.0730  -0.1011 0.1022  485 PHE A N   
626 C CA  . PHE A 80 ? 1.0052 1.3096 1.0969 0.0774  -0.1099 0.0930  485 PHE A CA  
627 C C   . PHE A 80 ? 1.0063 1.3206 1.1282 0.0827  -0.1154 0.0746  485 PHE A C   
628 O O   . PHE A 80 ? 0.9487 1.2537 1.0899 0.0918  -0.1224 0.0800  485 PHE A O   
629 C CB  . PHE A 80 ? 1.0681 1.3817 1.1372 0.0871  -0.1223 0.1131  485 PHE A CB  
630 C CG  . PHE A 80 ? 1.0727 1.4205 1.1367 0.0939  -0.1357 0.0987  485 PHE A CG  
631 C CD1 . PHE A 80 ? 1.0521 1.4152 1.1407 0.1054  -0.1509 0.0894  485 PHE A CD1 
632 C CD2 . PHE A 80 ? 1.0901 1.4577 1.1301 0.0885  -0.1332 0.0898  485 PHE A CD2 
633 C CE1 . PHE A 80 ? 1.1024 1.5024 1.1928 0.1108  -0.1651 0.0707  485 PHE A CE1 
634 C CE2 . PHE A 80 ? 1.0739 1.4757 1.1130 0.0939  -0.1469 0.0706  485 PHE A CE2 
635 C CZ  . PHE A 80 ? 1.0411 1.4606 1.1064 0.1049  -0.1637 0.0606  485 PHE A CZ  
636 N N   . LYS A 81 ? 1.0704 1.4030 1.1983 0.0768  -0.1104 0.0527  486 LYS A N   
637 C CA  . LYS A 81 ? 1.1020 1.4459 1.2621 0.0759  -0.1068 0.0296  486 LYS A CA  
638 C C   . LYS A 81 ? 1.0596 1.4398 1.2314 0.0802  -0.1214 0.0148  486 LYS A C   
639 O O   . LYS A 81 ? 1.0714 1.4670 1.2262 0.0750  -0.1219 0.0075  486 LYS A O   
640 C CB  . LYS A 81 ? 1.1278 1.4635 1.2877 0.0638  -0.0860 0.0144  486 LYS A CB  
641 C CG  . LYS A 81 ? 1.2331 1.5389 1.3793 0.0605  -0.0721 0.0232  486 LYS A CG  
642 C CD  . LYS A 81 ? 1.3712 1.6605 1.5347 0.0638  -0.0637 0.0181  486 LYS A CD  
643 C CE  . LYS A 81 ? 1.5042 1.7851 1.6775 0.0725  -0.0754 0.0291  486 LYS A CE  
644 N NZ  . LYS A 81 ? 1.4978 1.7610 1.6818 0.0756  -0.0658 0.0225  486 LYS A NZ  
645 N N   . ASN A 82 ? 0.9638 1.3599 1.1678 0.0892  -0.1321 0.0059  487 ASN A N   
646 C CA  . ASN A 82 ? 0.9951 1.4322 1.2218 0.0924  -0.1458 -0.0167 487 ASN A CA  
647 C C   . ASN A 82 ? 0.9821 1.4244 1.2386 0.0769  -0.1256 -0.0449 487 ASN A C   
648 O O   . ASN A 82 ? 0.9603 1.4148 1.2588 0.0775  -0.1225 -0.0614 487 ASN A O   
649 C CB  . ASN A 82 ? 1.0114 1.4667 1.2637 0.1104  -0.1669 -0.0150 487 ASN A CB  
650 C CG  . ASN A 82 ? 0.9848 1.4875 1.2740 0.1143  -0.1819 -0.0442 487 ASN A CG  
651 O OD1 . ASN A 82 ? 1.0193 1.5423 1.3294 0.1316  -0.2021 -0.0441 487 ASN A OD1 
652 N ND2 . ASN A 82 ? 1.0059 1.5271 1.3075 0.0996  -0.1728 -0.0707 487 ASN A ND2 
653 N N   . GLU A 83 ? 1.0414 1.4742 1.2788 0.0640  -0.1105 -0.0501 488 GLU A N   
654 C CA  . GLU A 83 ? 1.0565 1.4891 1.3202 0.0491  -0.0883 -0.0748 488 GLU A CA  
655 C C   . GLU A 83 ? 0.9455 1.3899 1.1945 0.0405  -0.0872 -0.0880 488 GLU A C   
656 O O   . GLU A 83 ? 0.8790 1.3265 1.0905 0.0458  -0.1000 -0.0743 488 GLU A O   
657 C CB  . GLU A 83 ? 1.2082 1.6001 1.4611 0.0430  -0.0618 -0.0643 488 GLU A CB  
658 C CG  . GLU A 83 ? 1.3602 1.7415 1.6366 0.0478  -0.0543 -0.0626 488 GLU A CG  
659 C CD  . GLU A 83 ? 1.5655 1.9086 1.8133 0.0500  -0.0411 -0.0435 488 GLU A CD  
660 O OE1 . GLU A 83 ? 1.7507 2.0853 2.0078 0.0576  -0.0421 -0.0381 488 GLU A OE1 
661 O OE2 . GLU A 83 ? 1.5008 1.8248 1.7187 0.0453  -0.0313 -0.0359 488 GLU A OE2 
662 N N   . GLN A 84 ? 0.9272 1.3756 1.2067 0.0273  -0.0697 -0.1138 489 GLN A N   
663 C CA  . GLN A 84 ? 0.9658 1.4144 1.2365 0.0164  -0.0599 -0.1291 489 GLN A CA  
664 C C   . GLN A 84 ? 0.9262 1.3357 1.1550 0.0157  -0.0442 -0.1058 489 GLN A C   
665 O O   . GLN A 84 ? 0.9449 1.3269 1.1791 0.0075  -0.0186 -0.1087 489 GLN A O   
666 C CB  . GLN A 84 ? 0.9819 1.4326 1.3001 0.0013  -0.0379 -0.1592 489 GLN A CB  
667 C CG  . GLN A 84 ? 1.0321 1.5272 1.4020 0.0003  -0.0528 -0.1879 489 GLN A CG  
668 C CD  . GLN A 84 ? 1.1256 1.6326 1.5357 -0.0170 -0.0377 -0.2244 489 GLN A CD  
669 O OE1 . GLN A 84 ? 1.2983 1.8281 1.7672 -0.0256 -0.0320 -0.2522 489 GLN A OE1 
670 N NE2 . GLN A 84 ? 1.0907 1.5810 1.4724 -0.0225 -0.0293 -0.2253 489 GLN A NE2 
671 N N   . VAL A 85 ? 0.9475 1.3573 1.1377 0.0249  -0.0598 -0.0839 490 VAL A N   
672 C CA  . VAL A 85 ? 0.8379 1.2197 0.9899 0.0265  -0.0515 -0.0607 490 VAL A CA  
673 C C   . VAL A 85 ? 0.8499 1.2509 0.9719 0.0291  -0.0644 -0.0585 490 VAL A C   
674 O O   . VAL A 85 ? 0.8140 1.2432 0.9331 0.0358  -0.0852 -0.0611 490 VAL A O   
675 C CB  . VAL A 85 ? 0.7803 1.1454 0.9237 0.0350  -0.0567 -0.0359 490 VAL A CB  
676 C CG1 . VAL A 85 ? 0.8462 1.1988 0.9544 0.0383  -0.0591 -0.0133 490 VAL A CG1 
677 C CG2 . VAL A 85 ? 0.7490 1.0891 0.9092 0.0330  -0.0384 -0.0365 490 VAL A CG2 
678 N N   . MET A 86 ? 0.9637 1.3507 1.0620 0.0258  -0.0525 -0.0536 491 MET A N   
679 C CA  . MET A 86 ? 0.9481 1.3556 1.0197 0.0268  -0.0599 -0.0578 491 MET A CA  
680 C C   . MET A 86 ? 0.9241 1.3252 0.9615 0.0332  -0.0641 -0.0287 491 MET A C   
681 O O   . MET A 86 ? 0.9292 1.3050 0.9656 0.0333  -0.0553 -0.0107 491 MET A O   
682 C CB  . MET A 86 ? 0.9923 1.3921 1.0659 0.0187  -0.0419 -0.0765 491 MET A CB  
683 C CG  . MET A 86 ? 1.0179 1.4231 1.1290 0.0101  -0.0350 -0.1067 491 MET A CG  
684 S SD  . MET A 86 ? 1.1125 1.5060 1.2263 0.0016  -0.0137 -0.1293 491 MET A SD  
685 C CE  . MET A 86 ? 1.1544 1.5369 1.3219 -0.0107 0.0038  -0.1563 491 MET A CE  
686 N N   . TYR A 87 ? 0.9110 1.3358 0.9220 0.0386  -0.0767 -0.0259 492 TYR A N   
687 C CA  . TYR A 87 ? 0.9303 1.3522 0.9080 0.0448  -0.0799 0.0030  492 TYR A CA  
688 C C   . TYR A 87 ? 0.9208 1.3656 0.8642 0.0470  -0.0810 -0.0032 492 TYR A C   
689 O O   . TYR A 87 ? 0.8350 1.3037 0.7816 0.0464  -0.0874 -0.0312 492 TYR A O   
690 C CB  . TYR A 87 ? 0.9439 1.3692 0.9198 0.0554  -0.0977 0.0216  492 TYR A CB  
691 C CG  . TYR A 87 ? 0.9655 1.3695 0.9721 0.0551  -0.0971 0.0282  492 TYR A CG  
692 C CD1 . TYR A 87 ? 0.9786 1.3553 0.9851 0.0536  -0.0884 0.0499  492 TYR A CD1 
693 C CD2 . TYR A 87 ? 1.0722 1.4858 1.1104 0.0564  -0.1051 0.0103  492 TYR A CD2 
694 C CE1 . TYR A 87 ? 0.9919 1.3503 1.0243 0.0543  -0.0882 0.0529  492 TYR A CE1 
695 C CE2 . TYR A 87 ? 1.0366 1.4318 1.1013 0.0572  -0.1028 0.0153  492 TYR A CE2 
696 C CZ  . TYR A 87 ? 0.9907 1.3576 1.0498 0.0567  -0.0948 0.0365  492 TYR A CZ  
697 O OH  . TYR A 87 ? 1.0794 1.4292 1.1618 0.0583  -0.0926 0.0387  492 TYR A OH  
698 N N   . ARG A 88 ? 0.9092 1.3475 0.8234 0.0490  -0.0737 0.0210  493 ARG A N   
699 C CA  . ARG A 88 ? 0.9511 1.4077 0.8276 0.0512  -0.0688 0.0200  493 ARG A CA  
700 C C   . ARG A 88 ? 1.0282 1.4795 0.8725 0.0580  -0.0679 0.0555  493 ARG A C   
701 O O   . ARG A 88 ? 0.9884 1.4149 0.8477 0.0556  -0.0627 0.0786  493 ARG A O   
702 C CB  . ARG A 88 ? 0.9278 1.3769 0.8108 0.0420  -0.0479 0.0071  493 ARG A CB  
703 C CG  . ARG A 88 ? 0.9568 1.4100 0.8661 0.0365  -0.0464 -0.0278 493 ARG A CG  
704 C CD  . ARG A 88 ? 1.0098 1.4660 0.9163 0.0319  -0.0303 -0.0491 493 ARG A CD  
705 N NE  . ARG A 88 ? 1.0221 1.5041 0.8905 0.0364  -0.0310 -0.0537 493 ARG A NE  
706 C CZ  . ARG A 88 ? 1.0929 1.5744 0.9375 0.0375  -0.0171 -0.0370 493 ARG A CZ  
707 N NH1 . ARG A 88 ? 1.1582 1.6175 1.0195 0.0336  -0.0037 -0.0180 493 ARG A NH1 
708 N NH2 . ARG A 88 ? 1.1091 1.6148 0.9151 0.0424  -0.0159 -0.0416 493 ARG A NH2 
709 N N   . PHE A 89 ? 1.1186 1.5923 0.9200 0.0666  -0.0721 0.0579  494 PHE A N   
710 C CA  . PHE A 89 ? 1.2197 1.6884 0.9808 0.0729  -0.0637 0.0921  494 PHE A CA  
711 C C   . PHE A 89 ? 1.3081 1.7732 1.0648 0.0625  -0.0373 0.0916  494 PHE A C   
712 O O   . PHE A 89 ? 1.2634 1.7358 1.0377 0.0552  -0.0309 0.0628  494 PHE A O   
713 C CB  . PHE A 89 ? 1.2883 1.7842 0.9995 0.0898  -0.0797 0.0940  494 PHE A CB  
714 C CG  . PHE A 89 ? 1.2960 1.7988 1.0117 0.1038  -0.1075 0.0977  494 PHE A CG  
715 C CD1 . PHE A 89 ? 1.3354 1.8186 1.0364 0.1152  -0.1118 0.1362  494 PHE A CD1 
716 C CD2 . PHE A 89 ? 1.2816 1.8096 1.0209 0.1059  -0.1282 0.0619  494 PHE A CD2 
717 C CE1 . PHE A 89 ? 1.2953 1.7848 1.0042 0.1305  -0.1377 0.1395  494 PHE A CE1 
718 C CE2 . PHE A 89 ? 1.2855 1.8236 1.0360 0.1193  -0.1538 0.0635  494 PHE A CE2 
719 C CZ  . PHE A 89 ? 1.3083 1.8274 1.0429 0.1326  -0.1593 0.1025  494 PHE A CZ  
720 N N   . ARG A 90 ? 1.5318 1.9846 1.2694 0.0618  -0.0210 0.1229  495 ARG A N   
721 C CA  . ARG A 90 ? 1.7475 2.2047 1.4761 0.0539  0.0054  0.1234  495 ARG A CA  
722 C C   . ARG A 90 ? 1.7714 2.2593 1.4546 0.0614  0.0062  0.1049  495 ARG A C   
723 O O   . ARG A 90 ? 1.7446 2.2437 1.4388 0.0550  0.0177  0.0780  495 ARG A O   
724 C CB  . ARG A 90 ? 1.9463 2.3835 1.6700 0.0506  0.0238  0.1616  495 ARG A CB  
725 C CG  . ARG A 90 ? 2.0413 2.4722 1.7229 0.0642  0.0164  0.1936  495 ARG A CG  
726 C CD  . ARG A 90 ? 2.1357 2.5327 1.8419 0.0588  0.0249  0.2265  495 ARG A CD  
727 N NE  . ARG A 90 ? 2.3073 2.6929 1.9681 0.0715  0.0287  0.2639  495 ARG A NE  
728 C CZ  . ARG A 90 ? 2.3369 2.6906 2.0080 0.0677  0.0441  0.2988  495 ARG A CZ  
729 N NH1 . ARG A 90 ? 2.3471 2.6877 1.9708 0.0821  0.0486  0.3350  495 ARG A NH1 
730 N NH2 . ARG A 90 ? 2.2711 2.6054 1.9991 0.0506  0.0550  0.2969  495 ARG A NH2 
731 N N   . TYR A 91 ? 1.8196 2.3213 1.4554 0.0765  -0.0083 0.1152  496 TYR A N   
732 C CA  . TYR A 91 ? 1.8750 2.4069 1.4518 0.0881  -0.0078 0.1058  496 TYR A CA  
733 C C   . TYR A 91 ? 1.9454 2.5020 1.5315 0.0831  -0.0072 0.0586  496 TYR A C   
734 O O   . TYR A 91 ? 1.9885 2.5736 1.5266 0.0933  -0.0101 0.0435  496 TYR A O   
735 C CB  . TYR A 91 ? 1.7596 2.3058 1.2942 0.1085  -0.0353 0.1153  496 TYR A CB  
736 C CG  . TYR A 91 ? 1.7992 2.3173 1.3244 0.1160  -0.0355 0.1624  496 TYR A CG  
737 C CD1 . TYR A 91 ? 1.9068 2.4053 1.4031 0.1153  -0.0078 0.2012  496 TYR A CD1 
738 C CD2 . TYR A 91 ? 1.8337 2.3418 1.3856 0.1223  -0.0602 0.1675  496 TYR A CD2 
739 C CE1 . TYR A 91 ? 1.9644 2.4310 1.4584 0.1205  -0.0049 0.2445  496 TYR A CE1 
740 C CE2 . TYR A 91 ? 1.9117 2.3898 1.4602 0.1293  -0.0593 0.2094  496 TYR A CE2 
741 C CZ  . TYR A 91 ? 1.9560 2.4114 1.4761 0.1282  -0.0314 0.2483  496 TYR A CZ  
742 O OH  . TYR A 91 ? 1.9363 2.3577 1.4581 0.1345  -0.0294 0.2886  496 TYR A OH  
743 N N   . ASP A 92 ? 1.9146 2.4598 1.5562 0.0696  -0.0028 0.0361  497 ASP A N   
744 C CA  . ASP A 92 ? 1.8856 2.4449 1.5426 0.0636  0.0042  -0.0054 497 ASP A CA  
745 C C   . ASP A 92 ? 1.7842 2.3281 1.4686 0.0529  0.0321  -0.0012 497 ASP A C   
746 O O   . ASP A 92 ? 1.7458 2.3020 1.4277 0.0512  0.0467  -0.0250 497 ASP A O   
747 C CB  . ASP A 92 ? 1.8620 2.4200 1.5613 0.0597  -0.0142 -0.0366 497 ASP A CB  
748 C CG  . ASP A 92 ? 1.9053 2.4907 1.5863 0.0695  -0.0417 -0.0571 497 ASP A CG  
749 O OD1 . ASP A 92 ? 1.8952 2.4870 1.6104 0.0643  -0.0512 -0.0924 497 ASP A OD1 
750 O OD2 . ASP A 92 ? 1.9941 2.5939 1.6290 0.0829  -0.0532 -0.0373 497 ASP A OD2 
751 O O   . HOH B .  ? 0.9058 1.4658 1.2046 0.0614  0.0568  -0.0321 501 HOH A O   
752 O O   . HOH B .  ? 0.6238 0.9462 0.7188 0.0433  -0.0210 0.0453  502 HOH A O   
753 O O   . HOH B .  ? 0.6249 1.0056 0.5787 0.0202  0.0186  0.0742  503 HOH A O   
754 O O   . HOH B .  ? 0.5463 0.9118 0.4957 0.0148  0.0182  0.1218  504 HOH A O   
# 
loop_
_pdbx_poly_seq_scheme.asym_id 
_pdbx_poly_seq_scheme.entity_id 
_pdbx_poly_seq_scheme.seq_id 
_pdbx_poly_seq_scheme.mon_id 
_pdbx_poly_seq_scheme.ndb_seq_num 
_pdbx_poly_seq_scheme.pdb_seq_num 
_pdbx_poly_seq_scheme.auth_seq_num 
_pdbx_poly_seq_scheme.pdb_mon_id 
_pdbx_poly_seq_scheme.auth_mon_id 
_pdbx_poly_seq_scheme.pdb_strand_id 
_pdbx_poly_seq_scheme.pdb_ins_code 
_pdbx_poly_seq_scheme.hetero 
A 1 1  SER 1  406 ?   ?   ?   A . n 
A 1 2  ASN 2  407 407 ASN ASN A . n 
A 1 3  ALA 3  408 408 ALA ALA A . n 
A 1 4  ILE 4  409 409 ILE ILE A . n 
A 1 5  ALA 5  410 410 ALA ALA A . n 
A 1 6  GLU 6  411 411 GLU GLU A . n 
A 1 7  LYS 7  412 412 LYS LYS A . n 
A 1 8  GLY 8  413 413 GLY GLY A . n 
A 1 9  GLU 9  414 414 GLU GLU A . n 
A 1 10 LYS 10 415 415 LYS LYS A . n 
A 1 11 LEU 11 416 416 LEU LEU A . n 
A 1 12 TYR 12 417 417 TYR TYR A . n 
A 1 13 HIS 13 418 418 HIS HIS A . n 
A 1 14 MET 14 419 419 MET MET A . n 
A 1 15 MET 15 420 420 MET MET A . n 
A 1 16 MET 16 421 421 MET MET A . n 
A 1 17 ASN 17 422 422 ASN ASN A . n 
A 1 18 LYS 18 423 423 LYS LYS A . n 
A 1 19 LYS 19 424 424 LYS LYS A . n 
A 1 20 VAL 20 425 425 VAL VAL A . n 
A 1 21 ASN 21 426 426 ASN ASN A . n 
A 1 22 LEU 22 427 427 LEU LEU A . n 
A 1 23 ILE 23 428 428 ILE ILE A . n 
A 1 24 LYS 24 429 429 LYS LYS A . n 
A 1 25 ASP 25 430 430 ASP ASP A . n 
A 1 26 ARG 26 431 431 ARG ARG A . n 
A 1 27 ARG 27 432 432 ARG ARG A . n 
A 1 28 ARG 28 433 433 ARG ARG A . n 
A 1 29 LYS 29 434 434 LYS LYS A . n 
A 1 30 LEU 30 435 435 LEU LEU A . n 
A 1 31 SER 31 436 436 SER SER A . n 
A 1 32 THR 32 437 437 THR THR A . n 
A 1 33 VAL 33 438 438 VAL VAL A . n 
A 1 34 PRO 34 439 439 PRO PRO A . n 
A 1 35 LYS 35 440 440 LYS LYS A . n 
A 1 36 CYS 36 441 441 CYS CYS A . n 
A 1 37 PHE 37 442 442 PHE PHE A . n 
A 1 38 LEU 38 443 443 LEU LEU A . n 
A 1 39 GLY 39 444 444 GLY GLY A . n 
A 1 40 ASN 40 445 445 ASN ASN A . n 
A 1 41 GLU 41 446 446 GLU GLU A . n 
A 1 42 PHE 42 447 447 PHE PHE A . n 
A 1 43 VAL 43 448 448 VAL VAL A . n 
A 1 44 ALA 44 449 449 ALA ALA A . n 
A 1 45 TRP 45 450 450 TRP TRP A . n 
A 1 46 LEU 46 451 451 LEU LEU A . n 
A 1 47 LEU 47 452 452 LEU LEU A . n 
A 1 48 GLU 48 453 453 GLU GLU A . n 
A 1 49 ILE 49 454 454 ILE ILE A . n 
A 1 50 GLY 50 455 455 GLY GLY A . n 
A 1 51 GLU 51 456 456 GLU GLU A . n 
A 1 52 ILE 52 457 457 ILE ILE A . n 
A 1 53 SER 53 458 458 SER SER A . n 
A 1 54 LYS 54 459 459 LYS LYS A . n 
A 1 55 THR 55 460 460 THR THR A . n 
A 1 56 GLU 56 461 461 GLU GLU A . n 
A 1 57 GLU 57 462 462 GLU GLU A . n 
A 1 58 GLY 58 463 463 GLY GLY A . n 
A 1 59 VAL 59 464 464 VAL VAL A . n 
A 1 60 ASN 60 465 465 ASN ASN A . n 
A 1 61 LEU 61 466 466 LEU LEU A . n 
A 1 62 GLY 62 467 467 GLY GLY A . n 
A 1 63 GLN 63 468 468 GLN GLN A . n 
A 1 64 ALA 64 469 469 ALA ALA A . n 
A 1 65 LEU 65 470 470 LEU LEU A . n 
A 1 66 LEU 66 471 471 LEU LEU A . n 
A 1 67 GLU 67 472 472 GLU GLU A . n 
A 1 68 ASN 68 473 473 ASN ASN A . n 
A 1 69 GLY 69 474 474 GLY GLY A . n 
A 1 70 ILE 70 475 475 ILE ILE A . n 
A 1 71 ILE 71 476 476 ILE ILE A . n 
A 1 72 HIS 72 477 477 HIS HIS A . n 
A 1 73 HIS 73 478 478 HIS HIS A . n 
A 1 74 VAL 74 479 479 VAL VAL A . n 
A 1 75 SER 75 480 480 SER SER A . n 
A 1 76 ASP 76 481 481 ASP ASP A . n 
A 1 77 LYS 77 482 482 LYS LYS A . n 
A 1 78 HIS 78 483 483 HIS HIS A . n 
A 1 79 GLN 79 484 484 GLN GLN A . n 
A 1 80 PHE 80 485 485 PHE PHE A . n 
A 1 81 LYS 81 486 486 LYS LYS A . n 
A 1 82 ASN 82 487 487 ASN ASN A . n 
A 1 83 GLU 83 488 488 GLU GLU A . n 
A 1 84 GLN 84 489 489 GLN GLN A . n 
A 1 85 VAL 85 490 490 VAL VAL A . n 
A 1 86 MET 86 491 491 MET MET A . n 
A 1 87 TYR 87 492 492 TYR TYR A . n 
A 1 88 ARG 88 493 493 ARG ARG A . n 
A 1 89 PHE 89 494 494 PHE PHE A . n 
A 1 90 ARG 90 495 495 ARG ARG A . n 
A 1 91 TYR 91 496 496 TYR TYR A . n 
A 1 92 ASP 92 497 497 ASP ASP A . n 
A 1 93 ASP 93 498 ?   ?   ?   A . n 
A 1 94 GLY 94 499 ?   ?   ?   A . n 
# 
loop_
_pdbx_nonpoly_scheme.asym_id 
_pdbx_nonpoly_scheme.entity_id 
_pdbx_nonpoly_scheme.mon_id 
_pdbx_nonpoly_scheme.ndb_seq_num 
_pdbx_nonpoly_scheme.pdb_seq_num 
_pdbx_nonpoly_scheme.auth_seq_num 
_pdbx_nonpoly_scheme.pdb_mon_id 
_pdbx_nonpoly_scheme.auth_mon_id 
_pdbx_nonpoly_scheme.pdb_strand_id 
_pdbx_nonpoly_scheme.pdb_ins_code 
B 2 HOH 1 501 4 HOH HOH A . 
B 2 HOH 2 502 1 HOH HOH A . 
B 2 HOH 3 503 3 HOH HOH A . 
B 2 HOH 4 504 2 HOH HOH A . 
# 
_pdbx_struct_assembly.id                   1 
_pdbx_struct_assembly.details              software_defined_assembly 
_pdbx_struct_assembly.method_details       PISA 
_pdbx_struct_assembly.oligomeric_details   hexameric 
_pdbx_struct_assembly.oligomeric_count     6 
# 
_pdbx_struct_assembly_gen.assembly_id       1 
_pdbx_struct_assembly_gen.oper_expression   1,2,3,4,5,6 
_pdbx_struct_assembly_gen.asym_id_list      A,B 
# 
loop_
_pdbx_struct_assembly_prop.biol_id 
_pdbx_struct_assembly_prop.type 
_pdbx_struct_assembly_prop.value 
_pdbx_struct_assembly_prop.details 
1 'ABSA (A^2)' 28530 ? 
1 MORE         -187  ? 
1 'SSA (A^2)'  27970 ? 
# 
loop_
_pdbx_struct_oper_list.id 
_pdbx_struct_oper_list.type 
_pdbx_struct_oper_list.name 
_pdbx_struct_oper_list.symmetry_operation 
_pdbx_struct_oper_list.matrix[1][1] 
_pdbx_struct_oper_list.matrix[1][2] 
_pdbx_struct_oper_list.matrix[1][3] 
_pdbx_struct_oper_list.vector[1] 
_pdbx_struct_oper_list.matrix[2][1] 
_pdbx_struct_oper_list.matrix[2][2] 
_pdbx_struct_oper_list.matrix[2][3] 
_pdbx_struct_oper_list.vector[2] 
_pdbx_struct_oper_list.matrix[3][1] 
_pdbx_struct_oper_list.matrix[3][2] 
_pdbx_struct_oper_list.matrix[3][3] 
_pdbx_struct_oper_list.vector[3] 
1 'identity operation'         1_555  x,y,z           1.0000000000  0.0000000000  0.0000000000  0.0000000000 0.0000000000  1.0000000000  0.0000000000  0.0000000000  0.0000000000  0.0000000000  1.0000000000  0.0000000000   
2 'crystal symmetry operation' 2_545  -y,x-y-1,z      0.7616957054  -0.1043563086 0.6394758895  4.9683875429 -0.6217345636 -0.3955358347 0.6760159287  11.8524971598 0.1823891028  -0.9125026928 -0.3661598707 -4.7832630510  
3 'crystal symmetry operation' 3_655  -x+y+1,-x,z     0.7616957054  -0.6217345636 0.1823891028  4.4571227513 -0.1043563086 -0.3955358347 -0.9125026928 0.8418295287  0.6394758895  0.6760159287  -0.3661598707 -12.9410798979 
4 'crystal symmetry operation' 10_554 -y,-x,-z-1/2    -0.7079602716 0.6077967491  -0.3596878723 3.4232894002 0.6077967491  0.2649542250  -0.7485869157 -4.0145047976 -0.3596878723 -0.7485869157 -0.5569939534 -4.0042119018  
5 'crystal symmetry operation' 11_654 -x+y+1,y,-z-1/2 -0.9827416934 0.1616908782  0.0898600242  8.8302593582 0.1616908782  0.5148612606  0.8418871315  5.7263223323  0.0898600242  0.8418871315  -0.5321195672 -11.9996563421 
6 'crystal symmetry operation' 12_544 x,x-y-1,-z-1/2  -0.8326894458 -0.0433967551 -0.5520371442 5.4342343111 -0.0433967551 -0.9887438162 0.1431865482  8.6050892972  -0.5520371442 0.1431865482  0.8214332620  0.9705357828 
# 
loop_
_pdbx_audit_revision_history.ordinal 
_pdbx_audit_revision_history.data_content_type 
_pdbx_audit_revision_history.major_revision 
_pdbx_audit_revision_history.minor_revision 
_pdbx_audit_revision_history.revision_date 
1 'Structure model' 1 0 2020-07-22 
2 'Structure model' 1 1 2021-02-03 
3 'Structure model' 1 2 2023-10-11 
# 
_pdbx_audit_revision_details.ordinal             1 
_pdbx_audit_revision_details.revision_ordinal    1 
_pdbx_audit_revision_details.data_content_type   'Structure model' 
_pdbx_audit_revision_details.provider            repository 
_pdbx_audit_revision_details.type                'Initial release' 
_pdbx_audit_revision_details.description         ? 
_pdbx_audit_revision_details.details             ? 
# 
loop_
_pdbx_audit_revision_group.ordinal 
_pdbx_audit_revision_group.revision_ordinal 
_pdbx_audit_revision_group.data_content_type 
_pdbx_audit_revision_group.group 
1 2 'Structure model' 'Database references'    
2 3 'Structure model' 'Data collection'        
3 3 'Structure model' 'Database references'    
4 3 'Structure model' 'Refinement description' 
# 
loop_
_pdbx_audit_revision_category.ordinal 
_pdbx_audit_revision_category.revision_ordinal 
_pdbx_audit_revision_category.data_content_type 
_pdbx_audit_revision_category.category 
1 2 'Structure model' citation                      
2 2 'Structure model' citation_author               
3 3 'Structure model' chem_comp_atom                
4 3 'Structure model' chem_comp_bond                
5 3 'Structure model' database_2                    
6 3 'Structure model' pdbx_initial_refinement_model 
# 
loop_
_pdbx_audit_revision_item.ordinal 
_pdbx_audit_revision_item.revision_ordinal 
_pdbx_audit_revision_item.data_content_type 
_pdbx_audit_revision_item.item 
1  2 'Structure model' '_citation.country'                   
2  2 'Structure model' '_citation.journal_abbrev'            
3  2 'Structure model' '_citation.journal_id_ASTM'           
4  2 'Structure model' '_citation.journal_id_CSD'            
5  2 'Structure model' '_citation.journal_id_ISSN'           
6  2 'Structure model' '_citation.journal_volume'            
7  2 'Structure model' '_citation.page_first'                
8  2 'Structure model' '_citation.page_last'                 
9  2 'Structure model' '_citation.pdbx_database_id_DOI'      
10 2 'Structure model' '_citation.pdbx_database_id_PubMed'   
11 2 'Structure model' '_citation.title'                     
12 2 'Structure model' '_citation.year'                      
13 3 'Structure model' '_database_2.pdbx_DOI'                
14 3 'Structure model' '_database_2.pdbx_database_accession' 
# 
_pdbx_refine_tls.id               1 
_pdbx_refine_tls.pdbx_refine_id   'X-RAY DIFFRACTION' 
_pdbx_refine_tls.details          ? 
_pdbx_refine_tls.method           refined 
_pdbx_refine_tls.origin_x         0.7984 
_pdbx_refine_tls.origin_y         -0.9854 
_pdbx_refine_tls.origin_z         0.1673 
_pdbx_refine_tls.T[1][1]          0.0428 
_pdbx_refine_tls.T[1][1]_esd      ? 
_pdbx_refine_tls.T[1][2]          0.0491 
_pdbx_refine_tls.T[1][2]_esd      ? 
_pdbx_refine_tls.T[1][3]          -0.0427 
_pdbx_refine_tls.T[1][3]_esd      ? 
_pdbx_refine_tls.T[2][2]          0.2987 
_pdbx_refine_tls.T[2][2]_esd      ? 
_pdbx_refine_tls.T[2][3]          0.0526 
_pdbx_refine_tls.T[2][3]_esd      ? 
_pdbx_refine_tls.T[3][3]          0.1166 
_pdbx_refine_tls.T[3][3]_esd      ? 
_pdbx_refine_tls.L[1][1]          4.2171 
_pdbx_refine_tls.L[1][1]_esd      ? 
_pdbx_refine_tls.L[1][2]          -1.2872 
_pdbx_refine_tls.L[1][2]_esd      ? 
_pdbx_refine_tls.L[1][3]          -1.1004 
_pdbx_refine_tls.L[1][3]_esd      ? 
_pdbx_refine_tls.L[2][2]          3.6871 
_pdbx_refine_tls.L[2][2]_esd      ? 
_pdbx_refine_tls.L[2][3]          1.4104 
_pdbx_refine_tls.L[2][3]_esd      ? 
_pdbx_refine_tls.L[3][3]          2.5194 
_pdbx_refine_tls.L[3][3]_esd      ? 
_pdbx_refine_tls.S[1][1]          0.2173 
_pdbx_refine_tls.S[1][1]_esd      ? 
_pdbx_refine_tls.S[1][2]          -0.2044 
_pdbx_refine_tls.S[1][2]_esd      ? 
_pdbx_refine_tls.S[1][3]          -0.4085 
_pdbx_refine_tls.S[1][3]_esd      ? 
_pdbx_refine_tls.S[2][1]          0.0114 
_pdbx_refine_tls.S[2][1]_esd      ? 
_pdbx_refine_tls.S[2][2]          -0.1315 
_pdbx_refine_tls.S[2][2]_esd      ? 
_pdbx_refine_tls.S[2][3]          0.1252 
_pdbx_refine_tls.S[2][3]_esd      ? 
_pdbx_refine_tls.S[3][1]          0.0606 
_pdbx_refine_tls.S[3][1]_esd      ? 
_pdbx_refine_tls.S[3][2]          -0.1942 
_pdbx_refine_tls.S[3][2]_esd      ? 
_pdbx_refine_tls.S[3][3]          -0.0858 
_pdbx_refine_tls.S[3][3]_esd      ? 
# 
loop_
_pdbx_refine_tls_group.id 
_pdbx_refine_tls_group.pdbx_refine_id 
_pdbx_refine_tls_group.refine_tls_id 
_pdbx_refine_tls_group.beg_label_asym_id 
_pdbx_refine_tls_group.beg_label_seq_id 
_pdbx_refine_tls_group.beg_auth_asym_id 
_pdbx_refine_tls_group.beg_auth_seq_id 
_pdbx_refine_tls_group.end_label_asym_id 
_pdbx_refine_tls_group.end_label_seq_id 
_pdbx_refine_tls_group.end_auth_asym_id 
_pdbx_refine_tls_group.end_auth_seq_id 
_pdbx_refine_tls_group.selection 
_pdbx_refine_tls_group.selection_details 
1 'X-RAY DIFFRACTION' 1 ? ? A 407 ? ? A 497 ? ? 
2 'X-RAY DIFFRACTION' 1 ? ? B 1   ? ? B 4   ? ? 
# 
loop_
_software.citation_id 
_software.classification 
_software.compiler_name 
_software.compiler_version 
_software.contact_author 
_software.contact_author_email 
_software.date 
_software.description 
_software.dependencies 
_software.hardware 
_software.language 
_software.location 
_software.mods 
_software.name 
_software.os 
_software.os_version 
_software.type 
_software.version 
_software.pdbx_ordinal 
? refinement        ? ? ? ? ? ? ? ? ? ? ? REFMAC      ? ? ? 5.8.0258 1 
? 'data extraction' ? ? ? ? ? ? ? ? ? ? ? PDB_EXTRACT ? ? ? 3.25     2 
? 'data reduction'  ? ? ? ? ? ? ? ? ? ? ? HKL-2000    ? ? ? .        3 
? 'data scaling'    ? ? ? ? ? ? ? ? ? ? ? HKL-2000    ? ? ? .        4 
? phasing           ? ? ? ? ? ? ? ? ? ? ? MOLREP      ? ? ? .        5 
# 
loop_
_pdbx_validate_torsion.id 
_pdbx_validate_torsion.PDB_model_num 
_pdbx_validate_torsion.auth_comp_id 
_pdbx_validate_torsion.auth_asym_id 
_pdbx_validate_torsion.auth_seq_id 
_pdbx_validate_torsion.PDB_ins_code 
_pdbx_validate_torsion.label_alt_id 
_pdbx_validate_torsion.phi 
_pdbx_validate_torsion.psi 
1 1 ASN A 422 ? ? -38.63 124.38  
2 1 PRO A 439 ? ? -69.93 -167.44 
3 1 LYS A 440 ? ? -51.48 108.40  
4 1 GLN A 489 ? ? -61.93 72.52   
5 1 TYR A 496 ? ? -43.40 7.07    
# 
_pdbx_validate_peptide_omega.id               1 
_pdbx_validate_peptide_omega.PDB_model_num    1 
_pdbx_validate_peptide_omega.auth_comp_id_1   HIS 
_pdbx_validate_peptide_omega.auth_asym_id_1   A 
_pdbx_validate_peptide_omega.auth_seq_id_1    483 
_pdbx_validate_peptide_omega.PDB_ins_code_1   ? 
_pdbx_validate_peptide_omega.label_alt_id_1   ? 
_pdbx_validate_peptide_omega.auth_comp_id_2   GLN 
_pdbx_validate_peptide_omega.auth_asym_id_2   A 
_pdbx_validate_peptide_omega.auth_seq_id_2    484 
_pdbx_validate_peptide_omega.PDB_ins_code_2   ? 
_pdbx_validate_peptide_omega.label_alt_id_2   ? 
_pdbx_validate_peptide_omega.omega            -149.13 
# 
loop_
_pdbx_unobs_or_zero_occ_residues.id 
_pdbx_unobs_or_zero_occ_residues.PDB_model_num 
_pdbx_unobs_or_zero_occ_residues.polymer_flag 
_pdbx_unobs_or_zero_occ_residues.occupancy_flag 
_pdbx_unobs_or_zero_occ_residues.auth_asym_id 
_pdbx_unobs_or_zero_occ_residues.auth_comp_id 
_pdbx_unobs_or_zero_occ_residues.auth_seq_id 
_pdbx_unobs_or_zero_occ_residues.PDB_ins_code 
_pdbx_unobs_or_zero_occ_residues.label_asym_id 
_pdbx_unobs_or_zero_occ_residues.label_comp_id 
_pdbx_unobs_or_zero_occ_residues.label_seq_id 
1 1 Y 1 A SER 406 ? A SER 1  
2 1 Y 1 A ASP 498 ? A ASP 93 
3 1 Y 1 A GLY 499 ? A GLY 94 
# 
loop_
_chem_comp_atom.comp_id 
_chem_comp_atom.atom_id 
_chem_comp_atom.type_symbol 
_chem_comp_atom.pdbx_aromatic_flag 
_chem_comp_atom.pdbx_stereo_config 
_chem_comp_atom.pdbx_ordinal 
ALA N    N N N 1   
ALA CA   C N S 2   
ALA C    C N N 3   
ALA O    O N N 4   
ALA CB   C N N 5   
ALA OXT  O N N 6   
ALA H    H N N 7   
ALA H2   H N N 8   
ALA HA   H N N 9   
ALA HB1  H N N 10  
ALA HB2  H N N 11  
ALA HB3  H N N 12  
ALA HXT  H N N 13  
ARG N    N N N 14  
ARG CA   C N S 15  
ARG C    C N N 16  
ARG O    O N N 17  
ARG CB   C N N 18  
ARG CG   C N N 19  
ARG CD   C N N 20  
ARG NE   N N N 21  
ARG CZ   C N N 22  
ARG NH1  N N N 23  
ARG NH2  N N N 24  
ARG OXT  O N N 25  
ARG H    H N N 26  
ARG H2   H N N 27  
ARG HA   H N N 28  
ARG HB2  H N N 29  
ARG HB3  H N N 30  
ARG HG2  H N N 31  
ARG HG3  H N N 32  
ARG HD2  H N N 33  
ARG HD3  H N N 34  
ARG HE   H N N 35  
ARG HH11 H N N 36  
ARG HH12 H N N 37  
ARG HH21 H N N 38  
ARG HH22 H N N 39  
ARG HXT  H N N 40  
ASN N    N N N 41  
ASN CA   C N S 42  
ASN C    C N N 43  
ASN O    O N N 44  
ASN CB   C N N 45  
ASN CG   C N N 46  
ASN OD1  O N N 47  
ASN ND2  N N N 48  
ASN OXT  O N N 49  
ASN H    H N N 50  
ASN H2   H N N 51  
ASN HA   H N N 52  
ASN HB2  H N N 53  
ASN HB3  H N N 54  
ASN HD21 H N N 55  
ASN HD22 H N N 56  
ASN HXT  H N N 57  
ASP N    N N N 58  
ASP CA   C N S 59  
ASP C    C N N 60  
ASP O    O N N 61  
ASP CB   C N N 62  
ASP CG   C N N 63  
ASP OD1  O N N 64  
ASP OD2  O N N 65  
ASP OXT  O N N 66  
ASP H    H N N 67  
ASP H2   H N N 68  
ASP HA   H N N 69  
ASP HB2  H N N 70  
ASP HB3  H N N 71  
ASP HD2  H N N 72  
ASP HXT  H N N 73  
CYS N    N N N 74  
CYS CA   C N R 75  
CYS C    C N N 76  
CYS O    O N N 77  
CYS CB   C N N 78  
CYS SG   S N N 79  
CYS OXT  O N N 80  
CYS H    H N N 81  
CYS H2   H N N 82  
CYS HA   H N N 83  
CYS HB2  H N N 84  
CYS HB3  H N N 85  
CYS HG   H N N 86  
CYS HXT  H N N 87  
GLN N    N N N 88  
GLN CA   C N S 89  
GLN C    C N N 90  
GLN O    O N N 91  
GLN CB   C N N 92  
GLN CG   C N N 93  
GLN CD   C N N 94  
GLN OE1  O N N 95  
GLN NE2  N N N 96  
GLN OXT  O N N 97  
GLN H    H N N 98  
GLN H2   H N N 99  
GLN HA   H N N 100 
GLN HB2  H N N 101 
GLN HB3  H N N 102 
GLN HG2  H N N 103 
GLN HG3  H N N 104 
GLN HE21 H N N 105 
GLN HE22 H N N 106 
GLN HXT  H N N 107 
GLU N    N N N 108 
GLU CA   C N S 109 
GLU C    C N N 110 
GLU O    O N N 111 
GLU CB   C N N 112 
GLU CG   C N N 113 
GLU CD   C N N 114 
GLU OE1  O N N 115 
GLU OE2  O N N 116 
GLU OXT  O N N 117 
GLU H    H N N 118 
GLU H2   H N N 119 
GLU HA   H N N 120 
GLU HB2  H N N 121 
GLU HB3  H N N 122 
GLU HG2  H N N 123 
GLU HG3  H N N 124 
GLU HE2  H N N 125 
GLU HXT  H N N 126 
GLY N    N N N 127 
GLY CA   C N N 128 
GLY C    C N N 129 
GLY O    O N N 130 
GLY OXT  O N N 131 
GLY H    H N N 132 
GLY H2   H N N 133 
GLY HA2  H N N 134 
GLY HA3  H N N 135 
GLY HXT  H N N 136 
HIS N    N N N 137 
HIS CA   C N S 138 
HIS C    C N N 139 
HIS O    O N N 140 
HIS CB   C N N 141 
HIS CG   C Y N 142 
HIS ND1  N Y N 143 
HIS CD2  C Y N 144 
HIS CE1  C Y N 145 
HIS NE2  N Y N 146 
HIS OXT  O N N 147 
HIS H    H N N 148 
HIS H2   H N N 149 
HIS HA   H N N 150 
HIS HB2  H N N 151 
HIS HB3  H N N 152 
HIS HD1  H N N 153 
HIS HD2  H N N 154 
HIS HE1  H N N 155 
HIS HE2  H N N 156 
HIS HXT  H N N 157 
HOH O    O N N 158 
HOH H1   H N N 159 
HOH H2   H N N 160 
ILE N    N N N 161 
ILE CA   C N S 162 
ILE C    C N N 163 
ILE O    O N N 164 
ILE CB   C N S 165 
ILE CG1  C N N 166 
ILE CG2  C N N 167 
ILE CD1  C N N 168 
ILE OXT  O N N 169 
ILE H    H N N 170 
ILE H2   H N N 171 
ILE HA   H N N 172 
ILE HB   H N N 173 
ILE HG12 H N N 174 
ILE HG13 H N N 175 
ILE HG21 H N N 176 
ILE HG22 H N N 177 
ILE HG23 H N N 178 
ILE HD11 H N N 179 
ILE HD12 H N N 180 
ILE HD13 H N N 181 
ILE HXT  H N N 182 
LEU N    N N N 183 
LEU CA   C N S 184 
LEU C    C N N 185 
LEU O    O N N 186 
LEU CB   C N N 187 
LEU CG   C N N 188 
LEU CD1  C N N 189 
LEU CD2  C N N 190 
LEU OXT  O N N 191 
LEU H    H N N 192 
LEU H2   H N N 193 
LEU HA   H N N 194 
LEU HB2  H N N 195 
LEU HB3  H N N 196 
LEU HG   H N N 197 
LEU HD11 H N N 198 
LEU HD12 H N N 199 
LEU HD13 H N N 200 
LEU HD21 H N N 201 
LEU HD22 H N N 202 
LEU HD23 H N N 203 
LEU HXT  H N N 204 
LYS N    N N N 205 
LYS CA   C N S 206 
LYS C    C N N 207 
LYS O    O N N 208 
LYS CB   C N N 209 
LYS CG   C N N 210 
LYS CD   C N N 211 
LYS CE   C N N 212 
LYS NZ   N N N 213 
LYS OXT  O N N 214 
LYS H    H N N 215 
LYS H2   H N N 216 
LYS HA   H N N 217 
LYS HB2  H N N 218 
LYS HB3  H N N 219 
LYS HG2  H N N 220 
LYS HG3  H N N 221 
LYS HD2  H N N 222 
LYS HD3  H N N 223 
LYS HE2  H N N 224 
LYS HE3  H N N 225 
LYS HZ1  H N N 226 
LYS HZ2  H N N 227 
LYS HZ3  H N N 228 
LYS HXT  H N N 229 
MET N    N N N 230 
MET CA   C N S 231 
MET C    C N N 232 
MET O    O N N 233 
MET CB   C N N 234 
MET CG   C N N 235 
MET SD   S N N 236 
MET CE   C N N 237 
MET OXT  O N N 238 
MET H    H N N 239 
MET H2   H N N 240 
MET HA   H N N 241 
MET HB2  H N N 242 
MET HB3  H N N 243 
MET HG2  H N N 244 
MET HG3  H N N 245 
MET HE1  H N N 246 
MET HE2  H N N 247 
MET HE3  H N N 248 
MET HXT  H N N 249 
PHE N    N N N 250 
PHE CA   C N S 251 
PHE C    C N N 252 
PHE O    O N N 253 
PHE CB   C N N 254 
PHE CG   C Y N 255 
PHE CD1  C Y N 256 
PHE CD2  C Y N 257 
PHE CE1  C Y N 258 
PHE CE2  C Y N 259 
PHE CZ   C Y N 260 
PHE OXT  O N N 261 
PHE H    H N N 262 
PHE H2   H N N 263 
PHE HA   H N N 264 
PHE HB2  H N N 265 
PHE HB3  H N N 266 
PHE HD1  H N N 267 
PHE HD2  H N N 268 
PHE HE1  H N N 269 
PHE HE2  H N N 270 
PHE HZ   H N N 271 
PHE HXT  H N N 272 
PRO N    N N N 273 
PRO CA   C N S 274 
PRO C    C N N 275 
PRO O    O N N 276 
PRO CB   C N N 277 
PRO CG   C N N 278 
PRO CD   C N N 279 
PRO OXT  O N N 280 
PRO H    H N N 281 
PRO HA   H N N 282 
PRO HB2  H N N 283 
PRO HB3  H N N 284 
PRO HG2  H N N 285 
PRO HG3  H N N 286 
PRO HD2  H N N 287 
PRO HD3  H N N 288 
PRO HXT  H N N 289 
SER N    N N N 290 
SER CA   C N S 291 
SER C    C N N 292 
SER O    O N N 293 
SER CB   C N N 294 
SER OG   O N N 295 
SER OXT  O N N 296 
SER H    H N N 297 
SER H2   H N N 298 
SER HA   H N N 299 
SER HB2  H N N 300 
SER HB3  H N N 301 
SER HG   H N N 302 
SER HXT  H N N 303 
THR N    N N N 304 
THR CA   C N S 305 
THR C    C N N 306 
THR O    O N N 307 
THR CB   C N R 308 
THR OG1  O N N 309 
THR CG2  C N N 310 
THR OXT  O N N 311 
THR H    H N N 312 
THR H2   H N N 313 
THR HA   H N N 314 
THR HB   H N N 315 
THR HG1  H N N 316 
THR HG21 H N N 317 
THR HG22 H N N 318 
THR HG23 H N N 319 
THR HXT  H N N 320 
TRP N    N N N 321 
TRP CA   C N S 322 
TRP C    C N N 323 
TRP O    O N N 324 
TRP CB   C N N 325 
TRP CG   C Y N 326 
TRP CD1  C Y N 327 
TRP CD2  C Y N 328 
TRP NE1  N Y N 329 
TRP CE2  C Y N 330 
TRP CE3  C Y N 331 
TRP CZ2  C Y N 332 
TRP CZ3  C Y N 333 
TRP CH2  C Y N 334 
TRP OXT  O N N 335 
TRP H    H N N 336 
TRP H2   H N N 337 
TRP HA   H N N 338 
TRP HB2  H N N 339 
TRP HB3  H N N 340 
TRP HD1  H N N 341 
TRP HE1  H N N 342 
TRP HE3  H N N 343 
TRP HZ2  H N N 344 
TRP HZ3  H N N 345 
TRP HH2  H N N 346 
TRP HXT  H N N 347 
TYR N    N N N 348 
TYR CA   C N S 349 
TYR C    C N N 350 
TYR O    O N N 351 
TYR CB   C N N 352 
TYR CG   C Y N 353 
TYR CD1  C Y N 354 
TYR CD2  C Y N 355 
TYR CE1  C Y N 356 
TYR CE2  C Y N 357 
TYR CZ   C Y N 358 
TYR OH   O N N 359 
TYR OXT  O N N 360 
TYR H    H N N 361 
TYR H2   H N N 362 
TYR HA   H N N 363 
TYR HB2  H N N 364 
TYR HB3  H N N 365 
TYR HD1  H N N 366 
TYR HD2  H N N 367 
TYR HE1  H N N 368 
TYR HE2  H N N 369 
TYR HH   H N N 370 
TYR HXT  H N N 371 
VAL N    N N N 372 
VAL CA   C N S 373 
VAL C    C N N 374 
VAL O    O N N 375 
VAL CB   C N N 376 
VAL CG1  C N N 377 
VAL CG2  C N N 378 
VAL OXT  O N N 379 
VAL H    H N N 380 
VAL H2   H N N 381 
VAL HA   H N N 382 
VAL HB   H N N 383 
VAL HG11 H N N 384 
VAL HG12 H N N 385 
VAL HG13 H N N 386 
VAL HG21 H N N 387 
VAL HG22 H N N 388 
VAL HG23 H N N 389 
VAL HXT  H N N 390 
# 
loop_
_chem_comp_bond.comp_id 
_chem_comp_bond.atom_id_1 
_chem_comp_bond.atom_id_2 
_chem_comp_bond.value_order 
_chem_comp_bond.pdbx_aromatic_flag 
_chem_comp_bond.pdbx_stereo_config 
_chem_comp_bond.pdbx_ordinal 
ALA N   CA   sing N N 1   
ALA N   H    sing N N 2   
ALA N   H2   sing N N 3   
ALA CA  C    sing N N 4   
ALA CA  CB   sing N N 5   
ALA CA  HA   sing N N 6   
ALA C   O    doub N N 7   
ALA C   OXT  sing N N 8   
ALA CB  HB1  sing N N 9   
ALA CB  HB2  sing N N 10  
ALA CB  HB3  sing N N 11  
ALA OXT HXT  sing N N 12  
ARG N   CA   sing N N 13  
ARG N   H    sing N N 14  
ARG N   H2   sing N N 15  
ARG CA  C    sing N N 16  
ARG CA  CB   sing N N 17  
ARG CA  HA   sing N N 18  
ARG C   O    doub N N 19  
ARG C   OXT  sing N N 20  
ARG CB  CG   sing N N 21  
ARG CB  HB2  sing N N 22  
ARG CB  HB3  sing N N 23  
ARG CG  CD   sing N N 24  
ARG CG  HG2  sing N N 25  
ARG CG  HG3  sing N N 26  
ARG CD  NE   sing N N 27  
ARG CD  HD2  sing N N 28  
ARG CD  HD3  sing N N 29  
ARG NE  CZ   sing N N 30  
ARG NE  HE   sing N N 31  
ARG CZ  NH1  sing N N 32  
ARG CZ  NH2  doub N N 33  
ARG NH1 HH11 sing N N 34  
ARG NH1 HH12 sing N N 35  
ARG NH2 HH21 sing N N 36  
ARG NH2 HH22 sing N N 37  
ARG OXT HXT  sing N N 38  
ASN N   CA   sing N N 39  
ASN N   H    sing N N 40  
ASN N   H2   sing N N 41  
ASN CA  C    sing N N 42  
ASN CA  CB   sing N N 43  
ASN CA  HA   sing N N 44  
ASN C   O    doub N N 45  
ASN C   OXT  sing N N 46  
ASN CB  CG   sing N N 47  
ASN CB  HB2  sing N N 48  
ASN CB  HB3  sing N N 49  
ASN CG  OD1  doub N N 50  
ASN CG  ND2  sing N N 51  
ASN ND2 HD21 sing N N 52  
ASN ND2 HD22 sing N N 53  
ASN OXT HXT  sing N N 54  
ASP N   CA   sing N N 55  
ASP N   H    sing N N 56  
ASP N   H2   sing N N 57  
ASP CA  C    sing N N 58  
ASP CA  CB   sing N N 59  
ASP CA  HA   sing N N 60  
ASP C   O    doub N N 61  
ASP C   OXT  sing N N 62  
ASP CB  CG   sing N N 63  
ASP CB  HB2  sing N N 64  
ASP CB  HB3  sing N N 65  
ASP CG  OD1  doub N N 66  
ASP CG  OD2  sing N N 67  
ASP OD2 HD2  sing N N 68  
ASP OXT HXT  sing N N 69  
CYS N   CA   sing N N 70  
CYS N   H    sing N N 71  
CYS N   H2   sing N N 72  
CYS CA  C    sing N N 73  
CYS CA  CB   sing N N 74  
CYS CA  HA   sing N N 75  
CYS C   O    doub N N 76  
CYS C   OXT  sing N N 77  
CYS CB  SG   sing N N 78  
CYS CB  HB2  sing N N 79  
CYS CB  HB3  sing N N 80  
CYS SG  HG   sing N N 81  
CYS OXT HXT  sing N N 82  
GLN N   CA   sing N N 83  
GLN N   H    sing N N 84  
GLN N   H2   sing N N 85  
GLN CA  C    sing N N 86  
GLN CA  CB   sing N N 87  
GLN CA  HA   sing N N 88  
GLN C   O    doub N N 89  
GLN C   OXT  sing N N 90  
GLN CB  CG   sing N N 91  
GLN CB  HB2  sing N N 92  
GLN CB  HB3  sing N N 93  
GLN CG  CD   sing N N 94  
GLN CG  HG2  sing N N 95  
GLN CG  HG3  sing N N 96  
GLN CD  OE1  doub N N 97  
GLN CD  NE2  sing N N 98  
GLN NE2 HE21 sing N N 99  
GLN NE2 HE22 sing N N 100 
GLN OXT HXT  sing N N 101 
GLU N   CA   sing N N 102 
GLU N   H    sing N N 103 
GLU N   H2   sing N N 104 
GLU CA  C    sing N N 105 
GLU CA  CB   sing N N 106 
GLU CA  HA   sing N N 107 
GLU C   O    doub N N 108 
GLU C   OXT  sing N N 109 
GLU CB  CG   sing N N 110 
GLU CB  HB2  sing N N 111 
GLU CB  HB3  sing N N 112 
GLU CG  CD   sing N N 113 
GLU CG  HG2  sing N N 114 
GLU CG  HG3  sing N N 115 
GLU CD  OE1  doub N N 116 
GLU CD  OE2  sing N N 117 
GLU OE2 HE2  sing N N 118 
GLU OXT HXT  sing N N 119 
GLY N   CA   sing N N 120 
GLY N   H    sing N N 121 
GLY N   H2   sing N N 122 
GLY CA  C    sing N N 123 
GLY CA  HA2  sing N N 124 
GLY CA  HA3  sing N N 125 
GLY C   O    doub N N 126 
GLY C   OXT  sing N N 127 
GLY OXT HXT  sing N N 128 
HIS N   CA   sing N N 129 
HIS N   H    sing N N 130 
HIS N   H2   sing N N 131 
HIS CA  C    sing N N 132 
HIS CA  CB   sing N N 133 
HIS CA  HA   sing N N 134 
HIS C   O    doub N N 135 
HIS C   OXT  sing N N 136 
HIS CB  CG   sing N N 137 
HIS CB  HB2  sing N N 138 
HIS CB  HB3  sing N N 139 
HIS CG  ND1  sing Y N 140 
HIS CG  CD2  doub Y N 141 
HIS ND1 CE1  doub Y N 142 
HIS ND1 HD1  sing N N 143 
HIS CD2 NE2  sing Y N 144 
HIS CD2 HD2  sing N N 145 
HIS CE1 NE2  sing Y N 146 
HIS CE1 HE1  sing N N 147 
HIS NE2 HE2  sing N N 148 
HIS OXT HXT  sing N N 149 
HOH O   H1   sing N N 150 
HOH O   H2   sing N N 151 
ILE N   CA   sing N N 152 
ILE N   H    sing N N 153 
ILE N   H2   sing N N 154 
ILE CA  C    sing N N 155 
ILE CA  CB   sing N N 156 
ILE CA  HA   sing N N 157 
ILE C   O    doub N N 158 
ILE C   OXT  sing N N 159 
ILE CB  CG1  sing N N 160 
ILE CB  CG2  sing N N 161 
ILE CB  HB   sing N N 162 
ILE CG1 CD1  sing N N 163 
ILE CG1 HG12 sing N N 164 
ILE CG1 HG13 sing N N 165 
ILE CG2 HG21 sing N N 166 
ILE CG2 HG22 sing N N 167 
ILE CG2 HG23 sing N N 168 
ILE CD1 HD11 sing N N 169 
ILE CD1 HD12 sing N N 170 
ILE CD1 HD13 sing N N 171 
ILE OXT HXT  sing N N 172 
LEU N   CA   sing N N 173 
LEU N   H    sing N N 174 
LEU N   H2   sing N N 175 
LEU CA  C    sing N N 176 
LEU CA  CB   sing N N 177 
LEU CA  HA   sing N N 178 
LEU C   O    doub N N 179 
LEU C   OXT  sing N N 180 
LEU CB  CG   sing N N 181 
LEU CB  HB2  sing N N 182 
LEU CB  HB3  sing N N 183 
LEU CG  CD1  sing N N 184 
LEU CG  CD2  sing N N 185 
LEU CG  HG   sing N N 186 
LEU CD1 HD11 sing N N 187 
LEU CD1 HD12 sing N N 188 
LEU CD1 HD13 sing N N 189 
LEU CD2 HD21 sing N N 190 
LEU CD2 HD22 sing N N 191 
LEU CD2 HD23 sing N N 192 
LEU OXT HXT  sing N N 193 
LYS N   CA   sing N N 194 
LYS N   H    sing N N 195 
LYS N   H2   sing N N 196 
LYS CA  C    sing N N 197 
LYS CA  CB   sing N N 198 
LYS CA  HA   sing N N 199 
LYS C   O    doub N N 200 
LYS C   OXT  sing N N 201 
LYS CB  CG   sing N N 202 
LYS CB  HB2  sing N N 203 
LYS CB  HB3  sing N N 204 
LYS CG  CD   sing N N 205 
LYS CG  HG2  sing N N 206 
LYS CG  HG3  sing N N 207 
LYS CD  CE   sing N N 208 
LYS CD  HD2  sing N N 209 
LYS CD  HD3  sing N N 210 
LYS CE  NZ   sing N N 211 
LYS CE  HE2  sing N N 212 
LYS CE  HE3  sing N N 213 
LYS NZ  HZ1  sing N N 214 
LYS NZ  HZ2  sing N N 215 
LYS NZ  HZ3  sing N N 216 
LYS OXT HXT  sing N N 217 
MET N   CA   sing N N 218 
MET N   H    sing N N 219 
MET N   H2   sing N N 220 
MET CA  C    sing N N 221 
MET CA  CB   sing N N 222 
MET CA  HA   sing N N 223 
MET C   O    doub N N 224 
MET C   OXT  sing N N 225 
MET CB  CG   sing N N 226 
MET CB  HB2  sing N N 227 
MET CB  HB3  sing N N 228 
MET CG  SD   sing N N 229 
MET CG  HG2  sing N N 230 
MET CG  HG3  sing N N 231 
MET SD  CE   sing N N 232 
MET CE  HE1  sing N N 233 
MET CE  HE2  sing N N 234 
MET CE  HE3  sing N N 235 
MET OXT HXT  sing N N 236 
PHE N   CA   sing N N 237 
PHE N   H    sing N N 238 
PHE N   H2   sing N N 239 
PHE CA  C    sing N N 240 
PHE CA  CB   sing N N 241 
PHE CA  HA   sing N N 242 
PHE C   O    doub N N 243 
PHE C   OXT  sing N N 244 
PHE CB  CG   sing N N 245 
PHE CB  HB2  sing N N 246 
PHE CB  HB3  sing N N 247 
PHE CG  CD1  doub Y N 248 
PHE CG  CD2  sing Y N 249 
PHE CD1 CE1  sing Y N 250 
PHE CD1 HD1  sing N N 251 
PHE CD2 CE2  doub Y N 252 
PHE CD2 HD2  sing N N 253 
PHE CE1 CZ   doub Y N 254 
PHE CE1 HE1  sing N N 255 
PHE CE2 CZ   sing Y N 256 
PHE CE2 HE2  sing N N 257 
PHE CZ  HZ   sing N N 258 
PHE OXT HXT  sing N N 259 
PRO N   CA   sing N N 260 
PRO N   CD   sing N N 261 
PRO N   H    sing N N 262 
PRO CA  C    sing N N 263 
PRO CA  CB   sing N N 264 
PRO CA  HA   sing N N 265 
PRO C   O    doub N N 266 
PRO C   OXT  sing N N 267 
PRO CB  CG   sing N N 268 
PRO CB  HB2  sing N N 269 
PRO CB  HB3  sing N N 270 
PRO CG  CD   sing N N 271 
PRO CG  HG2  sing N N 272 
PRO CG  HG3  sing N N 273 
PRO CD  HD2  sing N N 274 
PRO CD  HD3  sing N N 275 
PRO OXT HXT  sing N N 276 
SER N   CA   sing N N 277 
SER N   H    sing N N 278 
SER N   H2   sing N N 279 
SER CA  C    sing N N 280 
SER CA  CB   sing N N 281 
SER CA  HA   sing N N 282 
SER C   O    doub N N 283 
SER C   OXT  sing N N 284 
SER CB  OG   sing N N 285 
SER CB  HB2  sing N N 286 
SER CB  HB3  sing N N 287 
SER OG  HG   sing N N 288 
SER OXT HXT  sing N N 289 
THR N   CA   sing N N 290 
THR N   H    sing N N 291 
THR N   H2   sing N N 292 
THR CA  C    sing N N 293 
THR CA  CB   sing N N 294 
THR CA  HA   sing N N 295 
THR C   O    doub N N 296 
THR C   OXT  sing N N 297 
THR CB  OG1  sing N N 298 
THR CB  CG2  sing N N 299 
THR CB  HB   sing N N 300 
THR OG1 HG1  sing N N 301 
THR CG2 HG21 sing N N 302 
THR CG2 HG22 sing N N 303 
THR CG2 HG23 sing N N 304 
THR OXT HXT  sing N N 305 
TRP N   CA   sing N N 306 
TRP N   H    sing N N 307 
TRP N   H2   sing N N 308 
TRP CA  C    sing N N 309 
TRP CA  CB   sing N N 310 
TRP CA  HA   sing N N 311 
TRP C   O    doub N N 312 
TRP C   OXT  sing N N 313 
TRP CB  CG   sing N N 314 
TRP CB  HB2  sing N N 315 
TRP CB  HB3  sing N N 316 
TRP CG  CD1  doub Y N 317 
TRP CG  CD2  sing Y N 318 
TRP CD1 NE1  sing Y N 319 
TRP CD1 HD1  sing N N 320 
TRP CD2 CE2  doub Y N 321 
TRP CD2 CE3  sing Y N 322 
TRP NE1 CE2  sing Y N 323 
TRP NE1 HE1  sing N N 324 
TRP CE2 CZ2  sing Y N 325 
TRP CE3 CZ3  doub Y N 326 
TRP CE3 HE3  sing N N 327 
TRP CZ2 CH2  doub Y N 328 
TRP CZ2 HZ2  sing N N 329 
TRP CZ3 CH2  sing Y N 330 
TRP CZ3 HZ3  sing N N 331 
TRP CH2 HH2  sing N N 332 
TRP OXT HXT  sing N N 333 
TYR N   CA   sing N N 334 
TYR N   H    sing N N 335 
TYR N   H2   sing N N 336 
TYR CA  C    sing N N 337 
TYR CA  CB   sing N N 338 
TYR CA  HA   sing N N 339 
TYR C   O    doub N N 340 
TYR C   OXT  sing N N 341 
TYR CB  CG   sing N N 342 
TYR CB  HB2  sing N N 343 
TYR CB  HB3  sing N N 344 
TYR CG  CD1  doub Y N 345 
TYR CG  CD2  sing Y N 346 
TYR CD1 CE1  sing Y N 347 
TYR CD1 HD1  sing N N 348 
TYR CD2 CE2  doub Y N 349 
TYR CD2 HD2  sing N N 350 
TYR CE1 CZ   doub Y N 351 
TYR CE1 HE1  sing N N 352 
TYR CE2 CZ   sing Y N 353 
TYR CE2 HE2  sing N N 354 
TYR CZ  OH   sing N N 355 
TYR OH  HH   sing N N 356 
TYR OXT HXT  sing N N 357 
VAL N   CA   sing N N 358 
VAL N   H    sing N N 359 
VAL N   H2   sing N N 360 
VAL CA  C    sing N N 361 
VAL CA  CB   sing N N 362 
VAL CA  HA   sing N N 363 
VAL C   O    doub N N 364 
VAL C   OXT  sing N N 365 
VAL CB  CG1  sing N N 366 
VAL CB  CG2  sing N N 367 
VAL CB  HB   sing N N 368 
VAL CG1 HG11 sing N N 369 
VAL CG1 HG12 sing N N 370 
VAL CG1 HG13 sing N N 371 
VAL CG2 HG21 sing N N 372 
VAL CG2 HG22 sing N N 373 
VAL CG2 HG23 sing N N 374 
VAL OXT HXT  sing N N 375 
# 
loop_
_pdbx_audit_support.funding_organization 
_pdbx_audit_support.country 
_pdbx_audit_support.grant_number 
_pdbx_audit_support.ordinal 
'National Institutes of Health/National Cancer Institute (NIH/NCI)'                   'United States' 'R01 CA221289' 1 
'National Institutes of Health/National Heart, Lung, and Blood Institute (NIH/NHLBI)' 'United States' 'R01 HL122416' 2 
'National Institutes of Health/National Heart, Lung, and Blood Institute (NIH/NHLBI)' 'United States' 'R01 HL071818' 3 
# 
_pdbx_entity_nonpoly.entity_id   2 
_pdbx_entity_nonpoly.name        water 
_pdbx_entity_nonpoly.comp_id     HOH 
# 
_pdbx_initial_refinement_model.id               1 
_pdbx_initial_refinement_model.entity_id_list   ? 
_pdbx_initial_refinement_model.type             'experimental model' 
_pdbx_initial_refinement_model.source_name      PDB 
_pdbx_initial_refinement_model.accession_code   1O7F 
_pdbx_initial_refinement_model.details          'PDB entry 1O7F' 
# 
_pdbx_struct_assembly_auth_evidence.id                     1 
_pdbx_struct_assembly_auth_evidence.assembly_id            1 
_pdbx_struct_assembly_auth_evidence.experimental_support   'gel filtration' 
_pdbx_struct_assembly_auth_evidence.details                ? 
# 
